data_1IKT
# 
_entry.id   1IKT 
# 
_audit_conform.dict_name       mmcif_pdbx.dic 
_audit_conform.dict_version    5.376 
_audit_conform.dict_location   http://mmcif.pdb.org/dictionaries/ascii/mmcif_pdbx.dic 
# 
loop_
_database_2.database_id 
_database_2.database_code 
_database_2.pdbx_database_accession 
_database_2.pdbx_DOI 
PDB   1IKT         pdb_00001ikt 10.2210/pdb1ikt/pdb 
RCSB  RCSB013373   ?            ?                   
WWPDB D_1000013373 ?            ?                   
# 
_pdbx_database_status.status_code                     REL 
_pdbx_database_status.entry_id                        1IKT 
_pdbx_database_status.recvd_initial_deposition_date   2001-05-07 
_pdbx_database_status.deposit_site                    RCSB 
_pdbx_database_status.process_site                    RCSB 
_pdbx_database_status.status_code_sf                  REL 
_pdbx_database_status.SG_entry                        . 
_pdbx_database_status.pdb_format_compatible           Y 
_pdbx_database_status.status_code_mr                  ? 
_pdbx_database_status.status_code_cs                  ? 
_pdbx_database_status.status_code_nmr_data            ? 
_pdbx_database_status.methods_development_category    ? 
# 
loop_
_audit_author.name 
_audit_author.pdbx_ordinal 
'Haapalainen, A.M.'  1 
'van Aalten, D.M.F.' 2 
'Glumoff, T.'        3 
# 
_citation.id                        primary 
_citation.title                     
'Crystal structure of the liganded SCP-2-like domain of human peroxisomal multifunctional enzyme type 2 at 1.75 A resolution.' 
_citation.journal_abbrev            J.Mol.Biol. 
_citation.journal_volume            313 
_citation.page_first                1127 
_citation.page_last                 1138 
_citation.year                      2001 
_citation.journal_id_ASTM           JMOBAK 
_citation.country                   UK 
_citation.journal_id_ISSN           0022-2836 
_citation.journal_id_CSD            0070 
_citation.book_publisher            ? 
_citation.pdbx_database_id_PubMed   11700068 
_citation.pdbx_database_id_DOI      10.1006/jmbi.2001.5084 
# 
loop_
_citation_author.citation_id 
_citation_author.name 
_citation_author.ordinal 
_citation_author.identifier_ORCID 
primary 'Haapalainen, A.M.' 1 ? 
primary 'van Aalten, D.M.'  2 ? 
primary 'Merilainen, G.'    3 ? 
primary 'Jalonen, J.E.'     4 ? 
primary 'Pirila, P.'        5 ? 
primary 'Wierenga, R.K.'    6 ? 
primary 'Hiltunen, J.K.'    7 ? 
primary 'Glumoff, T.'       8 ? 
# 
_cell.entry_id           1IKT 
_cell.length_a           35.474 
_cell.length_b           50.028 
_cell.length_c           62.725 
_cell.angle_alpha        90.00 
_cell.angle_beta         90.00 
_cell.angle_gamma        90.00 
_cell.Z_PDB              4 
_cell.pdbx_unique_axis   ? 
# 
_symmetry.entry_id                         1IKT 
_symmetry.space_group_name_H-M             'P 21 21 21' 
_symmetry.pdbx_full_space_group_name_H-M   ? 
_symmetry.cell_setting                     ? 
_symmetry.Int_Tables_number                19 
# 
loop_
_entity.id 
_entity.type 
_entity.src_method 
_entity.pdbx_description 
_entity.formula_weight 
_entity.pdbx_number_of_molecules 
_entity.pdbx_ec 
_entity.pdbx_mutation 
_entity.pdbx_fragment 
_entity.details 
1 polymer     man 'ESTRADIOL 17 BETA-DEHYDROGENASE 4' 13264.468 1   1.1.1.62 ? 'C-terminal domain, Residues 618-736' ? 
2 non-polymer syn 'SULFATE ION'                       96.063    2   ?        ? ?                                     ? 
3 non-polymer syn OXTOXYNOL-10                        646.849   1   ?        ? ?                                     ? 
4 water       nat water                               18.015    126 ?        ? ?                                     ? 
# 
_entity_name_com.entity_id   1 
_entity_name_com.name        'HUMAN MULTIFUNCTIONAL ENZYME TYPE 2, MFE-2' 
# 
_entity_poly.entity_id                      1 
_entity_poly.type                           'polypeptide(L)' 
_entity_poly.nstd_linkage                   no 
_entity_poly.nstd_monomer                   no 
_entity_poly.pdbx_seq_one_letter_code       
;MEGGKLQSTFVFEEIGRRLKDIGPEVVKKVNAVFEWHITKGGNIGAKWTIDLKSGSGKVYQGPAKGAADTTIILSDEDFM
EVVLGKLDPQKAFFSGRLKARGNIMLSQKLQMILKDYAKL
;
_entity_poly.pdbx_seq_one_letter_code_can   
;MEGGKLQSTFVFEEIGRRLKDIGPEVVKKVNAVFEWHITKGGNIGAKWTIDLKSGSGKVYQGPAKGAADTTIILSDEDFM
EVVLGKLDPQKAFFSGRLKARGNIMLSQKLQMILKDYAKL
;
_entity_poly.pdbx_strand_id                 A 
_entity_poly.pdbx_target_identifier         ? 
# 
loop_
_entity_poly_seq.entity_id 
_entity_poly_seq.num 
_entity_poly_seq.mon_id 
_entity_poly_seq.hetero 
1 1   MET n 
1 2   GLU n 
1 3   GLY n 
1 4   GLY n 
1 5   LYS n 
1 6   LEU n 
1 7   GLN n 
1 8   SER n 
1 9   THR n 
1 10  PHE n 
1 11  VAL n 
1 12  PHE n 
1 13  GLU n 
1 14  GLU n 
1 15  ILE n 
1 16  GLY n 
1 17  ARG n 
1 18  ARG n 
1 19  LEU n 
1 20  LYS n 
1 21  ASP n 
1 22  ILE n 
1 23  GLY n 
1 24  PRO n 
1 25  GLU n 
1 26  VAL n 
1 27  VAL n 
1 28  LYS n 
1 29  LYS n 
1 30  VAL n 
1 31  ASN n 
1 32  ALA n 
1 33  VAL n 
1 34  PHE n 
1 35  GLU n 
1 36  TRP n 
1 37  HIS n 
1 38  ILE n 
1 39  THR n 
1 40  LYS n 
1 41  GLY n 
1 42  GLY n 
1 43  ASN n 
1 44  ILE n 
1 45  GLY n 
1 46  ALA n 
1 47  LYS n 
1 48  TRP n 
1 49  THR n 
1 50  ILE n 
1 51  ASP n 
1 52  LEU n 
1 53  LYS n 
1 54  SER n 
1 55  GLY n 
1 56  SER n 
1 57  GLY n 
1 58  LYS n 
1 59  VAL n 
1 60  TYR n 
1 61  GLN n 
1 62  GLY n 
1 63  PRO n 
1 64  ALA n 
1 65  LYS n 
1 66  GLY n 
1 67  ALA n 
1 68  ALA n 
1 69  ASP n 
1 70  THR n 
1 71  THR n 
1 72  ILE n 
1 73  ILE n 
1 74  LEU n 
1 75  SER n 
1 76  ASP n 
1 77  GLU n 
1 78  ASP n 
1 79  PHE n 
1 80  MET n 
1 81  GLU n 
1 82  VAL n 
1 83  VAL n 
1 84  LEU n 
1 85  GLY n 
1 86  LYS n 
1 87  LEU n 
1 88  ASP n 
1 89  PRO n 
1 90  GLN n 
1 91  LYS n 
1 92  ALA n 
1 93  PHE n 
1 94  PHE n 
1 95  SER n 
1 96  GLY n 
1 97  ARG n 
1 98  LEU n 
1 99  LYS n 
1 100 ALA n 
1 101 ARG n 
1 102 GLY n 
1 103 ASN n 
1 104 ILE n 
1 105 MET n 
1 106 LEU n 
1 107 SER n 
1 108 GLN n 
1 109 LYS n 
1 110 LEU n 
1 111 GLN n 
1 112 MET n 
1 113 ILE n 
1 114 LEU n 
1 115 LYS n 
1 116 ASP n 
1 117 TYR n 
1 118 ALA n 
1 119 LYS n 
1 120 LEU n 
# 
_entity_src_gen.entity_id                          1 
_entity_src_gen.pdbx_src_id                        1 
_entity_src_gen.pdbx_alt_source_flag               sample 
_entity_src_gen.pdbx_seq_type                      ? 
_entity_src_gen.pdbx_beg_seq_num                   ? 
_entity_src_gen.pdbx_end_seq_num                   ? 
_entity_src_gen.gene_src_common_name               human 
_entity_src_gen.gene_src_genus                     Homo 
_entity_src_gen.pdbx_gene_src_gene                 HSD17B4 
_entity_src_gen.gene_src_species                   ? 
_entity_src_gen.gene_src_strain                    ? 
_entity_src_gen.gene_src_tissue                    ? 
_entity_src_gen.gene_src_tissue_fraction           ? 
_entity_src_gen.gene_src_details                   ? 
_entity_src_gen.pdbx_gene_src_fragment             ? 
_entity_src_gen.pdbx_gene_src_scientific_name      'Homo sapiens' 
_entity_src_gen.pdbx_gene_src_ncbi_taxonomy_id     9606 
_entity_src_gen.pdbx_gene_src_variant              ? 
_entity_src_gen.pdbx_gene_src_cell_line            ? 
_entity_src_gen.pdbx_gene_src_atcc                 ? 
_entity_src_gen.pdbx_gene_src_organ                ? 
_entity_src_gen.pdbx_gene_src_organelle            ? 
_entity_src_gen.pdbx_gene_src_cell                 ? 
_entity_src_gen.pdbx_gene_src_cellular_location    ? 
_entity_src_gen.host_org_common_name               ? 
_entity_src_gen.pdbx_host_org_scientific_name      'Escherichia coli' 
_entity_src_gen.pdbx_host_org_ncbi_taxonomy_id     562 
_entity_src_gen.host_org_genus                     Escherichia 
_entity_src_gen.pdbx_host_org_gene                 ? 
_entity_src_gen.pdbx_host_org_organ                ? 
_entity_src_gen.host_org_species                   ? 
_entity_src_gen.pdbx_host_org_tissue               ? 
_entity_src_gen.pdbx_host_org_tissue_fraction      ? 
_entity_src_gen.pdbx_host_org_strain               'BL21 (DE3) pLysS' 
_entity_src_gen.pdbx_host_org_variant              ? 
_entity_src_gen.pdbx_host_org_cell_line            ? 
_entity_src_gen.pdbx_host_org_atcc                 ? 
_entity_src_gen.pdbx_host_org_culture_collection   ? 
_entity_src_gen.pdbx_host_org_cell                 ? 
_entity_src_gen.pdbx_host_org_organelle            ? 
_entity_src_gen.pdbx_host_org_cellular_location    ? 
_entity_src_gen.pdbx_host_org_vector_type          plasmid 
_entity_src_gen.pdbx_host_org_vector               ? 
_entity_src_gen.host_org_details                   ? 
_entity_src_gen.expression_system_id               ? 
_entity_src_gen.plasmid_name                       pET3D 
_entity_src_gen.plasmid_details                    ? 
_entity_src_gen.pdbx_description                   ? 
# 
_struct_ref.id                         1 
_struct_ref.db_name                    UNP 
_struct_ref.db_code                    DHB4_HUMAN 
_struct_ref.entity_id                  1 
_struct_ref.pdbx_seq_one_letter_code   
;EGGKLQSTFVFEEIGRRLKDIGPEVVKKVNAVFEWHITKGGNIGAKWTIDLKSGSGKVYQGPAKGAADTTIILSDEDFME
VVLGKLDPQKAFFSGRLKARGNIMLSQKLQMILKDYAKL
;
_struct_ref.pdbx_align_begin           618 
_struct_ref.pdbx_db_accession          P51659 
_struct_ref.pdbx_db_isoform            ? 
# 
_struct_ref_seq.align_id                      1 
_struct_ref_seq.ref_id                        1 
_struct_ref_seq.pdbx_PDB_id_code              1IKT 
_struct_ref_seq.pdbx_strand_id                A 
_struct_ref_seq.seq_align_beg                 2 
_struct_ref_seq.pdbx_seq_align_beg_ins_code   ? 
_struct_ref_seq.seq_align_end                 120 
_struct_ref_seq.pdbx_seq_align_end_ins_code   ? 
_struct_ref_seq.pdbx_db_accession             P51659 
_struct_ref_seq.db_align_beg                  618 
_struct_ref_seq.pdbx_db_align_beg_ins_code    ? 
_struct_ref_seq.db_align_end                  736 
_struct_ref_seq.pdbx_db_align_end_ins_code    ? 
_struct_ref_seq.pdbx_auth_seq_align_beg       2 
_struct_ref_seq.pdbx_auth_seq_align_end       120 
# 
_struct_ref_seq_dif.align_id                     1 
_struct_ref_seq_dif.pdbx_pdb_id_code             1IKT 
_struct_ref_seq_dif.mon_id                       MET 
_struct_ref_seq_dif.pdbx_pdb_strand_id           A 
_struct_ref_seq_dif.seq_num                      1 
_struct_ref_seq_dif.pdbx_pdb_ins_code            ? 
_struct_ref_seq_dif.pdbx_seq_db_name             UNP 
_struct_ref_seq_dif.pdbx_seq_db_accession_code   P51659 
_struct_ref_seq_dif.db_mon_id                    ? 
_struct_ref_seq_dif.pdbx_seq_db_seq_num          ? 
_struct_ref_seq_dif.details                      'cloning artifact' 
_struct_ref_seq_dif.pdbx_auth_seq_num            1 
_struct_ref_seq_dif.pdbx_ordinal                 1 
# 
loop_
_chem_comp.id 
_chem_comp.type 
_chem_comp.mon_nstd_flag 
_chem_comp.name 
_chem_comp.pdbx_synonyms 
_chem_comp.formula 
_chem_comp.formula_weight 
ALA 'L-peptide linking' y ALANINE         ? 'C3 H7 N O2'     89.093  
ARG 'L-peptide linking' y ARGININE        ? 'C6 H15 N4 O2 1' 175.209 
ASN 'L-peptide linking' y ASPARAGINE      ? 'C4 H8 N2 O3'    132.118 
ASP 'L-peptide linking' y 'ASPARTIC ACID' ? 'C4 H7 N O4'     133.103 
GLN 'L-peptide linking' y GLUTAMINE       ? 'C5 H10 N2 O3'   146.144 
GLU 'L-peptide linking' y 'GLUTAMIC ACID' ? 'C5 H9 N O4'     147.129 
GLY 'peptide linking'   y GLYCINE         ? 'C2 H5 N O2'     75.067  
HIS 'L-peptide linking' y HISTIDINE       ? 'C6 H10 N3 O2 1' 156.162 
HOH non-polymer         . WATER           ? 'H2 O'           18.015  
ILE 'L-peptide linking' y ISOLEUCINE      ? 'C6 H13 N O2'    131.173 
LEU 'L-peptide linking' y LEUCINE         ? 'C6 H13 N O2'    131.173 
LYS 'L-peptide linking' y LYSINE          ? 'C6 H15 N2 O2 1' 147.195 
MET 'L-peptide linking' y METHIONINE      ? 'C5 H11 N O2 S'  149.211 
OXN non-polymer         . OXTOXYNOL-10    
'ALPHA-[4-(1,1,3,3-TETRAMETHYLBUTYL)PHENYL]-OMEGA-HYDROXYPOLY(OXY-1,2-ETHANEDIYL); TRITON X-100' 'C34 H62 O11'    646.849 
PHE 'L-peptide linking' y PHENYLALANINE   ? 'C9 H11 N O2'    165.189 
PRO 'L-peptide linking' y PROLINE         ? 'C5 H9 N O2'     115.130 
SER 'L-peptide linking' y SERINE          ? 'C3 H7 N O3'     105.093 
SO4 non-polymer         . 'SULFATE ION'   ? 'O4 S -2'        96.063  
THR 'L-peptide linking' y THREONINE       ? 'C4 H9 N O3'     119.119 
TRP 'L-peptide linking' y TRYPTOPHAN      ? 'C11 H12 N2 O2'  204.225 
TYR 'L-peptide linking' y TYROSINE        ? 'C9 H11 N O3'    181.189 
VAL 'L-peptide linking' y VALINE          ? 'C5 H11 N O2'    117.146 
# 
_exptl.entry_id          1IKT 
_exptl.method            'X-RAY DIFFRACTION' 
_exptl.crystals_number   1 
# 
_exptl_crystal.id                    1 
_exptl_crystal.density_meas          ? 
_exptl_crystal.density_Matthews      2.10 
_exptl_crystal.density_percent_sol   41 
_exptl_crystal.description           ? 
# 
_exptl_crystal_grow.crystal_id      1 
_exptl_crystal_grow.method          'VAPOR DIFFUSION, HANGING DROP' 
_exptl_crystal_grow.temp            277 
_exptl_crystal_grow.temp_details    ? 
_exptl_crystal_grow.pH              5.6 
_exptl_crystal_grow.pdbx_details    
'ammonium sulfate, sodium chloride, Triton X-100, pH 5.6, VAPOR DIFFUSION, HANGING DROP, temperature 277K' 
_exptl_crystal_grow.pdbx_pH_range   . 
# 
_diffrn.id                     1 
_diffrn.ambient_temp           100 
_diffrn.ambient_temp_details   ? 
_diffrn.crystal_id             1 
# 
_diffrn_detector.diffrn_id              1 
_diffrn_detector.detector               CCD 
_diffrn_detector.type                   MARRESEARCH 
_diffrn_detector.pdbx_collection_date   2000-09-16 
_diffrn_detector.details                
;Premirror, 
Bent mirror monochromator
;
# 
_diffrn_radiation.diffrn_id                        1 
_diffrn_radiation.wavelength_id                    1 
_diffrn_radiation.pdbx_monochromatic_or_laue_m_l   M 
_diffrn_radiation.monochromator                    'Double crystal focussing monochromator' 
_diffrn_radiation.pdbx_diffrn_protocol             'SINGLE WAVELENGTH' 
_diffrn_radiation.pdbx_scattering_type             x-ray 
# 
_diffrn_radiation_wavelength.id           1 
_diffrn_radiation_wavelength.wavelength   0.9785 
_diffrn_radiation_wavelength.wt           1.0 
# 
_diffrn_source.diffrn_id                   1 
_diffrn_source.source                      SYNCHROTRON 
_diffrn_source.type                        'EMBL/DESY, HAMBURG BEAMLINE BW7A' 
_diffrn_source.pdbx_synchrotron_site       'EMBL/DESY, HAMBURG' 
_diffrn_source.pdbx_synchrotron_beamline   BW7A 
_diffrn_source.pdbx_wavelength             ? 
_diffrn_source.pdbx_wavelength_list        0.9785 
# 
_reflns.entry_id                     1IKT 
_reflns.observed_criterion_sigma_I   0 
_reflns.observed_criterion_sigma_F   0 
_reflns.d_resolution_low             20.0 
_reflns.d_resolution_high            1.75 
_reflns.number_obs                   11659 
_reflns.number_all                   11659 
_reflns.percent_possible_obs         98.3 
_reflns.pdbx_Rmerge_I_obs            0.0310000 
_reflns.pdbx_Rsym_value              0.0310000 
_reflns.pdbx_netI_over_sigmaI        27.7 
_reflns.B_iso_Wilson_estimate        26 
_reflns.pdbx_redundancy              3.6 
_reflns.R_free_details               ? 
_reflns.limit_h_max                  ? 
_reflns.limit_h_min                  ? 
_reflns.limit_k_max                  ? 
_reflns.limit_k_min                  ? 
_reflns.limit_l_max                  ? 
_reflns.limit_l_min                  ? 
_reflns.observed_criterion_F_max     ? 
_reflns.observed_criterion_F_min     ? 
_reflns.pdbx_diffrn_id               1 
_reflns.pdbx_ordinal                 1 
# 
_reflns_shell.d_res_high             1.75 
_reflns_shell.d_res_low              1.81 
_reflns_shell.percent_possible_all   97.1 
_reflns_shell.Rmerge_I_obs           0.2590000 
_reflns_shell.pdbx_Rsym_value        0.2590000 
_reflns_shell.meanI_over_sigI_obs    3.4 
_reflns_shell.pdbx_redundancy        ? 
_reflns_shell.percent_possible_obs   ? 
_reflns_shell.number_unique_all      1132 
_reflns_shell.pdbx_diffrn_id         ? 
_reflns_shell.pdbx_ordinal           1 
# 
_refine.entry_id                                 1IKT 
_refine.ls_number_reflns_obs                     11554 
_refine.ls_number_reflns_all                     11554 
_refine.pdbx_ls_sigma_I                          0 
_refine.pdbx_ls_sigma_F                          0 
_refine.pdbx_data_cutoff_high_absF               ? 
_refine.pdbx_data_cutoff_low_absF                ? 
_refine.ls_d_res_low                             18.0 
_refine.ls_d_res_high                            1.75 
_refine.ls_percent_reflns_obs                    ? 
_refine.ls_R_factor_obs                          ? 
_refine.ls_R_factor_all                          ? 
_refine.ls_R_factor_R_work                       0.1920000 
_refine.ls_R_factor_R_free                       0.2140000 
_refine.ls_R_factor_R_free_error                 ? 
_refine.ls_R_factor_R_free_error_details         ? 
_refine.ls_percent_reflns_R_free                 4.2 
_refine.ls_number_reflns_R_free                  495 
_refine.ls_number_parameters                     ? 
_refine.ls_number_restraints                     ? 
_refine.occupancy_min                            ? 
_refine.occupancy_max                            ? 
_refine.B_iso_mean                               30.3 
_refine.aniso_B[1][1]                            ? 
_refine.aniso_B[2][2]                            ? 
_refine.aniso_B[3][3]                            ? 
_refine.aniso_B[1][2]                            ? 
_refine.aniso_B[1][3]                            ? 
_refine.aniso_B[2][3]                            ? 
_refine.solvent_model_details                    ? 
_refine.solvent_model_param_ksol                 ? 
_refine.solvent_model_param_bsol                 ? 
_refine.pdbx_ls_cross_valid_method               R-free 
_refine.details                                  ? 
_refine.pdbx_starting_model                      'PDB entry 1C44' 
_refine.pdbx_method_to_determine_struct          'MOLECULAR REPLACEMENT' 
_refine.pdbx_isotropic_thermal_model             isotropic 
_refine.pdbx_stereochemistry_target_values       'Engh & Huber' 
_refine.pdbx_stereochem_target_val_spec_case     ? 
_refine.pdbx_R_Free_selection_details            random 
_refine.pdbx_overall_ESU_R_Free                  ? 
_refine.overall_SU_B                             ? 
_refine.ls_redundancy_reflns_obs                 ? 
_refine.B_iso_min                                ? 
_refine.B_iso_max                                ? 
_refine.correlation_coeff_Fo_to_Fc               ? 
_refine.correlation_coeff_Fo_to_Fc_free          ? 
_refine.overall_SU_R_Cruickshank_DPI             ? 
_refine.overall_SU_R_free                        ? 
_refine.overall_SU_ML                            ? 
_refine.pdbx_overall_ESU_R                       ? 
_refine.pdbx_data_cutoff_high_rms_absF           ? 
_refine.pdbx_refine_id                           'X-RAY DIFFRACTION' 
_refine.pdbx_diffrn_id                           1 
_refine.pdbx_TLS_residual_ADP_flag               ? 
_refine.pdbx_solvent_vdw_probe_radii             ? 
_refine.pdbx_solvent_ion_probe_radii             ? 
_refine.pdbx_solvent_shrinkage_radii             ? 
_refine.pdbx_overall_phase_error                 ? 
_refine.pdbx_overall_SU_R_free_Cruickshank_DPI   ? 
_refine.pdbx_overall_SU_R_Blow_DPI               ? 
_refine.pdbx_overall_SU_R_free_Blow_DPI          ? 
# 
_refine_hist.pdbx_refine_id                   'X-RAY DIFFRACTION' 
_refine_hist.cycle_id                         LAST 
_refine_hist.pdbx_number_atoms_protein        898 
_refine_hist.pdbx_number_atoms_nucleic_acid   0 
_refine_hist.pdbx_number_atoms_ligand         35 
_refine_hist.number_atoms_solvent             126 
_refine_hist.number_atoms_total               1059 
_refine_hist.d_res_high                       1.75 
_refine_hist.d_res_low                        18.0 
# 
loop_
_refine_ls_restr.type 
_refine_ls_restr.dev_ideal 
_refine_ls_restr.dev_ideal_target 
_refine_ls_restr.weight 
_refine_ls_restr.number 
_refine_ls_restr.pdbx_refine_id 
_refine_ls_restr.pdbx_restraint_function 
c_bond_d    0.010 ? ? ? 'X-RAY DIFFRACTION' ? 
c_angle_deg 1.509 ? ? ? 'X-RAY DIFFRACTION' ? 
c_mcbond_it 1.507 ? ? ? 'X-RAY DIFFRACTION' ? 
c_scbond_it 2.087 ? ? ? 'X-RAY DIFFRACTION' ? 
# 
_refine_ls_shell.pdbx_total_number_of_bins_used   9 
_refine_ls_shell.d_res_high                       1.75 
_refine_ls_shell.d_res_low                        1.82 
_refine_ls_shell.number_reflns_R_work             1196 
_refine_ls_shell.R_factor_R_work                  0.2250000 
_refine_ls_shell.percent_reflns_obs               95.2 
_refine_ls_shell.R_factor_R_free                  0.2780000 
_refine_ls_shell.R_factor_R_free_error            ? 
_refine_ls_shell.percent_reflns_R_free            4.7 
_refine_ls_shell.number_reflns_R_free             60 
_refine_ls_shell.number_reflns_obs                ? 
_refine_ls_shell.redundancy_reflns_obs            ? 
_refine_ls_shell.number_reflns_all                ? 
_refine_ls_shell.pdbx_refine_id                   'X-RAY DIFFRACTION' 
_refine_ls_shell.R_factor_all                     ? 
# 
_struct.entry_id                  1IKT 
_struct.title                     
'LIGANDED STEROL CARRIER PROTEIN TYPE 2 (SCP-2) LIKE DOMAIN OF HUMAN MULTIFUNCTIONAL ENZYME TYPE 2 (MFE-2)' 
_struct.pdbx_model_details        ? 
_struct.pdbx_CASP_flag            ? 
_struct.pdbx_model_type_details   ? 
# 
_struct_keywords.entry_id        1IKT 
_struct_keywords.pdbx_keywords   OXIDOREDUCTASE 
_struct_keywords.text            
;alfa-beta fold, protein-Triton X-100 complex, hydrophobic tunnel, exposed peroxisomal targeting signal type 1 (PTS1), OXIDOREDUCTASE
;
# 
loop_
_struct_asym.id 
_struct_asym.pdbx_blank_PDB_chainid_flag 
_struct_asym.pdbx_modified 
_struct_asym.entity_id 
_struct_asym.details 
A N N 1 ? 
B N N 2 ? 
C N N 2 ? 
D N N 3 ? 
E N N 4 ? 
# 
_struct_biol.id                    1 
_struct_biol.pdbx_parent_biol_id   ? 
_struct_biol.details               ? 
# 
loop_
_struct_conf.conf_type_id 
_struct_conf.id 
_struct_conf.pdbx_PDB_helix_id 
_struct_conf.beg_label_comp_id 
_struct_conf.beg_label_asym_id 
_struct_conf.beg_label_seq_id 
_struct_conf.pdbx_beg_PDB_ins_code 
_struct_conf.end_label_comp_id 
_struct_conf.end_label_asym_id 
_struct_conf.end_label_seq_id 
_struct_conf.pdbx_end_PDB_ins_code 
_struct_conf.beg_auth_comp_id 
_struct_conf.beg_auth_asym_id 
_struct_conf.beg_auth_seq_id 
_struct_conf.end_auth_comp_id 
_struct_conf.end_auth_asym_id 
_struct_conf.end_auth_seq_id 
_struct_conf.pdbx_PDB_helix_class 
_struct_conf.details 
_struct_conf.pdbx_PDB_helix_length 
HELX_P HELX_P1 1 GLN A 7   ? GLY A 23  ? GLN A 7   GLY A 23  1 ? 17 
HELX_P HELX_P2 2 ILE A 22  ? ASN A 31  ? ILE A 22  ASN A 31  1 ? 10 
HELX_P HELX_P3 3 ASP A 76  ? LEU A 84  ? ASP A 76  LEU A 84  1 ? 9  
HELX_P HELX_P4 4 ASP A 88  ? SER A 95  ? ASP A 88  SER A 95  1 ? 8  
HELX_P HELX_P5 5 ASN A 103 ? ALA A 118 ? ASN A 103 ALA A 118 1 ? 16 
# 
_struct_conf_type.id          HELX_P 
_struct_conf_type.criteria    ? 
_struct_conf_type.reference   ? 
# 
_struct_sheet.id               A 
_struct_sheet.type             ? 
_struct_sheet.number_strands   5 
_struct_sheet.details          ? 
# 
loop_
_struct_sheet_order.sheet_id 
_struct_sheet_order.range_id_1 
_struct_sheet_order.range_id_2 
_struct_sheet_order.offset 
_struct_sheet_order.sense 
A 1 2 ? anti-parallel 
A 2 3 ? anti-parallel 
A 3 4 ? parallel      
A 4 5 ? anti-parallel 
# 
loop_
_struct_sheet_range.sheet_id 
_struct_sheet_range.id 
_struct_sheet_range.beg_label_comp_id 
_struct_sheet_range.beg_label_asym_id 
_struct_sheet_range.beg_label_seq_id 
_struct_sheet_range.pdbx_beg_PDB_ins_code 
_struct_sheet_range.end_label_comp_id 
_struct_sheet_range.end_label_asym_id 
_struct_sheet_range.end_label_seq_id 
_struct_sheet_range.pdbx_end_PDB_ins_code 
_struct_sheet_range.beg_auth_comp_id 
_struct_sheet_range.beg_auth_asym_id 
_struct_sheet_range.beg_auth_seq_id 
_struct_sheet_range.end_auth_comp_id 
_struct_sheet_range.end_auth_asym_id 
_struct_sheet_range.end_auth_seq_id 
A 1 LYS A 58 ? GLN A 61  ? LYS A 58 GLN A 61  
A 2 ILE A 44 ? LEU A 52  ? ILE A 44 LEU A 52  
A 3 ALA A 32 ? THR A 39  ? ALA A 32 THR A 39  
A 4 THR A 70 ? SER A 75  ? THR A 70 SER A 75  
A 5 LYS A 99 ? GLY A 102 ? LYS A 99 GLY A 102 
# 
loop_
_pdbx_struct_sheet_hbond.sheet_id 
_pdbx_struct_sheet_hbond.range_id_1 
_pdbx_struct_sheet_hbond.range_id_2 
_pdbx_struct_sheet_hbond.range_1_label_atom_id 
_pdbx_struct_sheet_hbond.range_1_label_comp_id 
_pdbx_struct_sheet_hbond.range_1_label_asym_id 
_pdbx_struct_sheet_hbond.range_1_label_seq_id 
_pdbx_struct_sheet_hbond.range_1_PDB_ins_code 
_pdbx_struct_sheet_hbond.range_1_auth_atom_id 
_pdbx_struct_sheet_hbond.range_1_auth_comp_id 
_pdbx_struct_sheet_hbond.range_1_auth_asym_id 
_pdbx_struct_sheet_hbond.range_1_auth_seq_id 
_pdbx_struct_sheet_hbond.range_2_label_atom_id 
_pdbx_struct_sheet_hbond.range_2_label_comp_id 
_pdbx_struct_sheet_hbond.range_2_label_asym_id 
_pdbx_struct_sheet_hbond.range_2_label_seq_id 
_pdbx_struct_sheet_hbond.range_2_PDB_ins_code 
_pdbx_struct_sheet_hbond.range_2_auth_atom_id 
_pdbx_struct_sheet_hbond.range_2_auth_comp_id 
_pdbx_struct_sheet_hbond.range_2_auth_asym_id 
_pdbx_struct_sheet_hbond.range_2_auth_seq_id 
A 1 2 O TYR A 60 ? O TYR A 60 N THR A 49 ? N THR A 49 
A 2 3 N LEU A 52 ? N LEU A 52 O ALA A 32 ? O ALA A 32 
A 3 4 N GLU A 35 ? N GLU A 35 O THR A 70 ? O THR A 70 
A 4 5 O ILE A 73 ? O ILE A 73 N LYS A 99 ? N LYS A 99 
# 
loop_
_struct_site.id 
_struct_site.pdbx_evidence_code 
_struct_site.pdbx_auth_asym_id 
_struct_site.pdbx_auth_comp_id 
_struct_site.pdbx_auth_seq_id 
_struct_site.pdbx_auth_ins_code 
_struct_site.pdbx_num_residues 
_struct_site.details 
AC1 Software A SO4 121 ? 4 'BINDING SITE FOR RESIDUE SO4 A 121' 
AC2 Software A SO4 122 ? 2 'BINDING SITE FOR RESIDUE SO4 A 122' 
AC3 Software A OXN 123 ? 9 'BINDING SITE FOR RESIDUE OXN A 123' 
# 
loop_
_struct_site_gen.id 
_struct_site_gen.site_id 
_struct_site_gen.pdbx_num_res 
_struct_site_gen.label_comp_id 
_struct_site_gen.label_asym_id 
_struct_site_gen.label_seq_id 
_struct_site_gen.pdbx_auth_ins_code 
_struct_site_gen.auth_comp_id 
_struct_site_gen.auth_asym_id 
_struct_site_gen.auth_seq_id 
_struct_site_gen.label_atom_id 
_struct_site_gen.label_alt_id 
_struct_site_gen.symmetry 
_struct_site_gen.details 
1  AC1 4 ARG A 101 ? ARG A 101  . ? 1_555 ? 
2  AC1 4 GLY A 102 ? GLY A 102  . ? 1_555 ? 
3  AC1 4 HOH E .   ? HOH A 1048 . ? 1_555 ? 
4  AC1 4 HOH E .   ? HOH A 1125 . ? 4_565 ? 
5  AC2 2 GLU A 14  ? GLU A 14   . ? 1_555 ? 
6  AC2 2 HOH E .   ? HOH A 1311 . ? 1_555 ? 
7  AC3 9 TRP A 36  ? TRP A 36   . ? 1_555 ? 
8  AC3 9 PRO A 89  ? PRO A 89   . ? 1_555 ? 
9  AC3 9 GLN A 90  ? GLN A 90   . ? 1_555 ? 
10 AC3 9 PHE A 93  ? PHE A 93   . ? 1_555 ? 
11 AC3 9 MET A 105 ? MET A 105  . ? 1_555 ? 
12 AC3 9 SER A 107 ? SER A 107  . ? 1_555 ? 
13 AC3 9 GLN A 108 ? GLN A 108  . ? 1_555 ? 
14 AC3 9 GLN A 111 ? GLN A 111  . ? 1_555 ? 
15 AC3 9 LEU A 114 ? LEU A 114  . ? 1_555 ? 
# 
_atom_sites.entry_id                    1IKT 
_atom_sites.fract_transf_matrix[1][1]   0.02217737 
_atom_sites.fract_transf_matrix[1][2]   0.00992916 
_atom_sites.fract_transf_matrix[1][3]   0.01429168 
_atom_sites.fract_transf_matrix[2][1]   0.00355258 
_atom_sites.fract_transf_matrix[2][2]   -0.01830456 
_atom_sites.fract_transf_matrix[2][3]   0.00720293 
_atom_sites.fract_transf_matrix[3][1]   0.00942454 
_atom_sites.fract_transf_matrix[3][2]   -0.00308258 
_atom_sites.fract_transf_matrix[3][3]   -0.01248419 
_atom_sites.fract_transf_vector[1]      0.792584 
_atom_sites.fract_transf_vector[2]      0.608172 
_atom_sites.fract_transf_vector[3]      0.169295 
# 
loop_
_atom_type.symbol 
C 
N 
O 
S 
# 
loop_
_atom_site.group_PDB 
_atom_site.id 
_atom_site.type_symbol 
_atom_site.label_atom_id 
_atom_site.label_alt_id 
_atom_site.label_comp_id 
_atom_site.label_asym_id 
_atom_site.label_entity_id 
_atom_site.label_seq_id 
_atom_site.pdbx_PDB_ins_code 
_atom_site.Cartn_x 
_atom_site.Cartn_y 
_atom_site.Cartn_z 
_atom_site.occupancy 
_atom_site.B_iso_or_equiv 
_atom_site.pdbx_formal_charge 
_atom_site.auth_seq_id 
_atom_site.auth_comp_id 
_atom_site.auth_asym_id 
_atom_site.auth_atom_id 
_atom_site.pdbx_PDB_model_num 
ATOM   1    N N   . LEU A 1 6   ? 0.537   14.814  6.389   1.00 31.74 ? 6    LEU A N   1 
ATOM   2    C CA  . LEU A 1 6   ? 1.304   13.601  5.964   1.00 29.51 ? 6    LEU A CA  1 
ATOM   3    C C   . LEU A 1 6   ? 1.586   13.596  4.471   1.00 28.73 ? 6    LEU A C   1 
ATOM   4    O O   . LEU A 1 6   ? 0.686   13.783  3.654   1.00 30.91 ? 6    LEU A O   1 
ATOM   5    C CB  . LEU A 1 6   ? 0.536   12.314  6.344   1.00 28.98 ? 6    LEU A CB  1 
ATOM   6    C CG  . LEU A 1 6   ? 0.169   12.233  7.833   1.00 30.90 ? 6    LEU A CG  1 
ATOM   7    C CD1 . LEU A 1 6   ? -0.839  11.113  8.072   1.00 31.53 ? 6    LEU A CD1 1 
ATOM   8    C CD2 . LEU A 1 6   ? 1.427   12.036  8.674   1.00 34.23 ? 6    LEU A CD2 1 
ATOM   9    N N   . GLN A 1 7   ? 2.848   13.378  4.116   1.00 26.66 ? 7    GLN A N   1 
ATOM   10   C CA  . GLN A 1 7   ? 3.262   13.327  2.714   1.00 25.37 ? 7    GLN A CA  1 
ATOM   11   C C   . GLN A 1 7   ? 2.635   12.143  1.961   1.00 24.66 ? 7    GLN A C   1 
ATOM   12   O O   . GLN A 1 7   ? 2.353   12.227  0.765   1.00 23.00 ? 7    GLN A O   1 
ATOM   13   C CB  . GLN A 1 7   ? 4.791   13.246  2.636   1.00 26.65 ? 7    GLN A CB  1 
ATOM   14   C CG  . GLN A 1 7   ? 5.477   14.570  2.986   1.00 31.61 ? 7    GLN A CG  1 
ATOM   15   C CD  . GLN A 1 7   ? 6.992   14.487  2.966   0.75 32.68 ? 7    GLN A CD  1 
ATOM   16   O OE1 . GLN A 1 7   ? 7.592   13.640  2.288   0.75 34.63 ? 7    GLN A OE1 1 
ATOM   17   N NE2 . GLN A 1 7   ? 7.628   15.393  3.699   0.75 37.94 ? 7    GLN A NE2 1 
ATOM   18   N N   . SER A 1 8   ? 2.399   11.040  2.673   1.00 21.79 ? 8    SER A N   1 
ATOM   19   C CA  . SER A 1 8   ? 1.847   9.844   2.054   1.00 23.53 ? 8    SER A CA  1 
ATOM   20   C C   . SER A 1 8   ? 0.451   10.043  1.473   1.00 21.85 ? 8    SER A C   1 
ATOM   21   O O   . SER A 1 8   ? 0.055   9.319   0.573   1.00 21.54 ? 8    SER A O   1 
ATOM   22   C CB  . SER A 1 8   ? 1.834   8.679   3.066   1.00 21.07 ? 8    SER A CB  1 
ATOM   23   O OG  . SER A 1 8   ? 1.143   9.037   4.234   1.00 20.43 ? 8    SER A OG  1 
ATOM   24   N N   . THR A 1 9   ? -0.280  11.031  1.966   1.00 21.70 ? 9    THR A N   1 
ATOM   25   C CA  . THR A 1 9   ? -1.622  11.244  1.472   1.00 23.75 ? 9    THR A CA  1 
ATOM   26   C C   . THR A 1 9   ? -1.646  11.483  -0.046  1.00 25.13 ? 9    THR A C   1 
ATOM   27   O O   . THR A 1 9   ? -2.501  10.931  -0.732  1.00 23.82 ? 9    THR A O   1 
ATOM   28   C CB  . THR A 1 9   ? -2.317  12.387  2.218   1.00 24.10 ? 9    THR A CB  1 
ATOM   29   O OG1 . THR A 1 9   ? -2.448  12.041  3.612   1.00 25.83 ? 9    THR A OG1 1 
ATOM   30   C CG2 . THR A 1 9   ? -3.678  12.661  1.599   1.00 25.34 ? 9    THR A CG2 1 
ATOM   31   N N   . PHE A 1 10  ? -0.704  12.275  -0.558  1.00 26.77 ? 10   PHE A N   1 
ATOM   32   C CA  . PHE A 1 10  ? -0.623  12.548  -2.006  1.00 27.56 ? 10   PHE A CA  1 
ATOM   33   C C   . PHE A 1 10  ? -0.476  11.235  -2.781  1.00 25.76 ? 10   PHE A C   1 
ATOM   34   O O   . PHE A 1 10  ? -0.985  11.087  -3.907  1.00 24.83 ? 10   PHE A O   1 
ATOM   35   C CB  . PHE A 1 10  ? 0.626   13.381  -2.374  1.00 31.40 ? 10   PHE A CB  1 
ATOM   36   C CG  . PHE A 1 10  ? 0.656   14.777  -1.805  1.00 35.91 ? 10   PHE A CG  1 
ATOM   37   C CD1 . PHE A 1 10  ? 1.541   15.093  -0.772  1.00 37.69 ? 10   PHE A CD1 1 
ATOM   38   C CD2 . PHE A 1 10  ? -0.156  15.788  -2.338  1.00 36.04 ? 10   PHE A CD2 1 
ATOM   39   C CE1 . PHE A 1 10  ? 1.622   16.407  -0.270  1.00 38.93 ? 10   PHE A CE1 1 
ATOM   40   C CE2 . PHE A 1 10  ? -0.082  17.097  -1.847  1.00 36.59 ? 10   PHE A CE2 1 
ATOM   41   C CZ  . PHE A 1 10  ? 0.807   17.404  -0.814  1.00 38.46 ? 10   PHE A CZ  1 
ATOM   42   N N   . VAL A 1 11  ? 0.268   10.290  -2.209  1.00 22.87 ? 11   VAL A N   1 
ATOM   43   C CA  . VAL A 1 11  ? 0.495   9.022   -2.887  1.00 21.83 ? 11   VAL A CA  1 
ATOM   44   C C   . VAL A 1 11  ? -0.753  8.138   -2.924  1.00 21.16 ? 11   VAL A C   1 
ATOM   45   O O   . VAL A 1 11  ? -1.089  7.596   -3.983  1.00 19.84 ? 11   VAL A O   1 
ATOM   46   C CB  . VAL A 1 11  ? 1.671   8.240   -2.243  1.00 23.51 ? 11   VAL A CB  1 
ATOM   47   C CG1 . VAL A 1 11  ? 1.907   6.946   -2.961  1.00 23.94 ? 11   VAL A CG1 1 
ATOM   48   C CG2 . VAL A 1 11  ? 2.946   9.101   -2.273  1.00 24.53 ? 11   VAL A CG2 1 
ATOM   49   N N   . PHE A 1 12  ? -1.440  8.001   -1.785  1.00 21.36 ? 12   PHE A N   1 
ATOM   50   C CA  . PHE A 1 12  ? -2.639  7.176   -1.735  1.00 21.86 ? 12   PHE A CA  1 
ATOM   51   C C   . PHE A 1 12  ? -3.708  7.757   -2.656  1.00 23.03 ? 12   PHE A C   1 
ATOM   52   O O   . PHE A 1 12  ? -4.414  7.008   -3.326  1.00 22.28 ? 12   PHE A O   1 
ATOM   53   C CB  . PHE A 1 12  ? -3.164  7.080   -0.297  1.00 21.87 ? 12   PHE A CB  1 
ATOM   54   C CG  . PHE A 1 12  ? -2.400  6.099   0.535   1.00 20.16 ? 12   PHE A CG  1 
ATOM   55   C CD1 . PHE A 1 12  ? -2.515  4.739   0.278   1.00 21.47 ? 12   PHE A CD1 1 
ATOM   56   C CD2 . PHE A 1 12  ? -1.483  6.542   1.505   1.00 21.26 ? 12   PHE A CD2 1 
ATOM   57   C CE1 . PHE A 1 12  ? -1.726  3.801   0.956   1.00 19.96 ? 12   PHE A CE1 1 
ATOM   58   C CE2 . PHE A 1 12  ? -0.688  5.616   2.193   1.00 18.37 ? 12   PHE A CE2 1 
ATOM   59   C CZ  . PHE A 1 12  ? -0.814  4.243   1.912   1.00 19.75 ? 12   PHE A CZ  1 
ATOM   60   N N   . GLU A 1 13  ? -3.812  9.087   -2.684  1.00 24.54 ? 13   GLU A N   1 
ATOM   61   C CA  . GLU A 1 13  ? -4.802  9.767   -3.544  1.00 23.88 ? 13   GLU A CA  1 
ATOM   62   C C   . GLU A 1 13  ? -4.490  9.511   -5.011  1.00 24.19 ? 13   GLU A C   1 
ATOM   63   O O   . GLU A 1 13  ? -5.392  9.290   -5.804  1.00 23.84 ? 13   GLU A O   1 
ATOM   64   C CB  . GLU A 1 13  ? -4.845  11.272  -3.251  1.00 23.73 ? 13   GLU A CB  1 
ATOM   65   C CG  . GLU A 1 13  ? -5.484  11.558  -1.901  1.00 28.55 ? 13   GLU A CG  1 
ATOM   66   C CD  . GLU A 1 13  ? -5.586  13.042  -1.552  1.00 29.91 ? 13   GLU A CD  1 
ATOM   67   O OE1 . GLU A 1 13  ? -4.913  13.880  -2.185  1.00 33.73 ? 13   GLU A OE1 1 
ATOM   68   O OE2 . GLU A 1 13  ? -6.334  13.357  -0.607  1.00 34.83 ? 13   GLU A OE2 1 
ATOM   69   N N   . GLU A 1 14  ? -3.205  9.500   -5.364  1.00 24.31 ? 14   GLU A N   1 
ATOM   70   C CA  . GLU A 1 14  ? -2.810  9.237   -6.740  1.00 23.24 ? 14   GLU A CA  1 
ATOM   71   C C   . GLU A 1 14  ? -3.089  7.775   -7.094  1.00 23.53 ? 14   GLU A C   1 
ATOM   72   O O   . GLU A 1 14  ? -3.510  7.474   -8.206  1.00 23.68 ? 14   GLU A O   1 
ATOM   73   C CB  . GLU A 1 14  ? -1.329  9.592   -6.915  1.00 24.41 ? 14   GLU A CB  1 
ATOM   74   C CG  . GLU A 1 14  ? -0.709  9.273   -8.278  1.00 25.06 ? 14   GLU A CG  1 
ATOM   75   C CD  . GLU A 1 14  ? -1.382  10.010  -9.420  1.00 26.20 ? 14   GLU A CD  1 
ATOM   76   O OE1 . GLU A 1 14  ? -2.022  11.040  -9.169  1.00 24.07 ? 14   GLU A OE1 1 
ATOM   77   O OE2 . GLU A 1 14  ? -1.257  9.561   -10.569 1.00 30.30 ? 14   GLU A OE2 1 
ATOM   78   N N   . ILE A 1 15  ? -2.881  6.850   -6.153  1.00 22.25 ? 15   ILE A N   1 
ATOM   79   C CA  . ILE A 1 15  ? -3.161  5.448   -6.466  1.00 22.81 ? 15   ILE A CA  1 
ATOM   80   C C   . ILE A 1 15  ? -4.657  5.346   -6.756  1.00 23.42 ? 15   ILE A C   1 
ATOM   81   O O   . ILE A 1 15  ? -5.064  4.652   -7.679  1.00 25.42 ? 15   ILE A O   1 
ATOM   82   C CB  . ILE A 1 15  ? -2.767  4.503   -5.283  1.00 22.08 ? 15   ILE A CB  1 
ATOM   83   C CG1 . ILE A 1 15  ? -1.240  4.476   -5.136  1.00 23.22 ? 15   ILE A CG1 1 
ATOM   84   C CG2 . ILE A 1 15  ? -3.270  3.083   -5.533  1.00 21.70 ? 15   ILE A CG2 1 
ATOM   85   C CD1 . ILE A 1 15  ? -0.714  3.746   -3.883  1.00 25.87 ? 15   ILE A CD1 1 
ATOM   86   N N   . GLY A 1 16  ? -5.459  6.050   -5.963  1.00 23.78 ? 16   GLY A N   1 
ATOM   87   C CA  . GLY A 1 16  ? -6.905  6.060   -6.139  1.00 26.58 ? 16   GLY A CA  1 
ATOM   88   C C   . GLY A 1 16  ? -7.275  6.568   -7.523  1.00 29.41 ? 16   GLY A C   1 
ATOM   89   O O   . GLY A 1 16  ? -8.069  5.930   -8.219  1.00 28.93 ? 16   GLY A O   1 
ATOM   90   N N   . ARG A 1 17  ? -6.713  7.712   -7.923  1.00 27.87 ? 17   ARG A N   1 
ATOM   91   C CA  . ARG A 1 17  ? -6.985  8.269   -9.255  1.00 30.65 ? 17   ARG A CA  1 
ATOM   92   C C   . ARG A 1 17  ? -6.583  7.281   -10.363 1.00 30.80 ? 17   ARG A C   1 
ATOM   93   O O   . ARG A 1 17  ? -7.305  7.122   -11.359 1.00 32.05 ? 17   ARG A O   1 
ATOM   94   C CB  . ARG A 1 17  ? -6.212  9.578   -9.496  1.00 33.23 ? 17   ARG A CB  1 
ATOM   95   C CG  . ARG A 1 17  ? -6.263  10.611  -8.399  1.00 36.93 ? 17   ARG A CG  1 
ATOM   96   C CD  . ARG A 1 17  ? -5.472  11.855  -8.817  1.00 40.06 ? 17   ARG A CD  1 
ATOM   97   N NE  . ARG A 1 17  ? -4.849  12.563  -7.687  1.00 42.92 ? 17   ARG A NE  1 
ATOM   98   C CZ  . ARG A 1 17  ? -5.515  13.148  -6.694  1.00 45.44 ? 17   ARG A CZ  1 
ATOM   99   N NH1 . ARG A 1 17  ? -6.843  13.114  -6.674  1.00 46.15 ? 17   ARG A NH1 1 
ATOM   100  N NH2 . ARG A 1 17  ? -4.858  13.790  -5.726  1.00 46.57 ? 17   ARG A NH2 1 
ATOM   101  N N   . ARG A 1 18  ? -5.437  6.618   -10.211 1.00 29.94 ? 18   ARG A N   1 
ATOM   102  C CA  . ARG A 1 18  ? -5.002  5.682   -11.245 1.00 30.30 ? 18   ARG A CA  1 
ATOM   103  C C   . ARG A 1 18  ? -5.855  4.431   -11.339 1.00 30.85 ? 18   ARG A C   1 
ATOM   104  O O   . ARG A 1 18  ? -6.074  3.924   -12.436 1.00 30.25 ? 18   ARG A O   1 
ATOM   105  C CB  . ARG A 1 18  ? -3.543  5.298   -11.064 1.00 31.36 ? 18   ARG A CB  1 
ATOM   106  C CG  . ARG A 1 18  ? -2.632  6.511   -11.117 1.00 35.49 ? 18   ARG A CG  1 
ATOM   107  C CD  . ARG A 1 18  ? -1.198  6.120   -11.319 1.00 38.25 ? 18   ARG A CD  1 
ATOM   108  N NE  . ARG A 1 18  ? -0.338  7.299   -11.432 1.00 39.86 ? 18   ARG A NE  1 
ATOM   109  C CZ  . ARG A 1 18  ? 0.807   7.319   -12.107 1.00 40.80 ? 18   ARG A CZ  1 
ATOM   110  N NH1 . ARG A 1 18  ? 1.226   6.224   -12.733 1.00 42.27 ? 18   ARG A NH1 1 
ATOM   111  N NH2 . ARG A 1 18  ? 1.537   8.429   -12.151 1.00 41.19 ? 18   ARG A NH2 1 
ATOM   112  N N   . LEU A 1 19  ? -6.352  3.938   -10.204 1.00 30.77 ? 19   LEU A N   1 
ATOM   113  C CA  . LEU A 1 19  ? -7.204  2.742   -10.240 1.00 33.28 ? 19   LEU A CA  1 
ATOM   114  C C   . LEU A 1 19  ? -8.451  2.960   -11.089 1.00 35.90 ? 19   LEU A C   1 
ATOM   115  O O   . LEU A 1 19  ? -8.949  2.019   -11.699 1.00 37.35 ? 19   LEU A O   1 
ATOM   116  C CB  . LEU A 1 19  ? -7.631  2.331   -8.832  1.00 33.12 ? 19   LEU A CB  1 
ATOM   117  C CG  . LEU A 1 19  ? -6.510  1.767   -7.979  1.00 32.22 ? 19   LEU A CG  1 
ATOM   118  C CD1 . LEU A 1 19  ? -7.082  1.404   -6.601  1.00 34.84 ? 19   LEU A CD1 1 
ATOM   119  C CD2 . LEU A 1 19  ? -5.895  0.561   -8.658  1.00 33.19 ? 19   LEU A CD2 1 
ATOM   120  N N   . LYS A 1 20  ? -8.963  4.190   -11.113 1.00 39.04 ? 20   LYS A N   1 
ATOM   121  C CA  . LYS A 1 20  ? -10.144 4.520   -11.919 1.00 42.56 ? 20   LYS A CA  1 
ATOM   122  C C   . LYS A 1 20  ? -9.927  4.084   -13.376 1.00 43.47 ? 20   LYS A C   1 
ATOM   123  O O   . LYS A 1 20  ? -10.883 3.709   -14.065 1.00 43.83 ? 20   LYS A O   1 
ATOM   124  C CB  . LYS A 1 20  ? -10.416 6.035   -11.903 1.00 43.82 ? 20   LYS A CB  1 
ATOM   125  C CG  . LYS A 1 20  ? -10.690 6.656   -10.543 1.00 46.92 ? 20   LYS A CG  1 
ATOM   126  C CD  . LYS A 1 20  ? -12.123 6.428   -10.061 1.00 48.41 ? 20   LYS A CD  1 
ATOM   127  C CE  . LYS A 1 20  ? -12.398 4.971   -9.719  1.00 49.88 ? 20   LYS A CE  1 
ATOM   128  N NZ  . LYS A 1 20  ? -13.771 4.763   -9.185  1.00 51.28 ? 20   LYS A NZ  1 
ATOM   129  N N   . ASP A 1 21  ? -8.674  4.131   -13.836 1.00 43.75 ? 21   ASP A N   1 
ATOM   130  C CA  . ASP A 1 21  ? -8.341  3.755   -15.215 1.00 43.76 ? 21   ASP A CA  1 
ATOM   131  C C   . ASP A 1 21  ? -7.755  2.351   -15.403 1.00 44.01 ? 21   ASP A C   1 
ATOM   132  O O   . ASP A 1 21  ? -8.088  1.667   -16.371 1.00 45.68 ? 21   ASP A O   1 
ATOM   133  C CB  . ASP A 1 21  ? -7.366  4.774   -15.820 0.75 44.77 ? 21   ASP A CB  1 
ATOM   134  C CG  . ASP A 1 21  ? -7.767  6.213   -15.534 0.75 46.71 ? 21   ASP A CG  1 
ATOM   135  O OD1 . ASP A 1 21  ? -8.985  6.498   -15.487 0.75 47.95 ? 21   ASP A OD1 1 
ATOM   136  O OD2 . ASP A 1 21  ? -6.863  7.063   -15.367 0.75 46.10 ? 21   ASP A OD2 1 
ATOM   137  N N   . ILE A 1 22  ? -6.890  1.920   -14.491 1.00 41.62 ? 22   ILE A N   1 
ATOM   138  C CA  . ILE A 1 22  ? -6.248  0.611   -14.591 1.00 41.09 ? 22   ILE A CA  1 
ATOM   139  C C   . ILE A 1 22  ? -6.725  -0.387  -13.538 1.00 38.60 ? 22   ILE A C   1 
ATOM   140  O O   . ILE A 1 22  ? -6.261  -1.528  -13.511 1.00 39.92 ? 22   ILE A O   1 
ATOM   141  C CB  . ILE A 1 22  ? -4.720  0.733   -14.412 1.00 40.94 ? 22   ILE A CB  1 
ATOM   142  C CG1 . ILE A 1 22  ? -4.395  1.022   -12.941 1.00 41.87 ? 22   ILE A CG1 1 
ATOM   143  C CG2 . ILE A 1 22  ? -4.196  1.854   -15.271 1.00 43.51 ? 22   ILE A CG2 1 
ATOM   144  C CD1 . ILE A 1 22  ? -2.927  0.989   -12.586 1.00 41.33 ? 22   ILE A CD1 1 
ATOM   145  N N   . GLY A 1 23  ? -7.629  0.054   -12.668 1.00 37.88 ? 23   GLY A N   1 
ATOM   146  C CA  . GLY A 1 23  ? -8.129  -0.793  -11.590 1.00 36.37 ? 23   GLY A CA  1 
ATOM   147  C C   . GLY A 1 23  ? -8.531  -2.222  -11.908 1.00 36.26 ? 23   GLY A C   1 
ATOM   148  O O   . GLY A 1 23  ? -8.161  -3.153  -11.187 1.00 34.13 ? 23   GLY A O   1 
ATOM   149  N N   . PRO A 1 24  ? -9.298  -2.439  -12.982 1.00 36.61 ? 24   PRO A N   1 
ATOM   150  C CA  . PRO A 1 24  ? -9.710  -3.805  -13.329 1.00 36.41 ? 24   PRO A CA  1 
ATOM   151  C C   . PRO A 1 24  ? -8.538  -4.757  -13.539 1.00 35.33 ? 24   PRO A C   1 
ATOM   152  O O   . PRO A 1 24  ? -8.535  -5.881  -13.034 1.00 35.17 ? 24   PRO A O   1 
ATOM   153  C CB  . PRO A 1 24  ? -10.524 -3.604  -14.608 1.00 36.46 ? 24   PRO A CB  1 
ATOM   154  C CG  . PRO A 1 24  ? -11.140 -2.255  -14.384 1.00 37.77 ? 24   PRO A CG  1 
ATOM   155  C CD  . PRO A 1 24  ? -9.967  -1.451  -13.845 1.00 36.90 ? 24   PRO A CD  1 
ATOM   156  N N   . GLU A 1 25  ? -7.541  -4.313  -14.297 1.00 35.91 ? 25   GLU A N   1 
ATOM   157  C CA  . GLU A 1 25  ? -6.382  -5.149  -14.570 1.00 34.62 ? 25   GLU A CA  1 
ATOM   158  C C   . GLU A 1 25  ? -5.579  -5.461  -13.298 1.00 33.35 ? 25   GLU A C   1 
ATOM   159  O O   . GLU A 1 25  ? -5.028  -6.554  -13.154 1.00 31.42 ? 25   GLU A O   1 
ATOM   160  C CB  . GLU A 1 25  ? -5.476  -4.462  -15.601 1.00 38.47 ? 25   GLU A CB  1 
ATOM   161  C CG  . GLU A 1 25  ? -6.170  -4.062  -16.918 1.00 41.80 ? 25   GLU A CG  1 
ATOM   162  C CD  . GLU A 1 25  ? -6.650  -2.606  -16.952 0.75 44.40 ? 25   GLU A CD  1 
ATOM   163  O OE1 . GLU A 1 25  ? -7.675  -2.278  -16.309 0.75 44.73 ? 25   GLU A OE1 1 
ATOM   164  O OE2 . GLU A 1 25  ? -5.991  -1.781  -17.629 0.75 45.89 ? 25   GLU A OE2 1 
ATOM   165  N N   . VAL A 1 26  ? -5.499  -4.491  -12.390 1.00 31.32 ? 26   VAL A N   1 
ATOM   166  C CA  . VAL A 1 26  ? -4.759  -4.690  -11.139 1.00 31.10 ? 26   VAL A CA  1 
ATOM   167  C C   . VAL A 1 26  ? -5.491  -5.684  -10.237 1.00 29.41 ? 26   VAL A C   1 
ATOM   168  O O   . VAL A 1 26  ? -4.873  -6.571  -9.647  1.00 30.03 ? 26   VAL A O   1 
ATOM   169  C CB  . VAL A 1 26  ? -4.571  -3.354  -10.373 1.00 31.15 ? 26   VAL A CB  1 
ATOM   170  C CG1 . VAL A 1 26  ? -3.805  -3.613  -9.054  1.00 30.71 ? 26   VAL A CG1 1 
ATOM   171  C CG2 . VAL A 1 26  ? -3.805  -2.349  -11.255 1.00 31.58 ? 26   VAL A CG2 1 
ATOM   172  N N   . VAL A 1 27  ? -6.810  -5.525  -10.140 1.00 29.75 ? 27   VAL A N   1 
ATOM   173  C CA  . VAL A 1 27  ? -7.650  -6.413  -9.344  1.00 29.43 ? 27   VAL A CA  1 
ATOM   174  C C   . VAL A 1 27  ? -7.466  -7.867  -9.755  1.00 30.57 ? 27   VAL A C   1 
ATOM   175  O O   . VAL A 1 27  ? -7.291  -8.729  -8.898  1.00 30.73 ? 27   VAL A O   1 
ATOM   176  C CB  . VAL A 1 27  ? -9.135  -6.007  -9.459  1.00 29.37 ? 27   VAL A CB  1 
ATOM   177  C CG1 . VAL A 1 27  ? -10.049 -7.092  -8.878  1.00 28.45 ? 27   VAL A CG1 1 
ATOM   178  C CG2 . VAL A 1 27  ? -9.343  -4.697  -8.744  1.00 28.14 ? 27   VAL A CG2 1 
ATOM   179  N N   . LYS A 1 28  ? -7.497  -8.154  -11.056 1.00 30.44 ? 28   LYS A N   1 
ATOM   180  C CA  . LYS A 1 28  ? -7.300  -9.530  -11.503 1.00 33.14 ? 28   LYS A CA  1 
ATOM   181  C C   . LYS A 1 28  ? -5.961  -10.095 -11.062 1.00 32.79 ? 28   LYS A C   1 
ATOM   182  O O   . LYS A 1 28  ? -5.858  -11.258 -10.680 1.00 34.95 ? 28   LYS A O   1 
ATOM   183  C CB  . LYS A 1 28  ? -7.322  -9.631  -13.024 1.00 33.72 ? 28   LYS A CB  1 
ATOM   184  C CG  . LYS A 1 28  ? -8.639  -9.406  -13.697 1.00 38.99 ? 28   LYS A CG  1 
ATOM   185  C CD  . LYS A 1 28  ? -8.419  -9.705  -15.177 1.00 39.37 ? 28   LYS A CD  1 
ATOM   186  C CE  . LYS A 1 28  ? -9.468  -9.063  -16.042 1.00 39.74 ? 28   LYS A CE  1 
ATOM   187  N NZ  . LYS A 1 28  ? -8.983  -9.053  -17.458 1.00 39.54 ? 28   LYS A NZ  1 
ATOM   188  N N   . LYS A 1 29  ? -4.930  -9.261  -11.147 1.00 33.82 ? 29   LYS A N   1 
ATOM   189  C CA  . LYS A 1 29  ? -3.567  -9.647  -10.822 1.00 33.76 ? 29   LYS A CA  1 
ATOM   190  C C   . LYS A 1 29  ? -3.229  -9.776  -9.346  1.00 34.22 ? 29   LYS A C   1 
ATOM   191  O O   . LYS A 1 29  ? -2.439  -10.650 -8.959  1.00 33.17 ? 29   LYS A O   1 
ATOM   192  C CB  . LYS A 1 29  ? -2.600  -8.652  -11.450 1.00 37.34 ? 29   LYS A CB  1 
ATOM   193  C CG  . LYS A 1 29  ? -2.573  -8.654  -12.974 1.00 41.85 ? 29   LYS A CG  1 
ATOM   194  C CD  . LYS A 1 29  ? -1.745  -7.478  -13.462 1.00 43.31 ? 29   LYS A CD  1 
ATOM   195  C CE  . LYS A 1 29  ? -1.305  -7.643  -14.900 1.00 47.28 ? 29   LYS A CE  1 
ATOM   196  N NZ  . LYS A 1 29  ? -0.516  -6.457  -15.349 1.00 48.59 ? 29   LYS A NZ  1 
ATOM   197  N N   . VAL A 1 30  ? -3.830  -8.919  -8.524  1.00 33.36 ? 30   VAL A N   1 
ATOM   198  C CA  . VAL A 1 30  ? -3.546  -8.925  -7.086  1.00 31.37 ? 30   VAL A CA  1 
ATOM   199  C C   . VAL A 1 30  ? -4.617  -9.622  -6.246  1.00 30.22 ? 30   VAL A C   1 
ATOM   200  O O   . VAL A 1 30  ? -4.293  -10.458 -5.396  1.00 31.21 ? 30   VAL A O   1 
ATOM   201  C CB  . VAL A 1 30  ? -3.337  -7.479  -6.583  1.00 31.25 ? 30   VAL A CB  1 
ATOM   202  C CG1 . VAL A 1 30  ? -2.942  -7.486  -5.113  1.00 32.41 ? 30   VAL A CG1 1 
ATOM   203  C CG2 . VAL A 1 30  ? -2.265  -6.805  -7.408  1.00 30.44 ? 30   VAL A CG2 1 
ATOM   204  N N   . ASN A 1 31  ? -5.885  -9.291  -6.482  1.00 28.56 ? 31   ASN A N   1 
ATOM   205  C CA  . ASN A 1 31  ? -6.986  -9.923  -5.757  1.00 29.11 ? 31   ASN A CA  1 
ATOM   206  C C   . ASN A 1 31  ? -6.784  -9.991  -4.227  1.00 28.76 ? 31   ASN A C   1 
ATOM   207  O O   . ASN A 1 31  ? -6.906  -11.055 -3.594  1.00 28.24 ? 31   ASN A O   1 
ATOM   208  C CB  . ASN A 1 31  ? -7.222  -11.327 -6.341  1.00 33.99 ? 31   ASN A CB  1 
ATOM   209  C CG  . ASN A 1 31  ? -8.381  -12.027 -5.701  1.00 34.91 ? 31   ASN A CG  1 
ATOM   210  O OD1 . ASN A 1 31  ? -9.406  -11.413 -5.396  1.00 39.79 ? 31   ASN A OD1 1 
ATOM   211  N ND2 . ASN A 1 31  ? -8.238  -13.325 -5.490  1.00 40.22 ? 31   ASN A ND2 1 
ATOM   212  N N   . ALA A 1 32  ? -6.498  -8.842  -3.628  1.00 26.18 ? 32   ALA A N   1 
ATOM   213  C CA  . ALA A 1 32  ? -6.270  -8.800  -2.179  1.00 24.36 ? 32   ALA A CA  1 
ATOM   214  C C   . ALA A 1 32  ? -6.624  -7.439  -1.624  1.00 23.59 ? 32   ALA A C   1 
ATOM   215  O O   . ALA A 1 32  ? -6.815  -6.492  -2.380  1.00 25.48 ? 32   ALA A O   1 
ATOM   216  C CB  . ALA A 1 32  ? -4.800  -9.101  -1.879  1.00 25.50 ? 32   ALA A CB  1 
ATOM   217  N N   . VAL A 1 33  ? -6.690  -7.349  -0.295  1.00 21.11 ? 33   VAL A N   1 
ATOM   218  C CA  . VAL A 1 33  ? -6.986  -6.089  0.367   1.00 20.74 ? 33   VAL A CA  1 
ATOM   219  C C   . VAL A 1 33  ? -5.805  -5.741  1.271   1.00 19.63 ? 33   VAL A C   1 
ATOM   220  O O   . VAL A 1 33  ? -5.343  -6.583  2.047   1.00 21.62 ? 33   VAL A O   1 
ATOM   221  C CB  . VAL A 1 33  ? -8.287  -6.207  1.220   1.00 21.79 ? 33   VAL A CB  1 
ATOM   222  C CG1 . VAL A 1 33  ? -8.501  -4.943  2.019   1.00 22.63 ? 33   VAL A CG1 1 
ATOM   223  C CG2 . VAL A 1 33  ? -9.463  -6.461  0.317   1.00 24.20 ? 33   VAL A CG2 1 
ATOM   224  N N   . PHE A 1 34  ? -5.287  -4.519  1.155   1.00 18.83 ? 34   PHE A N   1 
ATOM   225  C CA  . PHE A 1 34  ? -4.132  -4.094  1.956   1.00 20.76 ? 34   PHE A CA  1 
ATOM   226  C C   . PHE A 1 34  ? -4.448  -2.913  2.847   1.00 20.57 ? 34   PHE A C   1 
ATOM   227  O O   . PHE A 1 34  ? -4.939  -1.896  2.373   1.00 22.21 ? 34   PHE A O   1 
ATOM   228  C CB  . PHE A 1 34  ? -2.959  -3.703  1.040   1.00 20.16 ? 34   PHE A CB  1 
ATOM   229  C CG  . PHE A 1 34  ? -2.539  -4.802  0.101   1.00 22.83 ? 34   PHE A CG  1 
ATOM   230  C CD1 . PHE A 1 34  ? -3.231  -5.024  -1.097  1.00 23.59 ? 34   PHE A CD1 1 
ATOM   231  C CD2 . PHE A 1 34  ? -1.493  -5.657  0.452   1.00 24.20 ? 34   PHE A CD2 1 
ATOM   232  C CE1 . PHE A 1 34  ? -2.888  -6.083  -1.923  1.00 22.86 ? 34   PHE A CE1 1 
ATOM   233  C CE2 . PHE A 1 34  ? -1.135  -6.728  -0.378  1.00 25.99 ? 34   PHE A CE2 1 
ATOM   234  C CZ  . PHE A 1 34  ? -1.833  -6.941  -1.563  1.00 25.86 ? 34   PHE A CZ  1 
ATOM   235  N N   . GLU A 1 35  ? -4.174  -3.052  4.142   1.00 17.97 ? 35   GLU A N   1 
ATOM   236  C CA  . GLU A 1 35  ? -4.428  -1.959  5.060   1.00 17.78 ? 35   GLU A CA  1 
ATOM   237  C C   . GLU A 1 35  ? -3.071  -1.362  5.385   1.00 17.61 ? 35   GLU A C   1 
ATOM   238  O O   . GLU A 1 35  ? -2.069  -2.092  5.485   1.00 16.88 ? 35   GLU A O   1 
ATOM   239  C CB  . GLU A 1 35  ? -5.132  -2.470  6.313   1.00 19.15 ? 35   GLU A CB  1 
ATOM   240  C CG  . GLU A 1 35  ? -5.634  -1.373  7.231   1.00 19.35 ? 35   GLU A CG  1 
ATOM   241  C CD  . GLU A 1 35  ? -6.485  -1.920  8.350   1.00 19.93 ? 35   GLU A CD  1 
ATOM   242  O OE1 . GLU A 1 35  ? -7.478  -2.607  8.038   1.00 19.29 ? 35   GLU A OE1 1 
ATOM   243  O OE2 . GLU A 1 35  ? -6.167  -1.668  9.534   1.00 23.45 ? 35   GLU A OE2 1 
ATOM   244  N N   . TRP A 1 36  ? -3.044  -0.033  5.505   1.00 15.77 ? 36   TRP A N   1 
ATOM   245  C CA  . TRP A 1 36  ? -1.819  0.711   5.785   1.00 17.38 ? 36   TRP A CA  1 
ATOM   246  C C   . TRP A 1 36  ? -1.935  1.590   7.009   1.00 18.01 ? 36   TRP A C   1 
ATOM   247  O O   . TRP A 1 36  ? -2.868  2.385   7.103   1.00 18.74 ? 36   TRP A O   1 
ATOM   248  C CB  . TRP A 1 36  ? -1.493  1.618   4.595   1.00 17.49 ? 36   TRP A CB  1 
ATOM   249  C CG  . TRP A 1 36  ? -1.323  0.862   3.350   1.00 19.50 ? 36   TRP A CG  1 
ATOM   250  C CD1 . TRP A 1 36  ? -2.314  0.341   2.569   1.00 18.80 ? 36   TRP A CD1 1 
ATOM   251  C CD2 . TRP A 1 36  ? -0.090  0.470   2.760   1.00 20.98 ? 36   TRP A CD2 1 
ATOM   252  N NE1 . TRP A 1 36  ? -1.765  -0.360  1.522   1.00 21.06 ? 36   TRP A NE1 1 
ATOM   253  C CE2 . TRP A 1 36  ? -0.403  -0.297  1.618   1.00 21.25 ? 36   TRP A CE2 1 
ATOM   254  C CE3 . TRP A 1 36  ? 1.257   0.680   3.087   1.00 20.95 ? 36   TRP A CE3 1 
ATOM   255  C CZ2 . TRP A 1 36  ? 0.579   -0.856  0.798   1.00 21.92 ? 36   TRP A CZ2 1 
ATOM   256  C CZ3 . TRP A 1 36  ? 2.238   0.119   2.268   1.00 22.61 ? 36   TRP A CZ3 1 
ATOM   257  C CH2 . TRP A 1 36  ? 1.890   -0.642  1.137   1.00 19.33 ? 36   TRP A CH2 1 
ATOM   258  N N   . HIS A 1 37  ? -1.009  1.439   7.960   1.00 18.13 ? 37   HIS A N   1 
ATOM   259  C CA  . HIS A 1 37  ? -0.990  2.290   9.146   1.00 17.65 ? 37   HIS A CA  1 
ATOM   260  C C   . HIS A 1 37  ? 0.254   3.163   9.024   1.00 17.27 ? 37   HIS A C   1 
ATOM   261  O O   . HIS A 1 37  ? 1.375   2.668   9.153   1.00 18.98 ? 37   HIS A O   1 
ATOM   262  C CB  . HIS A 1 37  ? -0.885  1.417   10.397  1.00 15.67 ? 37   HIS A CB  1 
ATOM   263  C CG  . HIS A 1 37  ? -2.078  0.546   10.607  1.00 20.54 ? 37   HIS A CG  1 
ATOM   264  N ND1 . HIS A 1 37  ? -2.180  -0.332  11.664  1.00 19.96 ? 37   HIS A ND1 1 
ATOM   265  C CD2 . HIS A 1 37  ? -3.208  0.397   9.878   1.00 20.31 ? 37   HIS A CD2 1 
ATOM   266  C CE1 . HIS A 1 37  ? -3.322  -0.984  11.575  1.00 18.80 ? 37   HIS A CE1 1 
ATOM   267  N NE2 . HIS A 1 37  ? -3.967  -0.556  10.502  1.00 21.22 ? 37   HIS A NE2 1 
ATOM   268  N N   . ILE A 1 38  ? 0.059   4.447   8.734   1.00 18.54 ? 38   ILE A N   1 
ATOM   269  C CA  . ILE A 1 38  ? 1.173   5.366   8.566   1.00 18.35 ? 38   ILE A CA  1 
ATOM   270  C C   . ILE A 1 38  ? 1.389   6.066   9.908   1.00 19.42 ? 38   ILE A C   1 
ATOM   271  O O   . ILE A 1 38  ? 0.479   6.706   10.449  1.00 21.61 ? 38   ILE A O   1 
ATOM   272  C CB  . ILE A 1 38  ? 0.867   6.408   7.476   1.00 17.90 ? 38   ILE A CB  1 
ATOM   273  C CG1 . ILE A 1 38  ? 0.467   5.717   6.154   1.00 18.33 ? 38   ILE A CG1 1 
ATOM   274  C CG2 . ILE A 1 38  ? 2.090   7.306   7.285   1.00 19.86 ? 38   ILE A CG2 1 
ATOM   275  C CD1 . ILE A 1 38  ? 1.549   4.820   5.510   1.00 21.20 ? 38   ILE A CD1 1 
ATOM   276  N N   . THR A 1 39  ? 2.598   5.938   10.445  1.00 20.99 ? 39   THR A N   1 
ATOM   277  C CA  . THR A 1 39  ? 2.889   6.552   11.735  1.00 22.14 ? 39   THR A CA  1 
ATOM   278  C C   . THR A 1 39  ? 3.687   7.844   11.631  1.00 24.46 ? 39   THR A C   1 
ATOM   279  O O   . THR A 1 39  ? 4.349   8.107   10.652  1.00 23.56 ? 39   THR A O   1 
ATOM   280  C CB  . THR A 1 39  ? 3.666   5.590   12.606  1.00 22.67 ? 39   THR A CB  1 
ATOM   281  O OG1 . THR A 1 39  ? 4.923   5.290   11.984  1.00 21.72 ? 39   THR A OG1 1 
ATOM   282  C CG2 . THR A 1 39  ? 2.858   4.316   12.802  1.00 22.94 ? 39   THR A CG2 1 
ATOM   283  N N   . LYS A 1 40  ? 3.593   8.668   12.663  1.00 29.45 ? 40   LYS A N   1 
ATOM   284  C CA  . LYS A 1 40  ? 4.364   9.902   12.699  1.00 35.12 ? 40   LYS A CA  1 
ATOM   285  C C   . LYS A 1 40  ? 4.508   10.157  14.180  1.00 39.18 ? 40   LYS A C   1 
ATOM   286  O O   . LYS A 1 40  ? 3.621   10.716  14.814  1.00 41.60 ? 40   LYS A O   1 
ATOM   287  C CB  . LYS A 1 40  ? 3.640   11.047  11.996  1.00 36.88 ? 40   LYS A CB  1 
ATOM   288  C CG  . LYS A 1 40  ? 4.570   12.229  11.759  1.00 38.79 ? 40   LYS A CG  1 
ATOM   289  C CD  . LYS A 1 40  ? 3.951   13.286  10.886  1.00 42.97 ? 40   LYS A CD  1 
ATOM   290  C CE  . LYS A 1 40  ? 4.949   14.399  10.608  1.00 43.82 ? 40   LYS A CE  1 
ATOM   291  N NZ  . LYS A 1 40  ? 4.314   15.483  9.794   1.00 48.25 ? 40   LYS A NZ  1 
ATOM   292  N N   . GLY A 1 41  ? 5.619   9.671   14.725  1.00 42.37 ? 41   GLY A N   1 
ATOM   293  C CA  . GLY A 1 41  ? 5.900   9.787   16.146  1.00 43.39 ? 41   GLY A CA  1 
ATOM   294  C C   . GLY A 1 41  ? 5.636   8.428   16.773  1.00 44.90 ? 41   GLY A C   1 
ATOM   295  O O   . GLY A 1 41  ? 5.348   8.326   17.971  1.00 45.25 ? 41   GLY A O   1 
ATOM   296  N N   . GLY A 1 42  ? 5.741   7.381   15.951  1.00 43.64 ? 42   GLY A N   1 
ATOM   297  C CA  . GLY A 1 42  ? 5.466   6.030   16.414  1.00 44.07 ? 42   GLY A CA  1 
ATOM   298  C C   . GLY A 1 42  ? 3.963   5.878   16.545  1.00 42.03 ? 42   GLY A C   1 
ATOM   299  O O   . GLY A 1 42  ? 3.432   4.765   16.662  1.00 44.12 ? 42   GLY A O   1 
ATOM   300  N N   . ASN A 1 43  ? 3.287   7.029   16.507  1.00 41.11 ? 43   ASN A N   1 
ATOM   301  C CA  . ASN A 1 43  ? 1.828   7.136   16.620  1.00 37.19 ? 43   ASN A CA  1 
ATOM   302  C C   . ASN A 1 43  ? 1.148   7.143   15.248  1.00 33.18 ? 43   ASN A C   1 
ATOM   303  O O   . ASN A 1 43  ? 1.607   7.800   14.319  1.00 30.69 ? 43   ASN A O   1 
ATOM   304  C CB  . ASN A 1 43  ? 1.479   8.416   17.366  1.00 37.70 ? 43   ASN A CB  1 
ATOM   305  C CG  . ASN A 1 43  ? -0.010  8.716   17.354  1.00 39.03 ? 43   ASN A CG  1 
ATOM   306  O OD1 . ASN A 1 43  ? -0.820  7.916   17.822  0.00 38.48 ? 43   ASN A OD1 1 
ATOM   307  N ND2 . ASN A 1 43  ? -0.374  9.873   16.816  0.00 38.48 ? 43   ASN A ND2 1 
ATOM   308  N N   . ILE A 1 44  ? 0.035   6.432   15.135  1.00 30.00 ? 44   ILE A N   1 
ATOM   309  C CA  . ILE A 1 44  ? -0.646  6.349   13.847  1.00 27.76 ? 44   ILE A CA  1 
ATOM   310  C C   . ILE A 1 44  ? -1.232  7.698   13.443  1.00 28.80 ? 44   ILE A C   1 
ATOM   311  O O   . ILE A 1 44  ? -2.025  8.281   14.195  1.00 28.56 ? 44   ILE A O   1 
ATOM   312  C CB  . ILE A 1 44  ? -1.738  5.264   13.899  1.00 26.02 ? 44   ILE A CB  1 
ATOM   313  C CG1 . ILE A 1 44  ? -1.074  3.904   14.132  1.00 25.32 ? 44   ILE A CG1 1 
ATOM   314  C CG2 . ILE A 1 44  ? -2.535  5.257   12.588  1.00 24.86 ? 44   ILE A CG2 1 
ATOM   315  C CD1 . ILE A 1 44  ? -2.034  2.712   14.158  1.00 24.22 ? 44   ILE A CD1 1 
ATOM   316  N N   . GLY A 1 45  ? -0.811  8.194   12.274  1.00 25.41 ? 45   GLY A N   1 
ATOM   317  C CA  . GLY A 1 45  ? -1.276  9.471   11.769  1.00 26.39 ? 45   GLY A CA  1 
ATOM   318  C C   . GLY A 1 45  ? -2.380  9.291   10.742  1.00 25.64 ? 45   GLY A C   1 
ATOM   319  O O   . GLY A 1 45  ? -3.204  10.179  10.533  1.00 24.63 ? 45   GLY A O   1 
ATOM   320  N N   . ALA A 1 46  ? -2.389  8.133   10.091  1.00 23.99 ? 46   ALA A N   1 
ATOM   321  C CA  . ALA A 1 46  ? -3.415  7.835   9.112   1.00 23.62 ? 46   ALA A CA  1 
ATOM   322  C C   . ALA A 1 46  ? -3.491  6.348   8.833   1.00 20.61 ? 46   ALA A C   1 
ATOM   323  O O   . ALA A 1 46  ? -2.524  5.610   9.015   1.00 20.54 ? 46   ALA A O   1 
ATOM   324  C CB  . ALA A 1 46  ? -3.121  8.554   7.806   1.00 23.62 ? 46   ALA A CB  1 
ATOM   325  N N   . LYS A 1 47  ? -4.676  5.925   8.427   1.00 21.58 ? 47   LYS A N   1 
ATOM   326  C CA  . LYS A 1 47  ? -4.895  4.548   7.995   1.00 20.27 ? 47   LYS A CA  1 
ATOM   327  C C   . LYS A 1 47  ? -5.523  4.610   6.603   1.00 20.55 ? 47   LYS A C   1 
ATOM   328  O O   . LYS A 1 47  ? -6.373  5.479   6.326   1.00 21.07 ? 47   LYS A O   1 
ATOM   329  C CB  . LYS A 1 47  ? -5.838  3.778   8.928   1.00 20.05 ? 47   LYS A CB  1 
ATOM   330  C CG  . LYS A 1 47  ? -5.218  3.409   10.271  1.00 21.54 ? 47   LYS A CG  1 
ATOM   331  C CD  . LYS A 1 47  ? -6.146  2.465   11.052  1.00 20.65 ? 47   LYS A CD  1 
ATOM   332  C CE  . LYS A 1 47  ? -5.545  2.117   12.387  1.00 23.52 ? 47   LYS A CE  1 
ATOM   333  N NZ  . LYS A 1 47  ? -6.453  1.214   13.133  1.00 25.26 ? 47   LYS A NZ  1 
ATOM   334  N N   . TRP A 1 48  ? -5.100  3.690   5.735   1.00 19.43 ? 48   TRP A N   1 
ATOM   335  C CA  . TRP A 1 48  ? -5.625  3.586   4.392   1.00 19.22 ? 48   TRP A CA  1 
ATOM   336  C C   . TRP A 1 48  ? -5.848  2.139   4.028   1.00 19.93 ? 48   TRP A C   1 
ATOM   337  O O   . TRP A 1 48  ? -5.184  1.252   4.559   1.00 19.82 ? 48   TRP A O   1 
ATOM   338  C CB  . TRP A 1 48  ? -4.630  4.121   3.353   1.00 18.15 ? 48   TRP A CB  1 
ATOM   339  C CG  . TRP A 1 48  ? -4.377  5.583   3.464   1.00 17.86 ? 48   TRP A CG  1 
ATOM   340  C CD1 . TRP A 1 48  ? -3.455  6.204   4.251   1.00 19.98 ? 48   TRP A CD1 1 
ATOM   341  C CD2 . TRP A 1 48  ? -5.049  6.618   2.733   1.00 20.22 ? 48   TRP A CD2 1 
ATOM   342  N NE1 . TRP A 1 48  ? -3.499  7.576   4.044   1.00 20.30 ? 48   TRP A NE1 1 
ATOM   343  C CE2 . TRP A 1 48  ? -4.469  7.849   3.117   1.00 21.04 ? 48   TRP A CE2 1 
ATOM   344  C CE3 . TRP A 1 48  ? -6.085  6.619   1.789   1.00 21.69 ? 48   TRP A CE3 1 
ATOM   345  C CZ2 . TRP A 1 48  ? -4.890  9.082   2.579   1.00 23.63 ? 48   TRP A CZ2 1 
ATOM   346  C CZ3 . TRP A 1 48  ? -6.505  7.851   1.256   1.00 25.18 ? 48   TRP A CZ3 1 
ATOM   347  C CH2 . TRP A 1 48  ? -5.908  9.054   1.653   1.00 24.59 ? 48   TRP A CH2 1 
ATOM   348  N N   . THR A 1 49  ? -6.770  1.923   3.096   1.00 18.34 ? 49   THR A N   1 
ATOM   349  C CA  . THR A 1 49  ? -7.026  0.604   2.589   1.00 18.01 ? 49   THR A CA  1 
ATOM   350  C C   . THR A 1 49  ? -6.967  0.696   1.080   1.00 18.41 ? 49   THR A C   1 
ATOM   351  O O   . THR A 1 49  ? -7.512  1.621   0.483   1.00 18.73 ? 49   THR A O   1 
ATOM   352  C CB  . THR A 1 49  ? -8.406  0.080   3.030   1.00 18.80 ? 49   THR A CB  1 
ATOM   353  O OG1 . THR A 1 49  ? -8.406  -0.056  4.459   1.00 19.46 ? 49   THR A OG1 1 
ATOM   354  C CG2 . THR A 1 49  ? -8.726  -1.280  2.388   1.00 17.76 ? 49   THR A CG2 1 
ATOM   355  N N   . ILE A 1 50  ? -6.243  -0.240  0.487   1.00 18.77 ? 50   ILE A N   1 
ATOM   356  C CA  . ILE A 1 50  ? -6.162  -0.371  -0.964  1.00 20.12 ? 50   ILE A CA  1 
ATOM   357  C C   . ILE A 1 50  ? -6.868  -1.701  -1.210  1.00 21.27 ? 50   ILE A C   1 
ATOM   358  O O   . ILE A 1 50  ? -6.320  -2.777  -0.951  1.00 21.60 ? 50   ILE A O   1 
ATOM   359  C CB  . ILE A 1 50  ? -4.707  -0.443  -1.481  1.00 20.91 ? 50   ILE A CB  1 
ATOM   360  C CG1 . ILE A 1 50  ? -3.997  0.874   -1.187  1.00 19.39 ? 50   ILE A CG1 1 
ATOM   361  C CG2 . ILE A 1 50  ? -4.689  -0.638  -3.008  1.00 24.71 ? 50   ILE A CG2 1 
ATOM   362  C CD1 . ILE A 1 50  ? -2.551  0.893   -1.668  1.00 20.25 ? 50   ILE A CD1 1 
ATOM   363  N N   . ASP A 1 51  ? -8.115  -1.618  -1.671  1.00 22.30 ? 51   ASP A N   1 
ATOM   364  C CA  . ASP A 1 51  ? -8.886  -2.808  -1.939  1.00 27.25 ? 51   ASP A CA  1 
ATOM   365  C C   . ASP A 1 51  ? -8.694  -3.167  -3.411  1.00 30.03 ? 51   ASP A C   1 
ATOM   366  O O   . ASP A 1 51  ? -9.065  -2.408  -4.300  1.00 32.35 ? 51   ASP A O   1 
ATOM   367  C CB  . ASP A 1 51  ? -10.365 -2.575  -1.648  1.00 29.55 ? 51   ASP A CB  1 
ATOM   368  C CG  . ASP A 1 51  ? -11.214 -3.820  -1.916  1.00 32.57 ? 51   ASP A CG  1 
ATOM   369  O OD1 . ASP A 1 51  ? -10.974 -4.502  -2.936  1.00 35.03 ? 51   ASP A OD1 1 
ATOM   370  O OD2 . ASP A 1 51  ? -12.117 -4.108  -1.120  1.00 33.13 ? 51   ASP A OD2 1 
ATOM   371  N N   . LEU A 1 52  ? -8.081  -4.314  -3.659  1.00 31.64 ? 52   LEU A N   1 
ATOM   372  C CA  . LEU A 1 52  ? -7.867  -4.778  -5.032  1.00 33.01 ? 52   LEU A CA  1 
ATOM   373  C C   . LEU A 1 52  ? -8.511  -6.153  -5.135  1.00 35.31 ? 52   LEU A C   1 
ATOM   374  O O   . LEU A 1 52  ? -7.962  -7.078  -5.720  1.00 36.01 ? 52   LEU A O   1 
ATOM   375  C CB  . LEU A 1 52  ? -6.379  -4.847  -5.328  1.00 33.03 ? 52   LEU A CB  1 
ATOM   376  C CG  . LEU A 1 52  ? -5.732  -3.459  -5.246  1.00 32.46 ? 52   LEU A CG  1 
ATOM   377  C CD1 . LEU A 1 52  ? -4.218  -3.552  -5.366  1.00 30.89 ? 52   LEU A CD1 1 
ATOM   378  C CD2 . LEU A 1 52  ? -6.322  -2.583  -6.355  1.00 33.38 ? 52   LEU A CD2 1 
ATOM   379  N N   . LYS A 1 53  ? -9.698  -6.250  -4.559  1.00 38.53 ? 53   LYS A N   1 
ATOM   380  C CA  . LYS A 1 53  ? -10.469 -7.482  -4.509  1.00 41.79 ? 53   LYS A CA  1 
ATOM   381  C C   . LYS A 1 53  ? -11.550 -7.539  -5.591  1.00 40.88 ? 53   LYS A C   1 
ATOM   382  O O   . LYS A 1 53  ? -11.736 -8.567  -6.230  1.00 42.43 ? 53   LYS A O   1 
ATOM   383  C CB  . LYS A 1 53  ? -11.089 -7.612  -3.105  1.00 44.03 ? 53   LYS A CB  1 
ATOM   384  C CG  . LYS A 1 53  ? -11.601 -8.986  -2.755  1.00 46.91 ? 53   LYS A CG  1 
ATOM   385  C CD  . LYS A 1 53  ? -10.473 -9.983  -2.718  1.00 48.48 ? 53   LYS A CD  1 
ATOM   386  C CE  . LYS A 1 53  ? -10.986 -11.348 -2.280  1.00 50.97 ? 53   LYS A CE  1 
ATOM   387  N NZ  . LYS A 1 53  ? -9.863  -12.317 -2.166  1.00 51.73 ? 53   LYS A NZ  1 
ATOM   388  N N   . SER A 1 54  ? -12.280 -6.454  -5.811  1.00 41.93 ? 54   SER A N   1 
ATOM   389  C CA  . SER A 1 54  ? -13.293 -6.505  -6.861  1.00 41.70 ? 54   SER A CA  1 
ATOM   390  C C   . SER A 1 54  ? -13.513 -5.182  -7.567  1.00 40.62 ? 54   SER A C   1 
ATOM   391  O O   . SER A 1 54  ? -13.134 -4.118  -7.058  1.00 39.93 ? 54   SER A O   1 
ATOM   392  C CB  . SER A 1 54  ? -14.632 -7.019  -6.302  1.00 45.34 ? 54   SER A CB  1 
ATOM   393  O OG  . SER A 1 54  ? -15.444 -7.562  -7.336  1.00 45.12 ? 54   SER A OG  1 
ATOM   394  N N   . GLY A 1 55  ? -14.127 -5.268  -8.744  1.00 38.18 ? 55   GLY A N   1 
ATOM   395  C CA  . GLY A 1 55  ? -14.420 -4.091  -9.534  1.00 36.82 ? 55   GLY A CA  1 
ATOM   396  C C   . GLY A 1 55  ? -13.131 -3.495  -10.034 1.00 34.90 ? 55   GLY A C   1 
ATOM   397  O O   . GLY A 1 55  ? -12.214 -4.223  -10.407 1.00 34.60 ? 55   GLY A O   1 
ATOM   398  N N   . SER A 1 56  ? -13.055 -2.171  -10.046 1.00 34.29 ? 56   SER A N   1 
ATOM   399  C CA  . SER A 1 56  ? -11.842 -1.502  -10.488 1.00 34.13 ? 56   SER A CA  1 
ATOM   400  C C   . SER A 1 56  ? -10.943 -1.203  -9.271  1.00 33.06 ? 56   SER A C   1 
ATOM   401  O O   . SER A 1 56  ? -9.960  -0.485  -9.381  1.00 30.00 ? 56   SER A O   1 
ATOM   402  C CB  . SER A 1 56  ? -12.199 -0.205  -11.219 1.00 35.04 ? 56   SER A CB  1 
ATOM   403  O OG  . SER A 1 56  ? -13.151 0.540   -10.466 1.00 39.38 ? 56   SER A OG  1 
ATOM   404  N N   . GLY A 1 57  ? -11.287 -1.762  -8.113  1.00 31.18 ? 57   GLY A N   1 
ATOM   405  C CA  . GLY A 1 57  ? -10.471 -1.509  -6.936  1.00 30.84 ? 57   GLY A CA  1 
ATOM   406  C C   . GLY A 1 57  ? -10.872 -0.208  -6.275  1.00 30.72 ? 57   GLY A C   1 
ATOM   407  O O   . GLY A 1 57  ? -11.594 0.595   -6.864  1.00 28.30 ? 57   GLY A O   1 
ATOM   408  N N   . LYS A 1 58  ? -10.414 0.006   -5.046  1.00 27.98 ? 58   LYS A N   1 
ATOM   409  C CA  . LYS A 1 58  ? -10.747 1.220   -4.339  1.00 29.14 ? 58   LYS A CA  1 
ATOM   410  C C   . LYS A 1 58  ? -9.660  1.596   -3.337  1.00 27.44 ? 58   LYS A C   1 
ATOM   411  O O   . LYS A 1 58  ? -9.005  0.730   -2.763  1.00 25.90 ? 58   LYS A O   1 
ATOM   412  C CB  . LYS A 1 58  ? -12.083 1.053   -3.586  1.00 31.60 ? 58   LYS A CB  1 
ATOM   413  C CG  . LYS A 1 58  ? -12.543 2.336   -2.892  1.00 35.58 ? 58   LYS A CG  1 
ATOM   414  C CD  . LYS A 1 58  ? -13.873 2.198   -2.163  0.75 40.30 ? 58   LYS A CD  1 
ATOM   415  C CE  . LYS A 1 58  ? -14.202 3.505   -1.443  0.75 41.74 ? 58   LYS A CE  1 
ATOM   416  N NZ  . LYS A 1 58  ? -15.369 3.422   -0.521  0.75 42.95 ? 58   LYS A NZ  1 
ATOM   417  N N   . VAL A 1 59  ? -9.444  2.893   -3.168  1.00 26.40 ? 59   VAL A N   1 
ATOM   418  C CA  . VAL A 1 59  ? -8.500  3.344   -2.158  1.00 24.44 ? 59   VAL A CA  1 
ATOM   419  C C   . VAL A 1 59  ? -9.393  4.195   -1.254  1.00 24.96 ? 59   VAL A C   1 
ATOM   420  O O   . VAL A 1 59  ? -10.150 5.039   -1.745  1.00 25.66 ? 59   VAL A O   1 
ATOM   421  C CB  . VAL A 1 59  ? -7.372  4.216   -2.744  1.00 24.43 ? 59   VAL A CB  1 
ATOM   422  C CG1 . VAL A 1 59  ? -6.582  4.863   -1.594  1.00 27.06 ? 59   VAL A CG1 1 
ATOM   423  C CG2 . VAL A 1 59  ? -6.447  3.361   -3.617  1.00 25.85 ? 59   VAL A CG2 1 
ATOM   424  N N   . TYR A 1 60  ? -9.372  3.935   0.051   1.00 22.04 ? 60   TYR A N   1 
ATOM   425  C CA  . TYR A 1 60  ? -10.174 4.734   0.964   1.00 22.78 ? 60   TYR A CA  1 
ATOM   426  C C   . TYR A 1 60  ? -9.507  4.886   2.299   1.00 22.90 ? 60   TYR A C   1 
ATOM   427  O O   . TYR A 1 60  ? -8.645  4.080   2.677   1.00 21.09 ? 60   TYR A O   1 
ATOM   428  C CB  . TYR A 1 60  ? -11.596 4.168   1.134   1.00 22.24 ? 60   TYR A CB  1 
ATOM   429  C CG  . TYR A 1 60  ? -11.709 2.722   1.566   1.00 23.05 ? 60   TYR A CG  1 
ATOM   430  C CD1 . TYR A 1 60  ? -11.622 2.352   2.914   1.00 20.92 ? 60   TYR A CD1 1 
ATOM   431  C CD2 . TYR A 1 60  ? -11.911 1.712   0.621   1.00 21.79 ? 60   TYR A CD2 1 
ATOM   432  C CE1 . TYR A 1 60  ? -11.731 0.991   3.294   1.00 20.98 ? 60   TYR A CE1 1 
ATOM   433  C CE2 . TYR A 1 60  ? -12.021 0.364   0.996   1.00 23.55 ? 60   TYR A CE2 1 
ATOM   434  C CZ  . TYR A 1 60  ? -11.926 0.014   2.325   1.00 24.57 ? 60   TYR A CZ  1 
ATOM   435  O OH  . TYR A 1 60  ? -12.019 -1.323  2.680   1.00 23.42 ? 60   TYR A OH  1 
ATOM   436  N N   . GLN A 1 61  ? -9.891  5.938   3.010   1.00 23.39 ? 61   GLN A N   1 
ATOM   437  C CA  . GLN A 1 61  ? -9.322  6.200   4.318   1.00 25.33 ? 61   GLN A CA  1 
ATOM   438  C C   . GLN A 1 61  ? -9.894  5.287   5.383   1.00 24.45 ? 61   GLN A C   1 
ATOM   439  O O   . GLN A 1 61  ? -11.029 4.837   5.295   1.00 25.77 ? 61   GLN A O   1 
ATOM   440  C CB  . GLN A 1 61  ? -9.553  7.650   4.705   1.00 27.62 ? 61   GLN A CB  1 
ATOM   441  C CG  . GLN A 1 61  ? -8.972  8.622   3.692   1.00 31.31 ? 61   GLN A CG  1 
ATOM   442  C CD  . GLN A 1 61  ? -9.030  10.065  4.168   1.00 36.56 ? 61   GLN A CD  1 
ATOM   443  O OE1 . GLN A 1 61  ? -10.091 10.568  4.546   1.00 39.45 ? 61   GLN A OE1 1 
ATOM   444  N NE2 . GLN A 1 61  ? -7.882  10.738  4.146   1.00 38.74 ? 61   GLN A NE2 1 
ATOM   445  N N   . GLY A 1 62  ? -9.065  5.016   6.379   1.00 23.31 ? 62   GLY A N   1 
ATOM   446  C CA  . GLY A 1 62  ? -9.451  4.164   7.473   1.00 22.39 ? 62   GLY A CA  1 
ATOM   447  C C   . GLY A 1 62  ? -9.168  2.690   7.275   1.00 22.52 ? 62   GLY A C   1 
ATOM   448  O O   . GLY A 1 62  ? -8.636  2.257   6.249   1.00 20.20 ? 62   GLY A O   1 
ATOM   449  N N   . PRO A 1 63  ? -9.553  1.881   8.267   1.00 21.18 ? 63   PRO A N   1 
ATOM   450  C CA  . PRO A 1 63  ? -9.358  0.429   8.233   1.00 22.54 ? 63   PRO A CA  1 
ATOM   451  C C   . PRO A 1 63  ? -10.227 -0.250  7.173   1.00 21.77 ? 63   PRO A C   1 
ATOM   452  O O   . PRO A 1 63  ? -11.260 0.288   6.739   1.00 21.55 ? 63   PRO A O   1 
ATOM   453  C CB  . PRO A 1 63  ? -9.712  0.004   9.656   1.00 22.89 ? 63   PRO A CB  1 
ATOM   454  C CG  . PRO A 1 63  ? -10.732 1.009   10.052  1.00 25.56 ? 63   PRO A CG  1 
ATOM   455  C CD  . PRO A 1 63  ? -10.234 2.308   9.499   1.00 23.85 ? 63   PRO A CD  1 
ATOM   456  N N   . ALA A 1 64  ? -9.795  -1.425  6.750   1.00 21.40 ? 64   ALA A N   1 
ATOM   457  C CA  . ALA A 1 64  ? -10.517 -2.165  5.729   1.00 20.79 ? 64   ALA A CA  1 
ATOM   458  C C   . ALA A 1 64  ? -11.971 -2.423  6.184   1.00 20.63 ? 64   ALA A C   1 
ATOM   459  O O   . ALA A 1 64  ? -12.228 -2.680  7.362   1.00 21.25 ? 64   ALA A O   1 
ATOM   460  C CB  . ALA A 1 64  ? -9.807  -3.471  5.470   1.00 19.84 ? 64   ALA A CB  1 
ATOM   461  N N   . LYS A 1 65  ? -12.913 -2.320  5.255   1.00 21.43 ? 65   LYS A N   1 
ATOM   462  C CA  . LYS A 1 65  ? -14.310 -2.575  5.572   1.00 23.32 ? 65   LYS A CA  1 
ATOM   463  C C   . LYS A 1 65  ? -14.500 -4.028  5.988   1.00 23.40 ? 65   LYS A C   1 
ATOM   464  O O   . LYS A 1 65  ? -15.321 -4.314  6.863   1.00 23.67 ? 65   LYS A O   1 
ATOM   465  C CB  . LYS A 1 65  ? -15.195 -2.238  4.380   1.00 25.64 ? 65   LYS A CB  1 
ATOM   466  C CG  . LYS A 1 65  ? -15.286 -0.732  4.111   1.00 29.03 ? 65   LYS A CG  1 
ATOM   467  C CD  . LYS A 1 65  ? -15.818 -0.493  2.720   1.00 34.59 ? 65   LYS A CD  1 
ATOM   468  C CE  . LYS A 1 65  ? -15.838 0.979   2.362   1.00 38.69 ? 65   LYS A CE  1 
ATOM   469  N NZ  . LYS A 1 65  ? -15.804 1.133   0.878   1.00 42.47 ? 65   LYS A NZ  1 
ATOM   470  N N   . GLY A 1 66  ? -13.748 -4.925  5.359   1.00 22.33 ? 66   GLY A N   1 
ATOM   471  C CA  . GLY A 1 66  ? -13.781 -6.343  5.700   1.00 21.48 ? 66   GLY A CA  1 
ATOM   472  C C   . GLY A 1 66  ? -12.403 -6.695  6.235   1.00 22.02 ? 66   GLY A C   1 
ATOM   473  O O   . GLY A 1 66  ? -11.677 -5.819  6.697   1.00 20.67 ? 66   GLY A O   1 
ATOM   474  N N   . ALA A 1 67  ? -12.026 -7.968  6.179   1.00 21.69 ? 67   ALA A N   1 
ATOM   475  C CA  . ALA A 1 67  ? -10.711 -8.363  6.650   1.00 20.79 ? 67   ALA A CA  1 
ATOM   476  C C   . ALA A 1 67  ? -9.633  -7.878  5.676   1.00 22.29 ? 67   ALA A C   1 
ATOM   477  O O   . ALA A 1 67  ? -9.852  -7.811  4.462   1.00 24.30 ? 67   ALA A O   1 
ATOM   478  C CB  . ALA A 1 67  ? -10.642 -9.863  6.771   1.00 23.10 ? 67   ALA A CB  1 
ATOM   479  N N   . ALA A 1 68  ? -8.478  -7.505  6.190   1.00 19.69 ? 68   ALA A N   1 
ATOM   480  C CA  . ALA A 1 68  ? -7.398  -7.098  5.286   1.00 19.81 ? 68   ALA A CA  1 
ATOM   481  C C   . ALA A 1 68  ? -6.503  -8.308  5.141   1.00 19.57 ? 68   ALA A C   1 
ATOM   482  O O   . ALA A 1 68  ? -6.262  -9.025  6.125   1.00 21.48 ? 68   ALA A O   1 
ATOM   483  C CB  . ALA A 1 68  ? -6.610  -5.930  5.882   1.00 23.63 ? 68   ALA A CB  1 
ATOM   484  N N   . ASP A 1 69  ? -6.040  -8.591  3.925   1.00 19.54 ? 69   ASP A N   1 
ATOM   485  C CA  . ASP A 1 69  ? -5.127  -9.720  3.726   1.00 19.89 ? 69   ASP A CA  1 
ATOM   486  C C   . ASP A 1 69  ? -3.755  -9.461  4.345   1.00 20.71 ? 69   ASP A C   1 
ATOM   487  O O   . ASP A 1 69  ? -3.126  -10.363 4.892   1.00 20.79 ? 69   ASP A O   1 
ATOM   488  C CB  . ASP A 1 69  ? -4.960  -10.005 2.238   1.00 22.84 ? 69   ASP A CB  1 
ATOM   489  C CG  . ASP A 1 69  ? -6.219  -10.536 1.619   1.00 26.80 ? 69   ASP A CG  1 
ATOM   490  O OD1 . ASP A 1 69  ? -7.012  -9.763  1.051   1.00 25.74 ? 69   ASP A OD1 1 
ATOM   491  O OD2 . ASP A 1 69  ? -6.432  -11.759 1.729   1.00 32.34 ? 69   ASP A OD2 1 
ATOM   492  N N   . THR A 1 70  ? -3.290  -8.223  4.249   1.00 20.50 ? 70   THR A N   1 
ATOM   493  C CA  . THR A 1 70  ? -1.994  -7.842  4.786   1.00 18.98 ? 70   THR A CA  1 
ATOM   494  C C   . THR A 1 70  ? -2.136  -6.428  5.343   1.00 18.74 ? 70   THR A C   1 
ATOM   495  O O   . THR A 1 70  ? -2.902  -5.633  4.812   1.00 19.52 ? 70   THR A O   1 
ATOM   496  C CB  . THR A 1 70  ? -0.907  -7.799  3.688   1.00 21.72 ? 70   THR A CB  1 
ATOM   497  O OG1 . THR A 1 70  ? -1.029  -8.952  2.846   1.00 27.46 ? 70   THR A OG1 1 
ATOM   498  C CG2 . THR A 1 70  ? 0.456   -7.796  4.323   1.00 21.35 ? 70   THR A CG2 1 
ATOM   499  N N   . THR A 1 71  ? -1.406  -6.142  6.414   1.00 19.09 ? 71   THR A N   1 
ATOM   500  C CA  . THR A 1 71  ? -1.405  -4.824  7.032   1.00 19.30 ? 71   THR A CA  1 
ATOM   501  C C   . THR A 1 71  ? 0.050   -4.408  7.096   1.00 20.37 ? 71   THR A C   1 
ATOM   502  O O   . THR A 1 71  ? 0.897   -5.178  7.544   1.00 21.63 ? 71   THR A O   1 
ATOM   503  C CB  . THR A 1 71  ? -2.027  -4.874  8.439   1.00 20.14 ? 71   THR A CB  1 
ATOM   504  O OG1 . THR A 1 71  ? -3.373  -5.348  8.318   1.00 18.57 ? 71   THR A OG1 1 
ATOM   505  C CG2 . THR A 1 71  ? -2.015  -3.494  9.084   1.00 22.08 ? 71   THR A CG2 1 
ATOM   506  N N   . ILE A 1 72  ? 0.344   -3.211  6.608   1.00 16.87 ? 72   ILE A N   1 
ATOM   507  C CA  . ILE A 1 72  ? 1.696   -2.693  6.569   1.00 18.21 ? 72   ILE A CA  1 
ATOM   508  C C   . ILE A 1 72  ? 1.751   -1.473  7.478   1.00 17.44 ? 72   ILE A C   1 
ATOM   509  O O   . ILE A 1 72  ? 0.906   -0.580  7.381   1.00 17.56 ? 72   ILE A O   1 
ATOM   510  C CB  . ILE A 1 72  ? 2.089   -2.288  5.126   1.00 18.32 ? 72   ILE A CB  1 
ATOM   511  C CG1 . ILE A 1 72  ? 1.958   -3.493  4.193   1.00 22.01 ? 72   ILE A CG1 1 
ATOM   512  C CG2 . ILE A 1 72  ? 3.491   -1.717  5.114   1.00 19.52 ? 72   ILE A CG2 1 
ATOM   513  C CD1 . ILE A 1 72  ? 0.531   -3.707  3.676   1.00 26.59 ? 72   ILE A CD1 1 
ATOM   514  N N   . ILE A 1 73  ? 2.745   -1.445  8.365   1.00 16.74 ? 73   ILE A N   1 
ATOM   515  C CA  . ILE A 1 73  ? 2.905   -0.342  9.322   1.00 18.11 ? 73   ILE A CA  1 
ATOM   516  C C   . ILE A 1 73  ? 4.290   0.281   9.161   1.00 17.03 ? 73   ILE A C   1 
ATOM   517  O O   . ILE A 1 73  ? 5.294   -0.397  9.301   1.00 18.66 ? 73   ILE A O   1 
ATOM   518  C CB  . ILE A 1 73  ? 2.727   -0.850  10.790  1.00 18.05 ? 73   ILE A CB  1 
ATOM   519  C CG1 . ILE A 1 73  ? 1.371   -1.569  10.951  1.00 18.29 ? 73   ILE A CG1 1 
ATOM   520  C CG2 . ILE A 1 73  ? 2.750   0.327   11.780  1.00 18.72 ? 73   ILE A CG2 1 
ATOM   521  C CD1 . ILE A 1 73  ? 1.500   -3.072  10.847  1.00 23.14 ? 73   ILE A CD1 1 
ATOM   522  N N   . LEU A 1 74  ? 4.345   1.581   8.882   1.00 17.42 ? 74   LEU A N   1 
ATOM   523  C CA  . LEU A 1 74  ? 5.618   2.247   8.694   1.00 16.99 ? 74   LEU A CA  1 
ATOM   524  C C   . LEU A 1 74  ? 5.399   3.746   8.835   1.00 17.67 ? 74   LEU A C   1 
ATOM   525  O O   . LEU A 1 74  ? 4.256   4.240   8.719   1.00 18.25 ? 74   LEU A O   1 
ATOM   526  C CB  . LEU A 1 74  ? 6.173   1.914   7.293   1.00 20.19 ? 74   LEU A CB  1 
ATOM   527  C CG  . LEU A 1 74  ? 5.607   2.619   6.058   1.00 19.66 ? 74   LEU A CG  1 
ATOM   528  C CD1 . LEU A 1 74  ? 6.401   2.091   4.857   1.00 21.05 ? 74   LEU A CD1 1 
ATOM   529  C CD2 . LEU A 1 74  ? 4.104   2.370   5.853   1.00 20.66 ? 74   LEU A CD2 1 
ATOM   530  N N   . SER A 1 75  ? 6.482   4.482   9.079   1.00 18.33 ? 75   SER A N   1 
ATOM   531  C CA  . SER A 1 75  ? 6.364   5.919   9.228   1.00 19.30 ? 75   SER A CA  1 
ATOM   532  C C   . SER A 1 75  ? 6.068   6.599   7.882   1.00 19.44 ? 75   SER A C   1 
ATOM   533  O O   . SER A 1 75  ? 6.355   6.057   6.815   1.00 19.86 ? 75   SER A O   1 
ATOM   534  C CB  . SER A 1 75  ? 7.661   6.515   9.814   1.00 19.62 ? 75   SER A CB  1 
ATOM   535  O OG  . SER A 1 75  ? 8.747   6.455   8.875   1.00 19.69 ? 75   SER A OG  1 
ATOM   536  N N   . ASP A 1 76  ? 5.493   7.795   7.957   1.00 19.78 ? 76   ASP A N   1 
ATOM   537  C CA  . ASP A 1 76  ? 5.203   8.583   6.771   1.00 18.53 ? 76   ASP A CA  1 
ATOM   538  C C   . ASP A 1 76  ? 6.498   8.796   5.998   1.00 20.51 ? 76   ASP A C   1 
ATOM   539  O O   . ASP A 1 76  ? 6.539   8.671   4.763   1.00 19.44 ? 76   ASP A O   1 
ATOM   540  C CB  . ASP A 1 76  ? 4.616   9.938   7.202   1.00 21.25 ? 76   ASP A CB  1 
ATOM   541  C CG  . ASP A 1 76  ? 4.161   10.783  6.027   1.00 24.20 ? 76   ASP A CG  1 
ATOM   542  O OD1 . ASP A 1 76  ? 3.347   10.298  5.225   1.00 21.71 ? 76   ASP A OD1 1 
ATOM   543  O OD2 . ASP A 1 76  ? 4.628   11.933  5.904   1.00 24.85 ? 76   ASP A OD2 1 
ATOM   544  N N   . GLU A 1 77  ? 7.565   9.114   6.715   1.00 20.48 ? 77   GLU A N   1 
ATOM   545  C CA  . GLU A 1 77  ? 8.844   9.356   6.059   1.00 23.75 ? 77   GLU A CA  1 
ATOM   546  C C   . GLU A 1 77  ? 9.395   8.138   5.333   1.00 22.18 ? 77   GLU A C   1 
ATOM   547  O O   . GLU A 1 77  ? 9.887   8.237   4.179   1.00 21.05 ? 77   GLU A O   1 
ATOM   548  C CB  . GLU A 1 77  ? 9.869   9.869   7.086   1.00 29.26 ? 77   GLU A CB  1 
ATOM   549  C CG  . GLU A 1 77  ? 11.308  9.856   6.599   1.00 36.04 ? 77   GLU A CG  1 
ATOM   550  C CD  . GLU A 1 77  ? 11.572  10.812  5.448   1.00 41.55 ? 77   GLU A CD  1 
ATOM   551  O OE1 . GLU A 1 77  ? 11.137  11.978  5.536   1.00 43.83 ? 77   GLU A OE1 1 
ATOM   552  O OE2 . GLU A 1 77  ? 12.235  10.404  4.465   1.00 43.29 ? 77   GLU A OE2 1 
ATOM   553  N N   . ASP A 1 78  ? 9.322   6.989   5.984   1.00 19.47 ? 78   ASP A N   1 
ATOM   554  C CA  . ASP A 1 78  ? 9.829   5.772   5.381   1.00 19.28 ? 78   ASP A CA  1 
ATOM   555  C C   . ASP A 1 78  ? 8.984   5.352   4.191   1.00 20.67 ? 78   ASP A C   1 
ATOM   556  O O   . ASP A 1 78  ? 9.519   4.860   3.200   1.00 19.13 ? 78   ASP A O   1 
ATOM   557  C CB  . ASP A 1 78  ? 9.919   4.659   6.410   1.00 20.32 ? 78   ASP A CB  1 
ATOM   558  C CG  . ASP A 1 78  ? 11.141  4.796   7.291   1.00 23.18 ? 78   ASP A CG  1 
ATOM   559  O OD1 . ASP A 1 78  ? 11.987  5.668   7.000   1.00 24.89 ? 78   ASP A OD1 1 
ATOM   560  O OD2 . ASP A 1 78  ? 11.262  4.040   8.264   1.00 21.41 ? 78   ASP A OD2 1 
ATOM   561  N N   . PHE A 1 79  ? 7.673   5.559   4.282   1.00 19.09 ? 79   PHE A N   1 
ATOM   562  C CA  . PHE A 1 79  ? 6.790   5.249   3.174   1.00 18.96 ? 79   PHE A CA  1 
ATOM   563  C C   . PHE A 1 79  ? 7.219   6.121   1.974   1.00 21.12 ? 79   PHE A C   1 
ATOM   564  O O   . PHE A 1 79  ? 7.361   5.615   0.858   1.00 21.70 ? 79   PHE A O   1 
ATOM   565  C CB  . PHE A 1 79  ? 5.347   5.540   3.578   1.00 19.34 ? 79   PHE A CB  1 
ATOM   566  C CG  . PHE A 1 79  ? 4.354   5.357   2.462   1.00 21.18 ? 79   PHE A CG  1 
ATOM   567  C CD1 . PHE A 1 79  ? 4.072   6.400   1.575   1.00 23.45 ? 79   PHE A CD1 1 
ATOM   568  C CD2 . PHE A 1 79  ? 3.674   4.139   2.311   1.00 21.30 ? 79   PHE A CD2 1 
ATOM   569  C CE1 . PHE A 1 79  ? 3.095   6.221   0.535   1.00 22.96 ? 79   PHE A CE1 1 
ATOM   570  C CE2 . PHE A 1 79  ? 2.724   3.957   1.298   1.00 20.81 ? 79   PHE A CE2 1 
ATOM   571  C CZ  . PHE A 1 79  ? 2.434   5.001   0.413   1.00 22.68 ? 79   PHE A CZ  1 
ATOM   572  N N   . MET A 1 80  ? 7.431   7.420   2.194   1.00 20.63 ? 80   MET A N   1 
ATOM   573  C CA  . MET A 1 80  ? 7.884   8.283   1.085   1.00 23.44 ? 80   MET A CA  1 
ATOM   574  C C   . MET A 1 80  ? 9.247   7.815   0.534   1.00 22.05 ? 80   MET A C   1 
ATOM   575  O O   . MET A 1 80  ? 9.477   7.862   -0.674  1.00 23.68 ? 80   MET A O   1 
ATOM   576  C CB  . MET A 1 80  ? 7.989   9.739   1.543   1.00 22.32 ? 80   MET A CB  1 
ATOM   577  C CG  . MET A 1 80  ? 6.668   10.369  1.946   1.00 24.61 ? 80   MET A CG  1 
ATOM   578  S SD  . MET A 1 80  ? 5.335   10.132  0.721   1.00 27.21 ? 80   MET A SD  1 
ATOM   579  C CE  . MET A 1 80  ? 6.000   11.060  -0.674  1.00 26.75 ? 80   MET A CE  1 
ATOM   580  N N   . GLU A 1 81  ? 10.150  7.356   1.403   1.00 23.02 ? 81   GLU A N   1 
ATOM   581  C CA  . GLU A 1 81  ? 11.445  6.892   0.919   1.00 24.56 ? 81   GLU A CA  1 
ATOM   582  C C   . GLU A 1 81  ? 11.273  5.695   -0.011  1.00 25.29 ? 81   GLU A C   1 
ATOM   583  O O   . GLU A 1 81  ? 11.960  5.577   -1.037  1.00 26.16 ? 81   GLU A O   1 
ATOM   584  C CB  . GLU A 1 81  ? 12.365  6.541   2.086   1.00 24.27 ? 81   GLU A CB  1 
ATOM   585  C CG  . GLU A 1 81  ? 12.910  7.796   2.710   1.00 26.12 ? 81   GLU A CG  1 
ATOM   586  C CD  . GLU A 1 81  ? 13.866  7.536   3.833   0.75 26.52 ? 81   GLU A CD  1 
ATOM   587  O OE1 . GLU A 1 81  ? 14.485  6.460   3.846   0.75 25.42 ? 81   GLU A OE1 1 
ATOM   588  O OE2 . GLU A 1 81  ? 14.009  8.426   4.693   0.75 28.12 ? 81   GLU A OE2 1 
ATOM   589  N N   . VAL A 1 82  ? 10.338  4.818   0.343   1.00 23.56 ? 82   VAL A N   1 
ATOM   590  C CA  . VAL A 1 82  ? 10.055  3.655   -0.479  1.00 23.35 ? 82   VAL A CA  1 
ATOM   591  C C   . VAL A 1 82  ? 9.512   4.102   -1.839  1.00 24.61 ? 82   VAL A C   1 
ATOM   592  O O   . VAL A 1 82  ? 9.985   3.665   -2.884  1.00 26.68 ? 82   VAL A O   1 
ATOM   593  C CB  . VAL A 1 82  ? 9.020   2.728   0.211   1.00 24.16 ? 82   VAL A CB  1 
ATOM   594  C CG1 . VAL A 1 82  ? 8.462   1.702   -0.792  1.00 23.81 ? 82   VAL A CG1 1 
ATOM   595  C CG2 . VAL A 1 82  ? 9.674   2.037   1.389   1.00 22.26 ? 82   VAL A CG2 1 
ATOM   596  N N   . VAL A 1 83  ? 8.527   4.981   -1.805  1.00 26.14 ? 83   VAL A N   1 
ATOM   597  C CA  . VAL A 1 83  ? 7.897   5.485   -3.012  1.00 28.42 ? 83   VAL A CA  1 
ATOM   598  C C   . VAL A 1 83  ? 8.893   6.169   -3.936  1.00 29.81 ? 83   VAL A C   1 
ATOM   599  O O   . VAL A 1 83  ? 8.838   5.970   -5.146  1.00 30.57 ? 83   VAL A O   1 
ATOM   600  C CB  . VAL A 1 83  ? 6.743   6.441   -2.644  1.00 28.71 ? 83   VAL A CB  1 
ATOM   601  C CG1 . VAL A 1 83  ? 6.322   7.298   -3.854  1.00 32.54 ? 83   VAL A CG1 1 
ATOM   602  C CG2 . VAL A 1 83  ? 5.564   5.602   -2.176  1.00 29.17 ? 83   VAL A CG2 1 
ATOM   603  N N   . LEU A 1 84  ? 9.815   6.946   -3.369  1.00 30.31 ? 84   LEU A N   1 
ATOM   604  C CA  . LEU A 1 84  ? 10.811  7.660   -4.165  1.00 32.02 ? 84   LEU A CA  1 
ATOM   605  C C   . LEU A 1 84  ? 11.994  6.785   -4.567  1.00 35.13 ? 84   LEU A C   1 
ATOM   606  O O   . LEU A 1 84  ? 12.935  7.273   -5.195  1.00 36.25 ? 84   LEU A O   1 
ATOM   607  C CB  . LEU A 1 84  ? 11.336  8.871   -3.396  1.00 32.71 ? 84   LEU A CB  1 
ATOM   608  C CG  . LEU A 1 84  ? 10.304  9.921   -2.995  1.00 34.62 ? 84   LEU A CG  1 
ATOM   609  C CD1 . LEU A 1 84  ? 10.981  10.974  -2.131  1.00 36.73 ? 84   LEU A CD1 1 
ATOM   610  C CD2 . LEU A 1 84  ? 9.675   10.529  -4.235  1.00 36.25 ? 84   LEU A CD2 1 
ATOM   611  N N   . GLY A 1 85  ? 11.945  5.506   -4.212  1.00 33.21 ? 85   GLY A N   1 
ATOM   612  C CA  . GLY A 1 85  ? 13.026  4.590   -4.536  1.00 35.03 ? 85   GLY A CA  1 
ATOM   613  C C   . GLY A 1 85  ? 14.290  4.758   -3.704  1.00 35.20 ? 85   GLY A C   1 
ATOM   614  O O   . GLY A 1 85  ? 15.342  4.257   -4.089  1.00 39.25 ? 85   GLY A O   1 
ATOM   615  N N   . LYS A 1 86  ? 14.199  5.447   -2.572  1.00 34.52 ? 86   LYS A N   1 
ATOM   616  C CA  . LYS A 1 86  ? 15.348  5.678   -1.698  1.00 34.43 ? 86   LYS A CA  1 
ATOM   617  C C   . LYS A 1 86  ? 15.504  4.619   -0.595  1.00 32.84 ? 86   LYS A C   1 
ATOM   618  O O   . LYS A 1 86  ? 16.526  4.579   0.096   1.00 35.70 ? 86   LYS A O   1 
ATOM   619  C CB  . LYS A 1 86  ? 15.231  7.060   -1.048  1.00 35.84 ? 86   LYS A CB  1 
ATOM   620  C CG  . LYS A 1 86  ? 15.231  8.213   -2.048  1.00 40.42 ? 86   LYS A CG  1 
ATOM   621  C CD  . LYS A 1 86  ? 14.732  9.521   -1.432  1.00 43.20 ? 86   LYS A CD  1 
ATOM   622  C CE  . LYS A 1 86  ? 15.686  10.073  -0.366  1.00 44.31 ? 86   LYS A CE  1 
ATOM   623  N NZ  . LYS A 1 86  ? 15.188  11.380  0.196   1.00 44.03 ? 86   LYS A NZ  1 
ATOM   624  N N   . LEU A 1 87  ? 14.481  3.787   -0.413  1.00 31.04 ? 87   LEU A N   1 
ATOM   625  C CA  . LEU A 1 87  ? 14.492  2.731   0.620   1.00 27.01 ? 87   LEU A CA  1 
ATOM   626  C C   . LEU A 1 87  ? 13.839  1.496   0.020   1.00 26.12 ? 87   LEU A C   1 
ATOM   627  O O   . LEU A 1 87  ? 12.713  1.553   -0.489  1.00 25.10 ? 87   LEU A O   1 
ATOM   628  C CB  . LEU A 1 87  ? 13.711  3.188   1.869   1.00 27.44 ? 87   LEU A CB  1 
ATOM   629  C CG  . LEU A 1 87  ? 13.593  2.229   3.064   1.00 26.67 ? 87   LEU A CG  1 
ATOM   630  C CD1 . LEU A 1 87  ? 15.000  1.960   3.669   1.00 28.89 ? 87   LEU A CD1 1 
ATOM   631  C CD2 . LEU A 1 87  ? 12.672  2.841   4.125   1.00 22.79 ? 87   LEU A CD2 1 
ATOM   632  N N   . ASP A 1 88  ? 14.569  0.388   0.034   1.00 25.47 ? 88   ASP A N   1 
ATOM   633  C CA  . ASP A 1 88  ? 14.071  -0.871  -0.498  1.00 23.83 ? 88   ASP A CA  1 
ATOM   634  C C   . ASP A 1 88  ? 13.094  -1.413  0.551   1.00 25.52 ? 88   ASP A C   1 
ATOM   635  O O   . ASP A 1 88  ? 13.455  -1.551  1.708   1.00 23.51 ? 88   ASP A O   1 
ATOM   636  C CB  . ASP A 1 88  ? 15.235  -1.842  -0.692  1.00 28.01 ? 88   ASP A CB  1 
ATOM   637  C CG  . ASP A 1 88  ? 14.792  -3.156  -1.271  1.00 28.83 ? 88   ASP A CG  1 
ATOM   638  O OD1 . ASP A 1 88  ? 14.114  -3.911  -0.554  1.00 28.22 ? 88   ASP A OD1 1 
ATOM   639  O OD2 . ASP A 1 88  ? 15.106  -3.426  -2.456  1.00 33.95 ? 88   ASP A OD2 1 
ATOM   640  N N   . PRO A 1 89  ? 11.851  -1.713  0.150   1.00 26.83 ? 89   PRO A N   1 
ATOM   641  C CA  . PRO A 1 89  ? 10.883  -2.215  1.130   1.00 26.97 ? 89   PRO A CA  1 
ATOM   642  C C   . PRO A 1 89  ? 11.240  -3.553  1.760   1.00 24.79 ? 89   PRO A C   1 
ATOM   643  O O   . PRO A 1 89  ? 10.881  -3.801  2.913   1.00 24.25 ? 89   PRO A O   1 
ATOM   644  C CB  . PRO A 1 89  ? 9.569   -2.231  0.348   1.00 28.19 ? 89   PRO A CB  1 
ATOM   645  C CG  . PRO A 1 89  ? 10.006  -2.520  -1.038  1.00 28.50 ? 89   PRO A CG  1 
ATOM   646  C CD  . PRO A 1 89  ? 11.257  -1.653  -1.200  1.00 26.19 ? 89   PRO A CD  1 
ATOM   647  N N   . GLN A 1 90  ? 11.950  -4.417  1.030   1.00 24.59 ? 90   GLN A N   1 
ATOM   648  C CA  . GLN A 1 90  ? 12.329  -5.690  1.626   1.00 24.58 ? 90   GLN A CA  1 
ATOM   649  C C   . GLN A 1 90  ? 13.436  -5.416  2.644   1.00 23.10 ? 90   GLN A C   1 
ATOM   650  O O   . GLN A 1 90  ? 13.458  -6.007  3.723   1.00 20.95 ? 90   GLN A O   1 
ATOM   651  C CB  . GLN A 1 90  ? 12.815  -6.686  0.562   1.00 28.26 ? 90   GLN A CB  1 
ATOM   652  C CG  . GLN A 1 90  ? 11.699  -7.393  -0.199  1.00 33.08 ? 90   GLN A CG  1 
ATOM   653  C CD  . GLN A 1 90  ? 10.829  -6.447  -1.003  1.00 37.04 ? 90   GLN A CD  1 
ATOM   654  O OE1 . GLN A 1 90  ? 11.308  -5.754  -1.910  1.00 39.37 ? 90   GLN A OE1 1 
ATOM   655  N NE2 . GLN A 1 90  ? 9.537   -6.408  -0.674  1.00 38.66 ? 90   GLN A NE2 1 
ATOM   656  N N   . LYS A 1 91  ? 14.359  -4.507  2.327   1.00 22.02 ? 91   LYS A N   1 
ATOM   657  C CA  . LYS A 1 91  ? 15.400  -4.226  3.292   1.00 21.10 ? 91   LYS A CA  1 
ATOM   658  C C   . LYS A 1 91  ? 14.804  -3.557  4.538   1.00 23.35 ? 91   LYS A C   1 
ATOM   659  O O   . LYS A 1 91  ? 15.242  -3.823  5.664   1.00 23.69 ? 91   LYS A O   1 
ATOM   660  C CB  . LYS A 1 91  ? 16.480  -3.339  2.670   1.00 22.86 ? 91   LYS A CB  1 
ATOM   661  C CG  . LYS A 1 91  ? 17.228  -4.045  1.518   1.00 23.60 ? 91   LYS A CG  1 
ATOM   662  C CD  . LYS A 1 91  ? 18.392  -3.186  1.040   1.00 27.81 ? 91   LYS A CD  1 
ATOM   663  C CE  . LYS A 1 91  ? 19.138  -3.835  -0.127  1.00 29.92 ? 91   LYS A CE  1 
ATOM   664  N NZ  . LYS A 1 91  ? 20.319  -3.026  -0.543  1.00 33.77 ? 91   LYS A NZ  1 
ATOM   665  N N   . ALA A 1 92  ? 13.800  -2.702  4.325   1.00 20.74 ? 92   ALA A N   1 
ATOM   666  C CA  . ALA A 1 92  ? 13.125  -2.010  5.420   1.00 20.15 ? 92   ALA A CA  1 
ATOM   667  C C   . ALA A 1 92  ? 12.413  -3.017  6.301   1.00 19.61 ? 92   ALA A C   1 
ATOM   668  O O   . ALA A 1 92  ? 12.361  -2.862  7.505   1.00 19.48 ? 92   ALA A O   1 
ATOM   669  C CB  . ALA A 1 92  ? 12.117  -0.990  4.872   1.00 20.73 ? 92   ALA A CB  1 
ATOM   670  N N   . PHE A 1 93  ? 11.871  -4.058  5.689   1.00 20.60 ? 93   PHE A N   1 
ATOM   671  C CA  . PHE A 1 93  ? 11.167  -5.084  6.448   1.00 21.35 ? 93   PHE A CA  1 
ATOM   672  C C   . PHE A 1 93  ? 12.150  -5.853  7.310   1.00 21.40 ? 93   PHE A C   1 
ATOM   673  O O   . PHE A 1 93  ? 11.923  -6.048  8.499   1.00 20.00 ? 93   PHE A O   1 
ATOM   674  C CB  . PHE A 1 93  ? 10.464  -6.061  5.506   1.00 23.13 ? 93   PHE A CB  1 
ATOM   675  C CG  . PHE A 1 93  ? 9.841   -7.239  6.217   1.00 24.52 ? 93   PHE A CG  1 
ATOM   676  C CD1 . PHE A 1 93  ? 8.623   -7.105  6.890   1.00 23.64 ? 93   PHE A CD1 1 
ATOM   677  C CD2 . PHE A 1 93  ? 10.489  -8.480  6.240   1.00 25.43 ? 93   PHE A CD2 1 
ATOM   678  C CE1 . PHE A 1 93  ? 8.058   -8.180  7.568   1.00 23.52 ? 93   PHE A CE1 1 
ATOM   679  C CE2 . PHE A 1 93  ? 9.927   -9.570  6.924   1.00 27.00 ? 93   PHE A CE2 1 
ATOM   680  C CZ  . PHE A 1 93  ? 8.709   -9.423  7.587   1.00 26.36 ? 93   PHE A CZ  1 
ATOM   681  N N   . PHE A 1 94  ? 13.264  -6.276  6.732   1.00 21.92 ? 94   PHE A N   1 
ATOM   682  C CA  . PHE A 1 94  ? 14.211  -7.039  7.536   1.00 22.90 ? 94   PHE A CA  1 
ATOM   683  C C   . PHE A 1 94  ? 14.966  -6.208  8.569   1.00 24.50 ? 94   PHE A C   1 
ATOM   684  O O   . PHE A 1 94  ? 15.429  -6.756  9.569   1.00 27.87 ? 94   PHE A O   1 
ATOM   685  C CB  . PHE A 1 94  ? 15.150  -7.845  6.623   1.00 24.36 ? 94   PHE A CB  1 
ATOM   686  C CG  . PHE A 1 94  ? 14.432  -8.940  5.874   1.00 26.63 ? 94   PHE A CG  1 
ATOM   687  C CD1 . PHE A 1 94  ? 13.891  -10.018 6.566   1.00 29.46 ? 94   PHE A CD1 1 
ATOM   688  C CD2 . PHE A 1 94  ? 14.209  -8.843  4.507   1.00 29.15 ? 94   PHE A CD2 1 
ATOM   689  C CE1 . PHE A 1 94  ? 13.121  -10.991 5.907   1.00 28.61 ? 94   PHE A CE1 1 
ATOM   690  C CE2 . PHE A 1 94  ? 13.436  -9.814  3.833   1.00 29.23 ? 94   PHE A CE2 1 
ATOM   691  C CZ  . PHE A 1 94  ? 12.897  -10.882 4.546   1.00 29.06 ? 94   PHE A CZ  1 
ATOM   692  N N   . SER A 1 95  ? 15.057  -4.890  8.367   1.00 23.30 ? 95   SER A N   1 
ATOM   693  C CA  . SER A 1 95  ? 15.741  -4.043  9.333   1.00 24.72 ? 95   SER A CA  1 
ATOM   694  C C   . SER A 1 95  ? 14.769  -3.604  10.438  1.00 26.08 ? 95   SER A C   1 
ATOM   695  O O   . SER A 1 95  ? 15.180  -2.958  11.411  1.00 27.27 ? 95   SER A O   1 
ATOM   696  C CB  . SER A 1 95  ? 16.360  -2.808  8.655   1.00 26.45 ? 95   SER A CB  1 
ATOM   697  O OG  . SER A 1 95  ? 15.365  -1.903  8.196   1.00 28.83 ? 95   SER A OG  1 
ATOM   698  N N   . GLY A 1 96  ? 13.490  -3.948  10.277  1.00 24.06 ? 96   GLY A N   1 
ATOM   699  C CA  . GLY A 1 96  ? 12.487  -3.610  11.270  1.00 25.67 ? 96   GLY A CA  1 
ATOM   700  C C   . GLY A 1 96  ? 11.774  -2.278  11.104  1.00 26.63 ? 96   GLY A C   1 
ATOM   701  O O   . GLY A 1 96  ? 10.930  -1.932  11.942  1.00 27.11 ? 96   GLY A O   1 
ATOM   702  N N   . ARG A 1 97  ? 12.090  -1.532  10.043  1.00 25.76 ? 97   ARG A N   1 
ATOM   703  C CA  . ARG A 1 97  ? 11.457  -0.223  9.787   1.00 24.40 ? 97   ARG A CA  1 
ATOM   704  C C   . ARG A 1 97  ? 10.065  -0.393  9.209   1.00 24.75 ? 97   ARG A C   1 
ATOM   705  O O   . ARG A 1 97  ? 9.196   0.444   9.412   1.00 25.71 ? 97   ARG A O   1 
ATOM   706  C CB  . ARG A 1 97  ? 12.308  0.622   8.817   1.00 26.23 ? 97   ARG A CB  1 
ATOM   707  C CG  . ARG A 1 97  ? 13.619  1.108   9.430   1.00 27.59 ? 97   ARG A CG  1 
ATOM   708  C CD  . ARG A 1 97  ? 14.552  1.712   8.404   1.00 26.77 ? 97   ARG A CD  1 
ATOM   709  N NE  . ARG A 1 97  ? 14.106  3.015   7.905   1.00 28.49 ? 97   ARG A NE  1 
ATOM   710  C CZ  . ARG A 1 97  ? 14.846  3.770   7.095   1.00 30.81 ? 97   ARG A CZ  1 
ATOM   711  N NH1 . ARG A 1 97  ? 16.044  3.335   6.715   1.00 32.70 ? 97   ARG A NH1 1 
ATOM   712  N NH2 . ARG A 1 97  ? 14.416  4.950   6.668   1.00 32.35 ? 97   ARG A NH2 1 
ATOM   713  N N   . LEU A 1 98  ? 9.854   -1.484  8.481   1.00 23.64 ? 98   LEU A N   1 
ATOM   714  C CA  . LEU A 1 98  ? 8.541   -1.732  7.869   1.00 21.22 ? 98   LEU A CA  1 
ATOM   715  C C   . LEU A 1 98  ? 7.981   -2.994  8.490   1.00 21.35 ? 98   LEU A C   1 
ATOM   716  O O   . LEU A 1 98  ? 8.619   -4.039  8.439   1.00 21.99 ? 98   LEU A O   1 
ATOM   717  C CB  . LEU A 1 98  ? 8.686   -1.914  6.349   1.00 21.95 ? 98   LEU A CB  1 
ATOM   718  C CG  . LEU A 1 98  ? 7.455   -2.086  5.427   1.00 22.09 ? 98   LEU A CG  1 
ATOM   719  C CD1 . LEU A 1 98  ? 7.868   -1.771  3.971   1.00 23.20 ? 98   LEU A CD1 1 
ATOM   720  C CD2 . LEU A 1 98  ? 6.888   -3.504  5.516   1.00 19.37 ? 98   LEU A CD2 1 
ATOM   721  N N   . LYS A 1 99  ? 6.813   -2.895  9.126   1.00 18.07 ? 99   LYS A N   1 
ATOM   722  C CA  . LYS A 1 99  ? 6.186   -4.078  9.711   1.00 18.88 ? 99   LYS A CA  1 
ATOM   723  C C   . LYS A 1 99  ? 5.092   -4.564  8.778   1.00 20.13 ? 99   LYS A C   1 
ATOM   724  O O   . LYS A 1 99  ? 4.403   -3.759  8.167   1.00 18.12 ? 99   LYS A O   1 
ATOM   725  C CB  . LYS A 1 99  ? 5.579   -3.737  11.085  1.00 18.25 ? 99   LYS A CB  1 
ATOM   726  C CG  . LYS A 1 99  ? 6.607   -3.313  12.090  1.00 19.64 ? 99   LYS A CG  1 
ATOM   727  C CD  . LYS A 1 99  ? 5.923   -2.941  13.397  1.00 21.51 ? 99   LYS A CD  1 
ATOM   728  C CE  . LYS A 1 99  ? 6.915   -2.400  14.396  1.00 23.90 ? 99   LYS A CE  1 
ATOM   729  N NZ  . LYS A 1 99  ? 6.163   -2.105  15.630  1.00 24.92 ? 99   LYS A NZ  1 
ATOM   730  N N   . ALA A 1 100 ? 4.945   -5.882  8.636   1.00 19.09 ? 100  ALA A N   1 
ATOM   731  C CA  . ALA A 1 100 ? 3.914   -6.421  7.770   1.00 21.40 ? 100  ALA A CA  1 
ATOM   732  C C   . ALA A 1 100 ? 3.260   -7.545  8.543   1.00 23.66 ? 100  ALA A C   1 
ATOM   733  O O   . ALA A 1 100 ? 3.956   -8.422  9.081   1.00 25.89 ? 100  ALA A O   1 
ATOM   734  C CB  . ALA A 1 100 ? 4.508   -6.960  6.470   1.00 21.55 ? 100  ALA A CB  1 
ATOM   735  N N   . ARG A 1 101 ? 1.938   -7.497  8.636   1.00 22.41 ? 101  ARG A N   1 
ATOM   736  C CA  . ARG A 1 101 ? 1.170   -8.518  9.337   1.00 22.23 ? 101  ARG A CA  1 
ATOM   737  C C   . ARG A 1 101 ? 0.262   -9.209  8.324   1.00 23.96 ? 101  ARG A C   1 
ATOM   738  O O   . ARG A 1 101 ? -0.038  -8.660  7.258   1.00 21.22 ? 101  ARG A O   1 
ATOM   739  C CB  . ARG A 1 101 ? 0.313   -7.872  10.418  1.00 22.49 ? 101  ARG A CB  1 
ATOM   740  C CG  . ARG A 1 101 ? 1.131   -7.077  11.404  1.00 22.36 ? 101  ARG A CG  1 
ATOM   741  C CD  . ARG A 1 101 ? 0.253   -6.618  12.514  1.00 24.48 ? 101  ARG A CD  1 
ATOM   742  N NE  . ARG A 1 101 ? -0.068  -7.743  13.379  1.00 28.75 ? 101  ARG A NE  1 
ATOM   743  C CZ  . ARG A 1 101 ? -0.748  -7.644  14.517  1.00 28.73 ? 101  ARG A CZ  1 
ATOM   744  N NH1 . ARG A 1 101 ? -1.189  -6.463  14.943  1.00 29.30 ? 101  ARG A NH1 1 
ATOM   745  N NH2 . ARG A 1 101 ? -0.985  -8.737  15.226  1.00 31.36 ? 101  ARG A NH2 1 
ATOM   746  N N   . GLY A 1 102 ? -0.194  -10.411 8.658   1.00 25.20 ? 102  GLY A N   1 
ATOM   747  C CA  . GLY A 1 102 ? -1.054  -11.131 7.733   1.00 26.55 ? 102  GLY A CA  1 
ATOM   748  C C   . GLY A 1 102 ? -0.254  -11.876 6.677   1.00 28.36 ? 102  GLY A C   1 
ATOM   749  O O   . GLY A 1 102 ? 0.800   -12.472 6.971   1.00 28.86 ? 102  GLY A O   1 
ATOM   750  N N   . ASN A 1 103 ? -0.739  -11.854 5.440   1.00 26.70 ? 103  ASN A N   1 
ATOM   751  C CA  . ASN A 1 103 ? -0.055  -12.540 4.350   1.00 29.24 ? 103  ASN A CA  1 
ATOM   752  C C   . ASN A 1 103 ? 1.025   -11.612 3.804   1.00 28.83 ? 103  ASN A C   1 
ATOM   753  O O   . ASN A 1 103 ? 0.821   -10.895 2.826   1.00 29.11 ? 103  ASN A O   1 
ATOM   754  C CB  . ASN A 1 103 ? -1.056  -12.898 3.245   1.00 31.54 ? 103  ASN A CB  1 
ATOM   755  C CG  . ASN A 1 103 ? -0.508  -13.940 2.279   1.00 35.04 ? 103  ASN A CG  1 
ATOM   756  O OD1 . ASN A 1 103 ? 0.669   -13.898 1.915   1.00 36.78 ? 103  ASN A OD1 1 
ATOM   757  N ND2 . ASN A 1 103 ? -1.364  -14.864 1.844   1.00 35.39 ? 103  ASN A ND2 1 
ATOM   758  N N   . ILE A 1 104 ? 2.174   -11.633 4.471   1.00 30.40 ? 104  ILE A N   1 
ATOM   759  C CA  . ILE A 1 104 ? 3.317   -10.787 4.138   1.00 32.39 ? 104  ILE A CA  1 
ATOM   760  C C   . ILE A 1 104 ? 3.745   -10.794 2.669   1.00 34.72 ? 104  ILE A C   1 
ATOM   761  O O   . ILE A 1 104 ? 3.992   -9.731  2.082   1.00 35.10 ? 104  ILE A O   1 
ATOM   762  C CB  . ILE A 1 104 ? 4.527   -11.170 5.031   1.00 32.19 ? 104  ILE A CB  1 
ATOM   763  C CG1 . ILE A 1 104 ? 4.184   -10.881 6.488   1.00 33.57 ? 104  ILE A CG1 1 
ATOM   764  C CG2 . ILE A 1 104 ? 5.770   -10.381 4.626   1.00 31.17 ? 104  ILE A CG2 1 
ATOM   765  C CD1 . ILE A 1 104 ? 5.216   -11.403 7.480   1.00 36.11 ? 104  ILE A CD1 1 
ATOM   766  N N   . MET A 1 105 ? 3.822   -11.974 2.067   1.00 35.08 ? 105  MET A N   1 
ATOM   767  C CA  . MET A 1 105 ? 4.250   -12.058 0.679   1.00 37.31 ? 105  MET A CA  1 
ATOM   768  C C   . MET A 1 105 ? 3.296   -11.416 -0.330  1.00 38.46 ? 105  MET A C   1 
ATOM   769  O O   . MET A 1 105 ? 3.688   -11.101 -1.459  1.00 39.72 ? 105  MET A O   1 
ATOM   770  C CB  . MET A 1 105 ? 4.534   -13.517 0.297   1.00 36.88 ? 105  MET A CB  1 
ATOM   771  C CG  . MET A 1 105 ? 5.798   -14.066 0.954   1.00 37.13 ? 105  MET A CG  1 
ATOM   772  S SD  . MET A 1 105 ? 7.186   -12.882 0.827   0.50 35.05 ? 105  MET A SD  1 
ATOM   773  C CE  . MET A 1 105 ? 7.634   -13.075 -0.875  1.00 35.58 ? 105  MET A CE  1 
ATOM   774  N N   . LEU A 1 106 ? 2.050   -11.212 0.071   1.00 38.54 ? 106  LEU A N   1 
ATOM   775  C CA  . LEU A 1 106 ? 1.086   -10.582 -0.814  1.00 38.83 ? 106  LEU A CA  1 
ATOM   776  C C   . LEU A 1 106 ? 1.488   -9.146  -1.097  1.00 39.03 ? 106  LEU A C   1 
ATOM   777  O O   . LEU A 1 106 ? 1.269   -8.633  -2.199  1.00 40.67 ? 106  LEU A O   1 
ATOM   778  C CB  . LEU A 1 106 ? -0.310  -10.582 -0.183  1.00 38.66 ? 106  LEU A CB  1 
ATOM   779  C CG  . LEU A 1 106 ? -1.103  -11.871 -0.280  1.00 37.60 ? 106  LEU A CG  1 
ATOM   780  C CD1 . LEU A 1 106 ? -2.468  -11.656 0.346   1.00 38.26 ? 106  LEU A CD1 1 
ATOM   781  C CD2 . LEU A 1 106 ? -1.232  -12.273 -1.729  1.00 38.84 ? 106  LEU A CD2 1 
ATOM   782  N N   . SER A 1 107 ? 2.059   -8.479  -0.102  1.00 39.17 ? 107  SER A N   1 
ATOM   783  C CA  . SER A 1 107 ? 2.449   -7.084  -0.282  1.00 40.67 ? 107  SER A CA  1 
ATOM   784  C C   . SER A 1 107 ? 3.584   -6.933  -1.288  1.00 40.44 ? 107  SER A C   1 
ATOM   785  O O   . SER A 1 107 ? 3.740   -5.889  -1.922  1.00 39.99 ? 107  SER A O   1 
ATOM   786  C CB  . SER A 1 107 ? 2.850   -6.474  1.063   1.00 41.19 ? 107  SER A CB  1 
ATOM   787  O OG  . SER A 1 107 ? 3.798   -7.289  1.727   1.00 42.49 ? 107  SER A OG  1 
ATOM   788  N N   . GLN A 1 108 ? 4.376   -7.988  -1.423  1.00 40.68 ? 108  GLN A N   1 
ATOM   789  C CA  . GLN A 1 108 ? 5.483   -7.981  -2.346  1.00 42.24 ? 108  GLN A CA  1 
ATOM   790  C C   . GLN A 1 108 ? 4.896   -8.220  -3.735  1.00 41.94 ? 108  GLN A C   1 
ATOM   791  O O   . GLN A 1 108 ? 5.428   -7.744  -4.737  1.00 42.63 ? 108  GLN A O   1 
ATOM   792  C CB  . GLN A 1 108 ? 6.483   -9.063  -1.946  1.00 43.99 ? 108  GLN A CB  1 
ATOM   793  C CG  . GLN A 1 108 ? 7.820   -8.972  -2.652  1.00 48.57 ? 108  GLN A CG  1 
ATOM   794  C CD  . GLN A 1 108 ? 8.941   -9.603  -1.845  0.75 49.87 ? 108  GLN A CD  1 
ATOM   795  O OE1 . GLN A 1 108 ? 8.757   -10.639 -1.210  0.75 52.18 ? 108  GLN A OE1 1 
ATOM   796  N NE2 . GLN A 1 108 ? 10.110  -8.985  -1.878  0.00 50.12 ? 108  GLN A NE2 1 
ATOM   797  N N   . LYS A 1 109 ? 3.777   -8.935  -3.784  1.00 41.53 ? 109  LYS A N   1 
ATOM   798  C CA  . LYS A 1 109 ? 3.070   -9.208  -5.041  1.00 40.64 ? 109  LYS A CA  1 
ATOM   799  C C   . LYS A 1 109 ? 2.516   -7.872  -5.560  1.00 40.12 ? 109  LYS A C   1 
ATOM   800  O O   . LYS A 1 109 ? 2.610   -7.542  -6.743  1.00 40.00 ? 109  LYS A O   1 
ATOM   801  C CB  . LYS A 1 109 ? 1.930   -10.193 -4.758  1.00 42.33 ? 109  LYS A CB  1 
ATOM   802  C CG  . LYS A 1 109 ? 1.022   -10.583 -5.919  1.00 44.01 ? 109  LYS A CG  1 
ATOM   803  C CD  . LYS A 1 109 ? -0.086  -11.500 -5.370  1.00 45.94 ? 109  LYS A CD  1 
ATOM   804  C CE  . LYS A 1 109 ? -1.177  -11.840 -6.381  1.00 47.03 ? 109  LYS A CE  1 
ATOM   805  N NZ  . LYS A 1 109 ? -2.279  -12.646 -5.735  1.00 45.68 ? 109  LYS A NZ  1 
ATOM   806  N N   . LEU A 1 110 ? 1.943   -7.104  -4.645  1.00 38.30 ? 110  LEU A N   1 
ATOM   807  C CA  . LEU A 1 110 ? 1.371   -5.797  -4.949  1.00 36.88 ? 110  LEU A CA  1 
ATOM   808  C C   . LEU A 1 110 ? 2.460   -4.825  -5.402  1.00 36.87 ? 110  LEU A C   1 
ATOM   809  O O   . LEU A 1 110 ? 2.265   -3.997  -6.303  1.00 36.09 ? 110  LEU A O   1 
ATOM   810  C CB  . LEU A 1 110 ? 0.695   -5.244  -3.689  1.00 37.63 ? 110  LEU A CB  1 
ATOM   811  C CG  . LEU A 1 110 ? 0.260   -3.791  -3.800  1.00 37.83 ? 110  LEU A CG  1 
ATOM   812  C CD1 . LEU A 1 110 ? -0.966  -3.731  -4.706  1.00 37.68 ? 110  LEU A CD1 1 
ATOM   813  C CD2 . LEU A 1 110 ? -0.049  -3.222  -2.414  1.00 37.67 ? 110  LEU A CD2 1 
ATOM   814  N N   . GLN A 1 111 ? 3.607   -4.932  -4.746  1.00 37.13 ? 111  GLN A N   1 
ATOM   815  C CA  . GLN A 1 111 ? 4.754   -4.091  -5.027  1.00 38.75 ? 111  GLN A CA  1 
ATOM   816  C C   . GLN A 1 111 ? 5.138   -4.233  -6.491  1.00 39.18 ? 111  GLN A C   1 
ATOM   817  O O   . GLN A 1 111 ? 5.194   -3.247  -7.224  1.00 39.22 ? 111  GLN A O   1 
ATOM   818  C CB  . GLN A 1 111 ? 5.910   -4.529  -4.138  1.00 40.65 ? 111  GLN A CB  1 
ATOM   819  C CG  . GLN A 1 111 ? 7.214   -3.772  -4.335  1.00 43.91 ? 111  GLN A CG  1 
ATOM   820  C CD  . GLN A 1 111 ? 8.336   -4.429  -3.562  1.00 45.48 ? 111  GLN A CD  1 
ATOM   821  O OE1 . GLN A 1 111 ? 8.089   -5.125  -2.582  1.00 44.42 ? 111  GLN A OE1 1 
ATOM   822  N NE2 . GLN A 1 111 ? 9.577   -4.209  -3.994  1.00 46.88 ? 111  GLN A NE2 1 
ATOM   823  N N   . MET A 1 112 ? 5.375   -5.474  -6.904  1.00 40.70 ? 112  MET A N   1 
ATOM   824  C CA  . MET A 1 112 ? 5.768   -5.775  -8.281  1.00 41.64 ? 112  MET A CA  1 
ATOM   825  C C   . MET A 1 112 ? 4.716   -5.420  -9.321  1.00 41.54 ? 112  MET A C   1 
ATOM   826  O O   . MET A 1 112 ? 5.051   -4.926  -10.394 1.00 40.93 ? 112  MET A O   1 
ATOM   827  C CB  . MET A 1 112 ? 6.138   -7.251  -8.400  1.00 43.04 ? 112  MET A CB  1 
ATOM   828  C CG  . MET A 1 112 ? 7.205   -7.655  -7.402  1.00 47.68 ? 112  MET A CG  1 
ATOM   829  S SD  . MET A 1 112 ? 8.579   -6.453  -7.334  0.50 48.61 ? 112  MET A SD  1 
ATOM   830  C CE  . MET A 1 112 ? 9.876   -7.372  -8.170  1.00 51.07 ? 112  MET A CE  1 
ATOM   831  N N   . ILE A 1 113 ? 3.446   -5.658  -9.015  1.00 40.58 ? 113  ILE A N   1 
ATOM   832  C CA  . ILE A 1 113 ? 2.387   -5.335  -9.963  1.00 41.52 ? 113  ILE A CA  1 
ATOM   833  C C   . ILE A 1 113 ? 2.217   -3.824  -10.148 1.00 42.23 ? 113  ILE A C   1 
ATOM   834  O O   . ILE A 1 113 ? 1.999   -3.341  -11.265 1.00 42.07 ? 113  ILE A O   1 
ATOM   835  C CB  . ILE A 1 113 ? 1.025   -5.937  -9.523  1.00 41.56 ? 113  ILE A CB  1 
ATOM   836  C CG1 . ILE A 1 113 ? 1.144   -7.459  -9.399  1.00 41.50 ? 113  ILE A CG1 1 
ATOM   837  C CG2 . ILE A 1 113 ? -0.074  -5.535  -10.516 1.00 40.88 ? 113  ILE A CG2 1 
ATOM   838  C CD1 . ILE A 1 113 ? 1.762   -8.136  -10.605 1.00 42.92 ? 113  ILE A CD1 1 
ATOM   839  N N   . LEU A 1 114 ? 2.320   -3.073  -9.056  1.00 42.58 ? 114  LEU A N   1 
ATOM   840  C CA  . LEU A 1 114 ? 2.174   -1.626  -9.137  1.00 43.58 ? 114  LEU A CA  1 
ATOM   841  C C   . LEU A 1 114 ? 3.394   -0.989  -9.812  1.00 45.42 ? 114  LEU A C   1 
ATOM   842  O O   . LEU A 1 114 ? 3.281   0.068   -10.448 1.00 45.37 ? 114  LEU A O   1 
ATOM   843  C CB  . LEU A 1 114 ? 1.953   -1.030  -7.742  1.00 43.02 ? 114  LEU A CB  1 
ATOM   844  C CG  . LEU A 1 114 ? 0.581   -1.313  -7.109  1.00 42.00 ? 114  LEU A CG  1 
ATOM   845  C CD1 . LEU A 1 114 ? 0.499   -0.620  -5.756  1.00 40.49 ? 114  LEU A CD1 1 
ATOM   846  C CD2 . LEU A 1 114 ? -0.545  -0.831  -8.047  1.00 40.97 ? 114  LEU A CD2 1 
ATOM   847  N N   . LYS A 1 115 ? 4.551   -1.635  -9.663  1.00 46.53 ? 115  LYS A N   1 
ATOM   848  C CA  . LYS A 1 115 ? 5.789   -1.166  -10.289 1.00 47.91 ? 115  LYS A CA  1 
ATOM   849  C C   . LYS A 1 115 ? 5.556   -1.161  -11.798 1.00 48.52 ? 115  LYS A C   1 
ATOM   850  O O   . LYS A 1 115 ? 5.889   -0.199  -12.489 1.00 49.54 ? 115  LYS A O   1 
ATOM   851  C CB  . LYS A 1 115 ? 6.946   -2.115  -9.978  1.00 48.32 ? 115  LYS A CB  1 
ATOM   852  C CG  . LYS A 1 115 ? 7.491   -2.042  -8.570  1.00 49.18 ? 115  LYS A CG  1 
ATOM   853  C CD  . LYS A 1 115 ? 8.611   -1.016  -8.452  1.00 50.72 ? 115  LYS A CD  1 
ATOM   854  C CE  . LYS A 1 115 ? 9.712   -1.542  -7.527  1.00 51.75 ? 115  LYS A CE  1 
ATOM   855  N NZ  . LYS A 1 115 ? 9.165   -2.075  -6.239  1.00 51.54 ? 115  LYS A NZ  1 
ATOM   856  N N   . ASP A 1 116 ? 4.984   -2.248  -12.305 1.00 48.89 ? 116  ASP A N   1 
ATOM   857  C CA  . ASP A 1 116 ? 4.706   -2.349  -13.728 1.00 48.72 ? 116  ASP A CA  1 
ATOM   858  C C   . ASP A 1 116 ? 3.920   -1.146  -14.182 1.00 49.13 ? 116  ASP A C   1 
ATOM   859  O O   . ASP A 1 116 ? 4.294   -0.467  -15.140 1.00 48.35 ? 116  ASP A O   1 
ATOM   860  C CB  . ASP A 1 116 ? 3.897   -3.604  -14.046 1.00 49.68 ? 116  ASP A CB  1 
ATOM   861  C CG  . ASP A 1 116 ? 4.674   -4.865  -13.810 1.00 51.01 ? 116  ASP A CG  1 
ATOM   862  O OD1 . ASP A 1 116 ? 5.921   -4.808  -13.878 1.00 52.78 ? 116  ASP A OD1 1 
ATOM   863  O OD2 . ASP A 1 116 ? 4.039   -5.914  -13.574 1.00 52.30 ? 116  ASP A OD2 1 
ATOM   864  N N   . TYR A 1 117 ? 2.823   -0.877  -13.488 1.00 48.78 ? 117  TYR A N   1 
ATOM   865  C CA  . TYR A 1 117 ? 1.988   0.247   -13.851 1.00 49.87 ? 117  TYR A CA  1 
ATOM   866  C C   . TYR A 1 117 ? 2.646   1.588   -13.567 1.00 50.49 ? 117  TYR A C   1 
ATOM   867  O O   . TYR A 1 117 ? 2.199   2.626   -14.059 1.00 51.27 ? 117  TYR A O   1 
ATOM   868  C CB  . TYR A 1 117 ? 0.635   0.138   -13.149 1.00 49.61 ? 117  TYR A CB  1 
ATOM   869  C CG  . TYR A 1 117 ? -0.164  -1.028  -13.668 1.00 49.99 ? 117  TYR A CG  1 
ATOM   870  C CD1 . TYR A 1 117 ? 0.101   -2.331  -13.240 1.00 49.41 ? 117  TYR A CD1 1 
ATOM   871  C CD2 . TYR A 1 117 ? -1.136  -0.840  -14.654 1.00 50.42 ? 117  TYR A CD2 1 
ATOM   872  C CE1 . TYR A 1 117 ? -0.576  -3.416  -13.788 1.00 49.76 ? 117  TYR A CE1 1 
ATOM   873  C CE2 . TYR A 1 117 ? -1.818  -1.917  -15.209 1.00 49.78 ? 117  TYR A CE2 1 
ATOM   874  C CZ  . TYR A 1 117 ? -1.536  -3.198  -14.775 1.00 50.36 ? 117  TYR A CZ  1 
ATOM   875  O OH  . TYR A 1 117 ? -2.206  -4.256  -15.344 1.00 50.30 ? 117  TYR A OH  1 
ATOM   876  N N   . ALA A 1 118 ? 3.720   1.563   -12.786 1.00 51.26 ? 118  ALA A N   1 
ATOM   877  C CA  . ALA A 1 118 ? 4.448   2.787   -12.460 1.00 52.33 ? 118  ALA A CA  1 
ATOM   878  C C   . ALA A 1 118 ? 5.381   3.156   -13.620 1.00 52.87 ? 118  ALA A C   1 
ATOM   879  O O   . ALA A 1 118 ? 6.417   3.787   -13.418 1.00 54.20 ? 118  ALA A O   1 
ATOM   880  C CB  . ALA A 1 118 ? 5.260   2.593   -11.185 1.00 51.78 ? 118  ALA A CB  1 
ATOM   881  N N   . LYS A 1 119 ? 5.022   2.750   -14.832 1.00 52.04 ? 119  LYS A N   1 
ATOM   882  C CA  . LYS A 1 119 ? 5.850   3.055   -15.987 1.00 50.82 ? 119  LYS A CA  1 
ATOM   883  C C   . LYS A 1 119 ? 5.162   2.796   -17.317 1.00 50.23 ? 119  LYS A C   1 
ATOM   884  O O   . LYS A 1 119 ? 5.808   2.447   -18.303 1.00 49.22 ? 119  LYS A O   1 
ATOM   885  C CB  . LYS A 1 119 ? 7.171   2.286   -15.901 1.00 50.74 ? 119  LYS A CB  1 
ATOM   886  C CG  . LYS A 1 119 ? 7.056   0.827   -15.562 1.00 50.29 ? 119  LYS A CG  1 
ATOM   887  C CD  . LYS A 1 119 ? 8.407   0.315   -15.094 1.00 50.67 ? 119  LYS A CD  1 
ATOM   888  C CE  . LYS A 1 119 ? 8.305   -1.091  -14.521 1.00 50.73 ? 119  LYS A CE  1 
ATOM   889  N NZ  . LYS A 1 119 ? 9.623   -1.590  -14.033 1.00 50.37 ? 119  LYS A NZ  1 
ATOM   890  N N   . LEU A 1 120 ? 3.846   2.983   -17.328 1.00 49.69 ? 120  LEU A N   1 
ATOM   891  C CA  . LEU A 1 120 ? 3.036   2.799   -18.522 1.00 49.57 ? 120  LEU A CA  1 
ATOM   892  C C   . LEU A 1 120 ? 2.489   4.123   -19.016 0.00 49.73 ? 120  LEU A C   1 
ATOM   893  O O   . LEU A 1 120 ? 2.003   4.175   -20.165 0.00 49.82 ? 120  LEU A O   1 
ATOM   894  C CB  . LEU A 1 120 ? 1.879   1.843   -18.247 1.00 48.62 ? 120  LEU A CB  1 
ATOM   895  C CG  . LEU A 1 120 ? 2.257   0.367   -18.351 1.00 48.67 ? 120  LEU A CG  1 
ATOM   896  C CD1 . LEU A 1 120 ? 1.000   -0.482  -18.280 1.00 49.10 ? 120  LEU A CD1 1 
ATOM   897  C CD2 . LEU A 1 120 ? 2.990   0.123   -19.676 1.00 48.16 ? 120  LEU A CD2 1 
ATOM   898  O OXT . LEU A 1 120 ? 2.544   5.086   -18.232 1.00 50.63 ? 120  LEU A OXT 1 
HETATM 899  S S   . SO4 B 2 .   ? 0.556   -11.218 12.554  0.50 33.86 ? 121  SO4 A S   1 
HETATM 900  O O1  . SO4 B 2 .   ? -0.658  -10.638 13.135  0.50 32.27 ? 121  SO4 A O1  1 
HETATM 901  O O2  . SO4 B 2 .   ? 1.625   -10.209 12.525  0.50 29.17 ? 121  SO4 A O2  1 
HETATM 902  O O3  . SO4 B 2 .   ? 1.009   -12.340 13.395  0.50 33.23 ? 121  SO4 A O3  1 
HETATM 903  O O4  . SO4 B 2 .   ? 0.254   -11.697 11.185  0.50 30.97 ? 121  SO4 A O4  1 
HETATM 904  S S   . SO4 C 2 .   ? 2.850   6.426   -7.281  0.50 47.16 ? 122  SO4 A S   1 
HETATM 905  O O1  . SO4 C 2 .   ? 1.598   7.210   -7.288  0.50 46.01 ? 122  SO4 A O1  1 
HETATM 906  O O2  . SO4 C 2 .   ? 3.809   7.007   -8.242  0.50 45.19 ? 122  SO4 A O2  1 
HETATM 907  O O3  . SO4 C 2 .   ? 3.436   6.456   -5.927  0.00 45.87 ? 122  SO4 A O3  1 
HETATM 908  O O4  . SO4 C 2 .   ? 2.542   5.029   -7.647  0.50 45.84 ? 122  SO4 A O4  1 
HETATM 909  C C5  . OXN D 3 .   ? 3.994   0.937   -4.017  1.00 47.09 ? 123  OXN A C5  1 
HETATM 910  C C1  . OXN D 3 .   ? 5.351   0.976   -4.699  1.00 47.68 ? 123  OXN A C1  1 
HETATM 911  C C3  . OXN D 3 .   ? 5.207   0.742   -6.209  1.00 48.12 ? 123  OXN A C3  1 
HETATM 912  C C4  . OXN D 3 .   ? 5.902   2.395   -4.527  1.00 47.84 ? 123  OXN A C4  1 
HETATM 913  C C2  . OXN D 3 .   ? 6.437   0.001   -4.197  1.00 47.15 ? 123  OXN A C2  1 
HETATM 914  C C6  . OXN D 3 .   ? 3.427   0.936   -2.565  1.00 45.46 ? 123  OXN A C6  1 
HETATM 915  C C9  . OXN D 3 .   ? 4.084   -0.166  -1.689  1.00 45.12 ? 123  OXN A C9  1 
HETATM 916  C C8  . OXN D 3 .   ? 3.607   2.298   -1.904  1.00 46.18 ? 123  OXN A C8  1 
HETATM 917  C C7  . OXN D 3 .   ? 1.925   0.670   -2.624  1.00 44.91 ? 123  OXN A C7  1 
HETATM 918  C C10 . OXN D 3 .   ? 3.779   -1.553  -1.902  1.00 43.68 ? 123  OXN A C10 1 
HETATM 919  C C11 . OXN D 3 .   ? 4.394   -2.588  -1.110  1.00 44.06 ? 123  OXN A C11 1 
HETATM 920  C C12 . OXN D 3 .   ? 5.306   -2.182  -0.120  1.00 44.46 ? 123  OXN A C12 1 
HETATM 921  C C13 . OXN D 3 .   ? 5.658   -0.855  0.145   1.00 44.12 ? 123  OXN A C13 1 
HETATM 922  C C14 . OXN D 3 .   ? 5.028   0.169   -0.661  1.00 44.15 ? 123  OXN A C14 1 
HETATM 923  O O15 . OXN D 3 .   ? 5.868   -3.197  0.748   1.00 43.03 ? 123  OXN A O15 1 
HETATM 924  C C16 . OXN D 3 .   ? 6.515   -4.268  0.046   1.00 45.21 ? 123  OXN A C16 1 
HETATM 925  C C17 . OXN D 3 .   ? 6.341   -5.566  0.810   1.00 45.84 ? 123  OXN A C17 1 
HETATM 926  O O18 . OXN D 3 .   ? 7.435   -5.771  1.710   1.00 45.16 ? 123  OXN A O18 1 
HETATM 927  C C19 . OXN D 3 .   ? 7.187   -6.865  2.601   1.00 46.86 ? 123  OXN A C19 1 
HETATM 928  C C20 . OXN D 3 .   ? 8.483   -7.578  2.934   1.00 45.70 ? 123  OXN A C20 1 
HETATM 929  O O21 . OXN D 3 .   ? 8.704   -8.657  2.026   1.00 48.86 ? 123  OXN A O21 1 
HETATM 930  C C22 . OXN D 3 .   ? 9.541   -9.674  2.584   1.00 49.60 ? 123  OXN A C22 1 
HETATM 931  C C23 . OXN D 3 .   ? 9.891   -10.711 1.517   1.00 50.89 ? 123  OXN A C23 1 
HETATM 932  O O24 . OXN D 3 .   ? 11.023  -10.275 0.764   1.00 53.74 ? 123  OXN A O24 1 
HETATM 933  C C25 . OXN D 3 .   ? 11.640  -11.347 0.052   0.00 52.93 ? 123  OXN A C25 1 
HETATM 934  O O   . HOH E 4 .   ? -12.449 2.741   6.523   1.00 24.86 ? 1000 HOH A O   1 
HETATM 935  O O   . HOH E 4 .   ? -1.561  9.532   4.794   1.00 23.50 ? 1001 HOH A O   1 
HETATM 936  O O   . HOH E 4 .   ? 6.810   -7.268  10.527  1.00 22.31 ? 1002 HOH A O   1 
HETATM 937  O O   . HOH E 4 .   ? 9.042   3.200   9.481   1.00 20.52 ? 1003 HOH A O   1 
HETATM 938  O O   . HOH E 4 .   ? 7.481   10.220  9.562   1.00 26.81 ? 1004 HOH A O   1 
HETATM 939  O O   . HOH E 4 .   ? 6.666   0.294   11.783  1.00 24.42 ? 1005 HOH A O   1 
HETATM 940  O O   . HOH E 4 .   ? -0.959  -1.257  14.027  1.00 22.35 ? 1006 HOH A O   1 
HETATM 941  O O   . HOH E 4 .   ? 5.195   0.541   14.554  1.00 23.56 ? 1007 HOH A O   1 
HETATM 942  O O   . HOH E 4 .   ? -16.483 -2.265  8.139   1.00 28.97 ? 1008 HOH A O   1 
HETATM 943  O O   . HOH E 4 .   ? -14.004 -1.127  9.058   1.00 29.96 ? 1009 HOH A O   1 
HETATM 944  O O   . HOH E 4 .   ? 11.954  1.697   -3.096  1.00 34.62 ? 1011 HOH A O   1 
HETATM 945  O O   . HOH E 4 .   ? -7.228  -1.323  11.974  1.00 28.94 ? 1012 HOH A O   1 
HETATM 946  O O   . HOH E 4 .   ? -1.078  13.121  -7.874  1.00 28.31 ? 1013 HOH A O   1 
HETATM 947  O O   . HOH E 4 .   ? 6.146   2.912   12.608  1.00 26.18 ? 1014 HOH A O   1 
HETATM 948  O O   . HOH E 4 .   ? 9.061   0.024   12.735  1.00 31.21 ? 1016 HOH A O   1 
HETATM 949  O O   . HOH E 4 .   ? 6.633   7.258   13.180  1.00 28.81 ? 1018 HOH A O   1 
HETATM 950  O O   . HOH E 4 .   ? -2.740  10.528  -12.611 1.00 36.71 ? 1022 HOH A O   1 
HETATM 951  O O   . HOH E 4 .   ? -1.675  -3.708  13.825  1.00 34.93 ? 1026 HOH A O   1 
HETATM 952  O O   . HOH E 4 .   ? -12.016 -5.283  3.078   1.00 28.97 ? 1028 HOH A O   1 
HETATM 953  O O   . HOH E 4 .   ? 10.554  -3.242  14.355  1.00 33.84 ? 1029 HOH A O   1 
HETATM 954  O O   . HOH E 4 .   ? 9.427   -5.638  10.521  1.00 30.96 ? 1031 HOH A O   1 
HETATM 955  O O   . HOH E 4 .   ? 15.213  12.911  -1.938  1.00 35.17 ? 1038 HOH A O   1 
HETATM 956  O O   . HOH E 4 .   ? -0.070  4.720   17.468  1.00 43.39 ? 1039 HOH A O   1 
HETATM 957  O O   . HOH E 4 .   ? -2.021  -3.623  16.820  1.00 36.39 ? 1045 HOH A O   1 
HETATM 958  O O   . HOH E 4 .   ? 2.396   -12.706 9.466   1.00 40.42 ? 1048 HOH A O   1 
HETATM 959  O O   . HOH E 4 .   ? 8.009   9.483   12.181  1.00 39.12 ? 1055 HOH A O   1 
HETATM 960  O O   . HOH E 4 .   ? -3.810  -7.966  7.797   1.00 32.55 ? 1063 HOH A O   1 
HETATM 961  O O   . HOH E 4 .   ? 17.351  0.408   1.029   1.00 31.88 ? 1065 HOH A O   1 
HETATM 962  O O   . HOH E 4 .   ? -5.181  -4.606  10.265  1.00 31.97 ? 1067 HOH A O   1 
HETATM 963  O O   . HOH E 4 .   ? -6.423  8.284   5.856   1.00 33.56 ? 1068 HOH A O   1 
HETATM 964  O O   . HOH E 4 .   ? -4.081  -4.305  12.742  1.00 43.76 ? 1084 HOH A O   1 
HETATM 965  O O   . HOH E 4 .   ? 0.205   6.600   19.831  1.00 34.80 ? 1085 HOH A O   1 
HETATM 966  O O   . HOH E 4 .   ? -10.759 4.578   -5.037  1.00 33.94 ? 1089 HOH A O   1 
HETATM 967  O O   . HOH E 4 .   ? -7.009  7.768   8.663   1.00 34.59 ? 1090 HOH A O   1 
HETATM 968  O O   . HOH E 4 .   ? -2.039  13.089  -5.418  1.00 35.26 ? 1091 HOH A O   1 
HETATM 969  O O   . HOH E 4 .   ? 9.409   -5.508  13.583  1.00 38.03 ? 1094 HOH A O   1 
HETATM 970  O O   . HOH E 4 .   ? -5.285  11.161  9.030   1.00 43.81 ? 1095 HOH A O   1 
HETATM 971  O O   . HOH E 4 .   ? -13.313 -6.317  -1.079  1.00 39.73 ? 1096 HOH A O   1 
HETATM 972  O O   . HOH E 4 .   ? 9.166   3.548   12.228  1.00 37.43 ? 1097 HOH A O   1 
HETATM 973  O O   . HOH E 4 .   ? -8.059  10.350  -5.418  1.00 41.00 ? 1101 HOH A O   1 
HETATM 974  O O   . HOH E 4 .   ? 17.683  -2.907  12.519  1.00 37.21 ? 1102 HOH A O   1 
HETATM 975  O O   . HOH E 4 .   ? 17.923  -0.346  4.003   1.00 38.84 ? 1106 HOH A O   1 
HETATM 976  O O   . HOH E 4 .   ? 4.646   2.019   17.092  1.00 47.63 ? 1107 HOH A O   1 
HETATM 977  O O   . HOH E 4 .   ? -13.385 5.835   4.176   1.00 46.44 ? 1112 HOH A O   1 
HETATM 978  O O   . HOH E 4 .   ? 10.050  -1.497  16.175  1.00 35.46 ? 1116 HOH A O   1 
HETATM 979  O O   . HOH E 4 .   ? -15.229 4.585   1.921   1.00 47.14 ? 1118 HOH A O   1 
HETATM 980  O O   . HOH E 4 .   ? 3.285   8.283   -14.459 1.00 47.13 ? 1121 HOH A O   1 
HETATM 981  O O   . HOH E 4 .   ? -18.490 -1.071  6.500   1.00 39.27 ? 1125 HOH A O   1 
HETATM 982  O O   . HOH E 4 .   ? -11.167 2.572   -8.811  1.00 34.80 ? 1127 HOH A O   1 
HETATM 983  O O   . HOH E 4 .   ? 15.735  11.348  -3.823  1.00 43.71 ? 1130 HOH A O   1 
HETATM 984  O O   . HOH E 4 .   ? 12.062  11.324  9.106   1.00 53.68 ? 1133 HOH A O   1 
HETATM 985  O O   . HOH E 4 .   ? -9.218  -10.871 -0.017  1.00 46.11 ? 1136 HOH A O   1 
HETATM 986  O O   . HOH E 4 .   ? -7.696  10.340  9.831   1.00 40.01 ? 1141 HOH A O   1 
HETATM 987  O O   . HOH E 4 .   ? -0.133  14.717  1.384   1.00 37.88 ? 1148 HOH A O   1 
HETATM 988  O O   . HOH E 4 .   ? -10.250 4.437   -7.469  1.00 44.90 ? 1151 HOH A O   1 
HETATM 989  O O   . HOH E 4 .   ? -2.003  16.198  2.464   1.00 44.26 ? 1156 HOH A O   1 
HETATM 990  O O   . HOH E 4 .   ? -2.696  14.137  5.391   1.00 46.58 ? 1158 HOH A O   1 
HETATM 991  O O   . HOH E 4 .   ? -10.146 -9.259  2.330   1.00 45.33 ? 1165 HOH A O   1 
HETATM 992  O O   . HOH E 4 .   ? -14.003 -1.582  -1.673  1.00 53.52 ? 1166 HOH A O   1 
HETATM 993  O O   . HOH E 4 .   ? -5.522  11.159  6.477   1.00 44.37 ? 1168 HOH A O   1 
HETATM 994  O O   . HOH E 4 .   ? -2.575  -0.466  15.960  1.00 51.55 ? 1170 HOH A O   1 
HETATM 995  O O   . HOH E 4 .   ? 14.576  -0.381  12.809  1.00 48.49 ? 1171 HOH A O   1 
HETATM 996  O O   . HOH E 4 .   ? -3.418  6.925   16.324  1.00 48.33 ? 1173 HOH A O   1 
HETATM 997  O O   . HOH E 4 .   ? -5.328  -2.378  14.261  1.00 51.25 ? 1174 HOH A O   1 
HETATM 998  O O   . HOH E 4 .   ? -5.178  9.572   -13.473 1.00 44.33 ? 1183 HOH A O   1 
HETATM 999  O O   . HOH E 4 .   ? -0.483  -7.321  -18.494 1.00 49.88 ? 1184 HOH A O   1 
HETATM 1000 O O   . HOH E 4 .   ? -11.878 1.056   -15.461 1.00 55.58 ? 1193 HOH A O   1 
HETATM 1001 O O   . HOH E 4 .   ? 18.726  6.881   0.640   1.00 51.48 ? 1196 HOH A O   1 
HETATM 1002 O O   . HOH E 4 .   ? 2.287   12.703  16.547  1.00 55.13 ? 1197 HOH A O   1 
HETATM 1003 O O   . HOH E 4 .   ? -9.488  2.808   13.073  1.00 46.36 ? 1198 HOH A O   1 
HETATM 1004 O O   . HOH E 4 .   ? -3.834  6.400   -14.883 1.00 46.33 ? 1204 HOH A O   1 
HETATM 1005 O O   . HOH E 4 .   ? -8.688  -3.858  9.970   1.00 33.21 ? 1205 HOH A O   1 
HETATM 1006 O O   . HOH E 4 .   ? -11.490 7.930   1.711   1.00 38.26 ? 1207 HOH A O   1 
HETATM 1007 O O   . HOH E 4 .   ? 10.649  7.650   10.418  1.00 46.29 ? 1209 HOH A O   1 
HETATM 1008 O O   . HOH E 4 .   ? 16.554  -0.305  6.368   1.00 40.55 ? 1211 HOH A O   1 
HETATM 1009 O O   . HOH E 4 .   ? 13.388  -5.335  -3.245  1.00 44.39 ? 1212 HOH A O   1 
HETATM 1010 O O   . HOH E 4 .   ? -11.122 -10.938 -7.176  1.00 53.54 ? 1213 HOH A O   1 
HETATM 1011 O O   . HOH E 4 .   ? 15.137  9.415   -4.905  1.00 47.88 ? 1214 HOH A O   1 
HETATM 1012 O O   . HOH E 4 .   ? -10.822 -7.182  -13.017 1.00 45.85 ? 1215 HOH A O   1 
HETATM 1013 O O   . HOH E 4 .   ? -4.429  -14.087 2.420   1.00 39.45 ? 1216 HOH A O   1 
HETATM 1014 O O   . HOH E 4 .   ? -4.846  -8.005  -15.923 1.00 47.38 ? 1218 HOH A O   1 
HETATM 1015 O O   . HOH E 4 .   ? -5.556  15.761  2.138   1.00 51.46 ? 1219 HOH A O   1 
HETATM 1016 O O   . HOH E 4 .   ? -8.806  11.178  0.382   1.00 41.88 ? 1222 HOH A O   1 
HETATM 1017 O O   . HOH E 4 .   ? 5.337   8.964   -11.767 1.00 66.55 ? 1223 HOH A O   1 
HETATM 1018 O O   . HOH E 4 .   ? 16.794  7.620   -5.626  1.00 61.66 ? 1226 HOH A O   1 
HETATM 1019 O O   . HOH E 4 .   ? -9.929  7.385   -3.844  1.00 62.30 ? 1227 HOH A O   1 
HETATM 1020 O O   . HOH E 4 .   ? 12.883  1.775   13.336  1.00 53.53 ? 1228 HOH A O   1 
HETATM 1021 O O   . HOH E 4 .   ? 18.943  11.938  -3.032  1.00 50.83 ? 1229 HOH A O   1 
HETATM 1022 O O   . HOH E 4 .   ? -12.316 -3.154  0.922   1.00 42.40 ? 1232 HOH A O   1 
HETATM 1023 O O   . HOH E 4 .   ? -3.168  12.794  12.089  1.00 48.40 ? 1234 HOH A O   1 
HETATM 1024 O O   . HOH E 4 .   ? 0.340   16.749  8.761   1.00 57.76 ? 1235 HOH A O   1 
HETATM 1025 O O   . HOH E 4 .   ? 1.562   -14.733 -0.231  1.00 43.00 ? 1236 HOH A O   1 
HETATM 1026 O O   . HOH E 4 .   ? -5.079  0.044   15.460  1.00 56.07 ? 1241 HOH A O   1 
HETATM 1027 O O   . HOH E 4 .   ? 8.508   12.362  9.183   1.00 53.32 ? 1243 HOH A O   1 
HETATM 1028 O O   . HOH E 4 .   ? 11.431  8.339   -9.089  1.00 61.23 ? 1245 HOH A O   1 
HETATM 1029 O O   . HOH E 4 .   ? 19.177  -6.945  -2.028  1.00 48.03 ? 1246 HOH A O   1 
HETATM 1030 O O   . HOH E 4 .   ? 12.439  18.979  5.770   1.00 55.82 ? 1248 HOH A O   1 
HETATM 1031 O O   . HOH E 4 .   ? 1.263   10.958  18.613  1.00 59.54 ? 1249 HOH A O   1 
HETATM 1032 O O   . HOH E 4 .   ? 19.246  -2.457  5.096   1.00 50.32 ? 1258 HOH A O   1 
HETATM 1033 O O   . HOH E 4 .   ? -8.284  0.456   16.483  1.00 58.76 ? 1261 HOH A O   1 
HETATM 1034 O O   . HOH E 4 .   ? 9.612   1.046   15.688  1.00 58.82 ? 1262 HOH A O   1 
HETATM 1035 O O   . HOH E 4 .   ? -2.166  11.123  15.331  1.00 56.40 ? 1265 HOH A O   1 
HETATM 1036 O O   . HOH E 4 .   ? -6.428  12.881  11.697  1.00 63.08 ? 1269 HOH A O   1 
HETATM 1037 O O   . HOH E 4 .   ? 5.012   13.976  7.714   1.00 51.40 ? 1270 HOH A O   1 
HETATM 1038 O O   . HOH E 4 .   ? -6.437  -4.230  15.622  1.00 60.76 ? 1272 HOH A O   1 
HETATM 1039 O O   . HOH E 4 .   ? 19.731  0.069   -1.020  1.00 51.75 ? 1273 HOH A O   1 
HETATM 1040 O O   . HOH E 4 .   ? 4.260   9.097   -16.789 1.00 46.90 ? 1275 HOH A O   1 
HETATM 1041 O O   . HOH E 4 .   ? 0.201   13.606  11.819  1.00 48.52 ? 1277 HOH A O   1 
HETATM 1042 O O   . HOH E 4 .   ? -4.999  4.500   -17.312 1.00 63.75 ? 1285 HOH A O   1 
HETATM 1043 O O   . HOH E 4 .   ? 8.283   11.647  13.621  1.00 50.95 ? 1286 HOH A O   1 
HETATM 1044 O O   . HOH E 4 .   ? -13.249 3.501   -12.210 1.00 56.80 ? 1290 HOH A O   1 
HETATM 1045 O O   . HOH E 4 .   ? 9.568   5.931   13.755  1.00 48.89 ? 1294 HOH A O   1 
HETATM 1046 O O   . HOH E 4 .   ? -8.131  -2.525  15.457  1.00 64.74 ? 1295 HOH A O   1 
HETATM 1047 O O   . HOH E 4 .   ? 11.691  3.725   14.288  1.00 50.68 ? 1296 HOH A O   1 
HETATM 1048 O O   . HOH E 4 .   ? -8.783  -11.399 -8.964  1.00 48.23 ? 1302 HOH A O   1 
HETATM 1049 O O   . HOH E 4 .   ? 4.822   -5.945  -16.602 1.00 64.25 ? 1307 HOH A O   1 
HETATM 1050 O O   . HOH E 4 .   ? -14.908 2.566   5.026   1.00 42.08 ? 1309 HOH A O   1 
HETATM 1051 O O   . HOH E 4 .   ? 0.939   3.203   -9.212  1.00 58.30 ? 1311 HOH A O   1 
HETATM 1052 O O   . HOH E 4 .   ? -1.582  4.801   -14.529 1.00 57.82 ? 1322 HOH A O   1 
HETATM 1053 O O   . HOH E 4 .   ? 21.121  -4.330  -3.133  1.00 57.19 ? 1324 HOH A O   1 
HETATM 1054 O O   . HOH E 4 .   ? 24.120  -1.714  0.586   1.00 56.66 ? 1328 HOH A O   1 
HETATM 1055 O O   . HOH E 4 .   ? -15.979 -0.333  -2.370  1.00 63.39 ? 1332 HOH A O   1 
HETATM 1056 O O   . HOH E 4 .   ? -9.543  13.835  3.318   1.00 64.17 ? 1335 HOH A O   1 
HETATM 1057 O O   . HOH E 4 .   ? 10.778  -11.062 10.105  1.00 49.54 ? 1339 HOH A O   1 
HETATM 1058 O O   . HOH E 4 .   ? 16.155  2.399   -6.729  1.00 56.29 ? 1340 HOH A O   1 
HETATM 1059 O O   . HOH E 4 .   ? -3.197  -9.511  9.730   1.00 57.96 ? 1341 HOH A O   1 
# 
loop_
_pdbx_poly_seq_scheme.asym_id 
_pdbx_poly_seq_scheme.entity_id 
_pdbx_poly_seq_scheme.seq_id 
_pdbx_poly_seq_scheme.mon_id 
_pdbx_poly_seq_scheme.ndb_seq_num 
_pdbx_poly_seq_scheme.pdb_seq_num 
_pdbx_poly_seq_scheme.auth_seq_num 
_pdbx_poly_seq_scheme.pdb_mon_id 
_pdbx_poly_seq_scheme.auth_mon_id 
_pdbx_poly_seq_scheme.pdb_strand_id 
_pdbx_poly_seq_scheme.pdb_ins_code 
_pdbx_poly_seq_scheme.hetero 
A 1 1   MET 1   1   ?   ?   ?   A . n 
A 1 2   GLU 2   2   ?   ?   ?   A . n 
A 1 3   GLY 3   3   ?   ?   ?   A . n 
A 1 4   GLY 4   4   ?   ?   ?   A . n 
A 1 5   LYS 5   5   ?   ?   ?   A . n 
A 1 6   LEU 6   6   6   LEU LEU A . n 
A 1 7   GLN 7   7   7   GLN GLN A . n 
A 1 8   SER 8   8   8   SER SER A . n 
A 1 9   THR 9   9   9   THR THR A . n 
A 1 10  PHE 10  10  10  PHE PHE A . n 
A 1 11  VAL 11  11  11  VAL VAL A . n 
A 1 12  PHE 12  12  12  PHE PHE A . n 
A 1 13  GLU 13  13  13  GLU GLU A . n 
A 1 14  GLU 14  14  14  GLU GLU A . n 
A 1 15  ILE 15  15  15  ILE ILE A . n 
A 1 16  GLY 16  16  16  GLY GLY A . n 
A 1 17  ARG 17  17  17  ARG ARG A . n 
A 1 18  ARG 18  18  18  ARG ARG A . n 
A 1 19  LEU 19  19  19  LEU LEU A . n 
A 1 20  LYS 20  20  20  LYS LYS A . n 
A 1 21  ASP 21  21  21  ASP ASP A . n 
A 1 22  ILE 22  22  22  ILE ILE A . n 
A 1 23  GLY 23  23  23  GLY GLY A . n 
A 1 24  PRO 24  24  24  PRO PRO A . n 
A 1 25  GLU 25  25  25  GLU GLU A . n 
A 1 26  VAL 26  26  26  VAL VAL A . n 
A 1 27  VAL 27  27  27  VAL VAL A . n 
A 1 28  LYS 28  28  28  LYS LYS A . n 
A 1 29  LYS 29  29  29  LYS LYS A . n 
A 1 30  VAL 30  30  30  VAL VAL A . n 
A 1 31  ASN 31  31  31  ASN ASN A . n 
A 1 32  ALA 32  32  32  ALA ALA A . n 
A 1 33  VAL 33  33  33  VAL VAL A . n 
A 1 34  PHE 34  34  34  PHE PHE A . n 
A 1 35  GLU 35  35  35  GLU GLU A . n 
A 1 36  TRP 36  36  36  TRP TRP A . n 
A 1 37  HIS 37  37  37  HIS HIS A . n 
A 1 38  ILE 38  38  38  ILE ILE A . n 
A 1 39  THR 39  39  39  THR THR A . n 
A 1 40  LYS 40  40  40  LYS LYS A . n 
A 1 41  GLY 41  41  41  GLY GLY A . n 
A 1 42  GLY 42  42  42  GLY GLY A . n 
A 1 43  ASN 43  43  43  ASN ASN A . n 
A 1 44  ILE 44  44  44  ILE ILE A . n 
A 1 45  GLY 45  45  45  GLY GLY A . n 
A 1 46  ALA 46  46  46  ALA ALA A . n 
A 1 47  LYS 47  47  47  LYS LYS A . n 
A 1 48  TRP 48  48  48  TRP TRP A . n 
A 1 49  THR 49  49  49  THR THR A . n 
A 1 50  ILE 50  50  50  ILE ILE A . n 
A 1 51  ASP 51  51  51  ASP ASP A . n 
A 1 52  LEU 52  52  52  LEU LEU A . n 
A 1 53  LYS 53  53  53  LYS LYS A . n 
A 1 54  SER 54  54  54  SER SER A . n 
A 1 55  GLY 55  55  55  GLY GLY A . n 
A 1 56  SER 56  56  56  SER SER A . n 
A 1 57  GLY 57  57  57  GLY GLY A . n 
A 1 58  LYS 58  58  58  LYS LYS A . n 
A 1 59  VAL 59  59  59  VAL VAL A . n 
A 1 60  TYR 60  60  60  TYR TYR A . n 
A 1 61  GLN 61  61  61  GLN GLN A . n 
A 1 62  GLY 62  62  62  GLY GLY A . n 
A 1 63  PRO 63  63  63  PRO PRO A . n 
A 1 64  ALA 64  64  64  ALA ALA A . n 
A 1 65  LYS 65  65  65  LYS LYS A . n 
A 1 66  GLY 66  66  66  GLY GLY A . n 
A 1 67  ALA 67  67  67  ALA ALA A . n 
A 1 68  ALA 68  68  68  ALA ALA A . n 
A 1 69  ASP 69  69  69  ASP ASP A . n 
A 1 70  THR 70  70  70  THR THR A . n 
A 1 71  THR 71  71  71  THR THR A . n 
A 1 72  ILE 72  72  72  ILE ILE A . n 
A 1 73  ILE 73  73  73  ILE ILE A . n 
A 1 74  LEU 74  74  74  LEU LEU A . n 
A 1 75  SER 75  75  75  SER SER A . n 
A 1 76  ASP 76  76  76  ASP ASP A . n 
A 1 77  GLU 77  77  77  GLU GLU A . n 
A 1 78  ASP 78  78  78  ASP ASP A . n 
A 1 79  PHE 79  79  79  PHE PHE A . n 
A 1 80  MET 80  80  80  MET MET A . n 
A 1 81  GLU 81  81  81  GLU GLU A . n 
A 1 82  VAL 82  82  82  VAL VAL A . n 
A 1 83  VAL 83  83  83  VAL VAL A . n 
A 1 84  LEU 84  84  84  LEU LEU A . n 
A 1 85  GLY 85  85  85  GLY GLY A . n 
A 1 86  LYS 86  86  86  LYS LYS A . n 
A 1 87  LEU 87  87  87  LEU LEU A . n 
A 1 88  ASP 88  88  88  ASP ASP A . n 
A 1 89  PRO 89  89  89  PRO PRO A . n 
A 1 90  GLN 90  90  90  GLN GLN A . n 
A 1 91  LYS 91  91  91  LYS LYS A . n 
A 1 92  ALA 92  92  92  ALA ALA A . n 
A 1 93  PHE 93  93  93  PHE PHE A . n 
A 1 94  PHE 94  94  94  PHE PHE A . n 
A 1 95  SER 95  95  95  SER SER A . n 
A 1 96  GLY 96  96  96  GLY GLY A . n 
A 1 97  ARG 97  97  97  ARG ARG A . n 
A 1 98  LEU 98  98  98  LEU LEU A . n 
A 1 99  LYS 99  99  99  LYS LYS A . n 
A 1 100 ALA 100 100 100 ALA ALA A . n 
A 1 101 ARG 101 101 101 ARG ARG A . n 
A 1 102 GLY 102 102 102 GLY GLY A . n 
A 1 103 ASN 103 103 103 ASN ASN A . n 
A 1 104 ILE 104 104 104 ILE ILE A . n 
A 1 105 MET 105 105 105 MET MET A . n 
A 1 106 LEU 106 106 106 LEU LEU A . n 
A 1 107 SER 107 107 107 SER SER A . n 
A 1 108 GLN 108 108 108 GLN GLN A . n 
A 1 109 LYS 109 109 109 LYS LYS A . n 
A 1 110 LEU 110 110 110 LEU LEU A . n 
A 1 111 GLN 111 111 111 GLN GLN A . n 
A 1 112 MET 112 112 112 MET MET A . n 
A 1 113 ILE 113 113 113 ILE ILE A . n 
A 1 114 LEU 114 114 114 LEU LEU A . n 
A 1 115 LYS 115 115 115 LYS LYS A . n 
A 1 116 ASP 116 116 116 ASP ASP A . n 
A 1 117 TYR 117 117 117 TYR TYR A . n 
A 1 118 ALA 118 118 118 ALA ALA A . n 
A 1 119 LYS 119 119 119 LYS LYS A . n 
A 1 120 LEU 120 120 120 LEU LEU A . n 
# 
loop_
_pdbx_nonpoly_scheme.asym_id 
_pdbx_nonpoly_scheme.entity_id 
_pdbx_nonpoly_scheme.mon_id 
_pdbx_nonpoly_scheme.ndb_seq_num 
_pdbx_nonpoly_scheme.pdb_seq_num 
_pdbx_nonpoly_scheme.auth_seq_num 
_pdbx_nonpoly_scheme.pdb_mon_id 
_pdbx_nonpoly_scheme.auth_mon_id 
_pdbx_nonpoly_scheme.pdb_strand_id 
_pdbx_nonpoly_scheme.pdb_ins_code 
B 2 SO4 1   121  1    SO4 SO4 A . 
C 2 SO4 1   122  2    SO4 SO4 A . 
D 3 OXN 1   123  1    OXN TRI A . 
E 4 HOH 1   1000 1000 HOH TIP A . 
E 4 HOH 2   1001 1001 HOH TIP A . 
E 4 HOH 3   1002 1002 HOH TIP A . 
E 4 HOH 4   1003 1003 HOH TIP A . 
E 4 HOH 5   1004 1004 HOH TIP A . 
E 4 HOH 6   1005 1005 HOH TIP A . 
E 4 HOH 7   1006 1006 HOH TIP A . 
E 4 HOH 8   1007 1007 HOH TIP A . 
E 4 HOH 9   1008 1008 HOH TIP A . 
E 4 HOH 10  1009 1009 HOH TIP A . 
E 4 HOH 11  1011 1011 HOH TIP A . 
E 4 HOH 12  1012 1012 HOH TIP A . 
E 4 HOH 13  1013 1013 HOH TIP A . 
E 4 HOH 14  1014 1014 HOH TIP A . 
E 4 HOH 15  1016 1016 HOH TIP A . 
E 4 HOH 16  1018 1018 HOH TIP A . 
E 4 HOH 17  1022 1022 HOH TIP A . 
E 4 HOH 18  1026 1026 HOH TIP A . 
E 4 HOH 19  1028 1028 HOH TIP A . 
E 4 HOH 20  1029 1029 HOH TIP A . 
E 4 HOH 21  1031 1031 HOH TIP A . 
E 4 HOH 22  1038 1038 HOH TIP A . 
E 4 HOH 23  1039 1039 HOH TIP A . 
E 4 HOH 24  1045 1045 HOH TIP A . 
E 4 HOH 25  1048 1048 HOH TIP A . 
E 4 HOH 26  1055 1055 HOH TIP A . 
E 4 HOH 27  1063 1063 HOH TIP A . 
E 4 HOH 28  1065 1065 HOH TIP A . 
E 4 HOH 29  1067 1067 HOH TIP A . 
E 4 HOH 30  1068 1068 HOH TIP A . 
E 4 HOH 31  1084 1084 HOH TIP A . 
E 4 HOH 32  1085 1085 HOH TIP A . 
E 4 HOH 33  1089 1089 HOH TIP A . 
E 4 HOH 34  1090 1090 HOH TIP A . 
E 4 HOH 35  1091 1091 HOH TIP A . 
E 4 HOH 36  1094 1094 HOH TIP A . 
E 4 HOH 37  1095 1095 HOH TIP A . 
E 4 HOH 38  1096 1096 HOH TIP A . 
E 4 HOH 39  1097 1097 HOH TIP A . 
E 4 HOH 40  1101 1101 HOH TIP A . 
E 4 HOH 41  1102 1102 HOH TIP A . 
E 4 HOH 42  1106 1106 HOH TIP A . 
E 4 HOH 43  1107 1107 HOH TIP A . 
E 4 HOH 44  1112 1112 HOH TIP A . 
E 4 HOH 45  1116 1116 HOH TIP A . 
E 4 HOH 46  1118 1118 HOH TIP A . 
E 4 HOH 47  1121 1121 HOH TIP A . 
E 4 HOH 48  1125 1125 HOH TIP A . 
E 4 HOH 49  1127 1127 HOH TIP A . 
E 4 HOH 50  1130 1130 HOH TIP A . 
E 4 HOH 51  1133 1133 HOH TIP A . 
E 4 HOH 52  1136 1136 HOH TIP A . 
E 4 HOH 53  1141 1141 HOH TIP A . 
E 4 HOH 54  1148 1148 HOH TIP A . 
E 4 HOH 55  1151 1151 HOH TIP A . 
E 4 HOH 56  1156 1156 HOH TIP A . 
E 4 HOH 57  1158 1158 HOH TIP A . 
E 4 HOH 58  1165 1165 HOH TIP A . 
E 4 HOH 59  1166 1166 HOH TIP A . 
E 4 HOH 60  1168 1168 HOH TIP A . 
E 4 HOH 61  1170 1170 HOH TIP A . 
E 4 HOH 62  1171 1171 HOH TIP A . 
E 4 HOH 63  1173 1173 HOH TIP A . 
E 4 HOH 64  1174 1174 HOH TIP A . 
E 4 HOH 65  1183 1183 HOH TIP A . 
E 4 HOH 66  1184 1184 HOH TIP A . 
E 4 HOH 67  1193 1193 HOH TIP A . 
E 4 HOH 68  1196 1196 HOH TIP A . 
E 4 HOH 69  1197 1197 HOH TIP A . 
E 4 HOH 70  1198 1198 HOH TIP A . 
E 4 HOH 71  1204 1204 HOH TIP A . 
E 4 HOH 72  1205 1205 HOH TIP A . 
E 4 HOH 73  1207 1207 HOH TIP A . 
E 4 HOH 74  1209 1209 HOH TIP A . 
E 4 HOH 75  1211 1211 HOH TIP A . 
E 4 HOH 76  1212 1212 HOH TIP A . 
E 4 HOH 77  1213 1213 HOH TIP A . 
E 4 HOH 78  1214 1214 HOH TIP A . 
E 4 HOH 79  1215 1215 HOH TIP A . 
E 4 HOH 80  1216 1216 HOH TIP A . 
E 4 HOH 81  1218 1218 HOH TIP A . 
E 4 HOH 82  1219 1219 HOH TIP A . 
E 4 HOH 83  1222 1222 HOH TIP A . 
E 4 HOH 84  1223 1223 HOH TIP A . 
E 4 HOH 85  1226 1226 HOH TIP A . 
E 4 HOH 86  1227 1227 HOH TIP A . 
E 4 HOH 87  1228 1228 HOH TIP A . 
E 4 HOH 88  1229 1229 HOH TIP A . 
E 4 HOH 89  1232 1232 HOH TIP A . 
E 4 HOH 90  1234 1234 HOH TIP A . 
E 4 HOH 91  1235 1235 HOH TIP A . 
E 4 HOH 92  1236 1236 HOH TIP A . 
E 4 HOH 93  1241 1241 HOH TIP A . 
E 4 HOH 94  1243 1243 HOH TIP A . 
E 4 HOH 95  1245 1245 HOH TIP A . 
E 4 HOH 96  1246 1246 HOH TIP A . 
E 4 HOH 97  1248 1248 HOH TIP A . 
E 4 HOH 98  1249 1249 HOH TIP A . 
E 4 HOH 99  1258 1258 HOH TIP A . 
E 4 HOH 100 1261 1261 HOH TIP A . 
E 4 HOH 101 1262 1262 HOH TIP A . 
E 4 HOH 102 1265 1265 HOH TIP A . 
E 4 HOH 103 1269 1269 HOH TIP A . 
E 4 HOH 104 1270 1270 HOH TIP A . 
E 4 HOH 105 1272 1272 HOH TIP A . 
E 4 HOH 106 1273 1273 HOH TIP A . 
E 4 HOH 107 1275 1275 HOH TIP A . 
E 4 HOH 108 1277 1277 HOH TIP A . 
E 4 HOH 109 1285 1285 HOH TIP A . 
E 4 HOH 110 1286 1286 HOH TIP A . 
E 4 HOH 111 1290 1290 HOH TIP A . 
E 4 HOH 112 1294 1294 HOH TIP A . 
E 4 HOH 113 1295 1295 HOH TIP A . 
E 4 HOH 114 1296 1296 HOH TIP A . 
E 4 HOH 115 1302 1302 HOH TIP A . 
E 4 HOH 116 1307 1307 HOH TIP A . 
E 4 HOH 117 1309 1309 HOH TIP A . 
E 4 HOH 118 1311 1311 HOH TIP A . 
E 4 HOH 119 1322 1322 HOH TIP A . 
E 4 HOH 120 1324 1324 HOH TIP A . 
E 4 HOH 121 1328 1328 HOH TIP A . 
E 4 HOH 122 1332 1332 HOH TIP A . 
E 4 HOH 123 1335 1335 HOH TIP A . 
E 4 HOH 124 1339 1339 HOH TIP A . 
E 4 HOH 125 1340 1340 HOH TIP A . 
E 4 HOH 126 1341 1341 HOH TIP A . 
# 
_pdbx_struct_assembly.id                   1 
_pdbx_struct_assembly.details              author_defined_assembly 
_pdbx_struct_assembly.method_details       ? 
_pdbx_struct_assembly.oligomeric_details   monomeric 
_pdbx_struct_assembly.oligomeric_count     1 
# 
_pdbx_struct_assembly_gen.assembly_id       1 
_pdbx_struct_assembly_gen.oper_expression   1 
_pdbx_struct_assembly_gen.asym_id_list      A,B,C,D,E 
# 
_pdbx_struct_oper_list.id                   1 
_pdbx_struct_oper_list.type                 'identity operation' 
_pdbx_struct_oper_list.name                 1_555 
_pdbx_struct_oper_list.symmetry_operation   x,y,z 
_pdbx_struct_oper_list.matrix[1][1]         1.0000000000 
_pdbx_struct_oper_list.matrix[1][2]         0.0000000000 
_pdbx_struct_oper_list.matrix[1][3]         0.0000000000 
_pdbx_struct_oper_list.vector[1]            0.0000000000 
_pdbx_struct_oper_list.matrix[2][1]         0.0000000000 
_pdbx_struct_oper_list.matrix[2][2]         1.0000000000 
_pdbx_struct_oper_list.matrix[2][3]         0.0000000000 
_pdbx_struct_oper_list.vector[2]            0.0000000000 
_pdbx_struct_oper_list.matrix[3][1]         0.0000000000 
_pdbx_struct_oper_list.matrix[3][2]         0.0000000000 
_pdbx_struct_oper_list.matrix[3][3]         1.0000000000 
_pdbx_struct_oper_list.vector[3]            0.0000000000 
# 
loop_
_pdbx_audit_revision_history.ordinal 
_pdbx_audit_revision_history.data_content_type 
_pdbx_audit_revision_history.major_revision 
_pdbx_audit_revision_history.minor_revision 
_pdbx_audit_revision_history.revision_date 
1 'Structure model' 1 0 2001-11-14 
2 'Structure model' 1 1 2008-04-27 
3 'Structure model' 1 2 2011-07-13 
4 'Structure model' 1 3 2023-08-16 
# 
_pdbx_audit_revision_details.ordinal             1 
_pdbx_audit_revision_details.revision_ordinal    1 
_pdbx_audit_revision_details.data_content_type   'Structure model' 
_pdbx_audit_revision_details.provider            repository 
_pdbx_audit_revision_details.type                'Initial release' 
_pdbx_audit_revision_details.description         ? 
_pdbx_audit_revision_details.details             ? 
# 
loop_
_pdbx_audit_revision_group.ordinal 
_pdbx_audit_revision_group.revision_ordinal 
_pdbx_audit_revision_group.data_content_type 
_pdbx_audit_revision_group.group 
1 2 'Structure model' 'Version format compliance' 
2 3 'Structure model' 'Version format compliance' 
3 4 'Structure model' 'Data collection'           
4 4 'Structure model' 'Database references'       
5 4 'Structure model' 'Derived calculations'      
6 4 'Structure model' 'Refinement description'    
# 
loop_
_pdbx_audit_revision_category.ordinal 
_pdbx_audit_revision_category.revision_ordinal 
_pdbx_audit_revision_category.data_content_type 
_pdbx_audit_revision_category.category 
1 4 'Structure model' chem_comp_atom                
2 4 'Structure model' chem_comp_bond                
3 4 'Structure model' database_2                    
4 4 'Structure model' diffrn_source                 
5 4 'Structure model' pdbx_initial_refinement_model 
6 4 'Structure model' struct_ref_seq_dif            
7 4 'Structure model' struct_site                   
# 
loop_
_pdbx_audit_revision_item.ordinal 
_pdbx_audit_revision_item.revision_ordinal 
_pdbx_audit_revision_item.data_content_type 
_pdbx_audit_revision_item.item 
1 4 'Structure model' '_database_2.pdbx_DOI'                 
2 4 'Structure model' '_database_2.pdbx_database_accession'  
3 4 'Structure model' '_diffrn_source.pdbx_synchrotron_site' 
4 4 'Structure model' '_struct_ref_seq_dif.details'          
5 4 'Structure model' '_struct_site.pdbx_auth_asym_id'       
6 4 'Structure model' '_struct_site.pdbx_auth_comp_id'       
7 4 'Structure model' '_struct_site.pdbx_auth_seq_id'        
# 
loop_
_software.name 
_software.classification 
_software.version 
_software.citation_id 
_software.pdbx_ordinal 
AMoRE     phasing          .   ? 1 
CNS       refinement       1.0 ? 2 
DENZO     'data reduction' .   ? 3 
SCALEPACK 'data scaling'   .   ? 4 
# 
_pdbx_validate_torsion.id              1 
_pdbx_validate_torsion.PDB_model_num   1 
_pdbx_validate_torsion.auth_comp_id    LYS 
_pdbx_validate_torsion.auth_asym_id    A 
_pdbx_validate_torsion.auth_seq_id     119 
_pdbx_validate_torsion.PDB_ins_code    ? 
_pdbx_validate_torsion.label_alt_id    ? 
_pdbx_validate_torsion.phi             -167.28 
_pdbx_validate_torsion.psi             31.91 
# 
loop_
_pdbx_unobs_or_zero_occ_atoms.id 
_pdbx_unobs_or_zero_occ_atoms.PDB_model_num 
_pdbx_unobs_or_zero_occ_atoms.polymer_flag 
_pdbx_unobs_or_zero_occ_atoms.occupancy_flag 
_pdbx_unobs_or_zero_occ_atoms.auth_asym_id 
_pdbx_unobs_or_zero_occ_atoms.auth_comp_id 
_pdbx_unobs_or_zero_occ_atoms.auth_seq_id 
_pdbx_unobs_or_zero_occ_atoms.PDB_ins_code 
_pdbx_unobs_or_zero_occ_atoms.auth_atom_id 
_pdbx_unobs_or_zero_occ_atoms.label_alt_id 
_pdbx_unobs_or_zero_occ_atoms.label_asym_id 
_pdbx_unobs_or_zero_occ_atoms.label_comp_id 
_pdbx_unobs_or_zero_occ_atoms.label_seq_id 
_pdbx_unobs_or_zero_occ_atoms.label_atom_id 
1  1 Y 0 A ASN 43  ? OD1 ? A ASN 43  OD1 
2  1 Y 0 A ASN 43  ? ND2 ? A ASN 43  ND2 
3  1 Y 0 A GLN 108 ? NE2 ? A GLN 108 NE2 
4  1 Y 0 A LEU 120 ? C   ? A LEU 120 C   
5  1 Y 0 A LEU 120 ? O   ? A LEU 120 O   
6  1 N 0 A SO4 122 ? O3  ? C SO4 ?   O3  
7  1 N 1 A OXN 123 ? C26 ? D OXN 1   C26 
8  1 N 1 A OXN 123 ? O27 ? D OXN 1   O27 
9  1 N 1 A OXN 123 ? C28 ? D OXN 1   C28 
10 1 N 1 A OXN 123 ? C29 ? D OXN 1   C29 
11 1 N 1 A OXN 123 ? O30 ? D OXN 1   O30 
12 1 N 1 A OXN 123 ? C31 ? D OXN 1   C31 
13 1 N 1 A OXN 123 ? C32 ? D OXN 1   C32 
14 1 N 1 A OXN 123 ? O33 ? D OXN 1   O33 
15 1 N 1 A OXN 123 ? C34 ? D OXN 1   C34 
16 1 N 1 A OXN 123 ? C35 ? D OXN 1   C35 
17 1 N 1 A OXN 123 ? O36 ? D OXN 1   O36 
18 1 N 1 A OXN 123 ? C37 ? D OXN 1   C37 
19 1 N 1 A OXN 123 ? C38 ? D OXN 1   C38 
20 1 N 1 A OXN 123 ? O39 ? D OXN 1   O39 
21 1 N 1 A OXN 123 ? C40 ? D OXN 1   C40 
22 1 N 1 A OXN 123 ? C41 ? D OXN 1   C41 
23 1 N 1 A OXN 123 ? O42 ? D OXN 1   O42 
24 1 N 1 A OXN 123 ? C43 ? D OXN 1   C43 
25 1 N 1 A OXN 123 ? C44 ? D OXN 1   C44 
26 1 N 1 A OXN 123 ? O45 ? D OXN 1   O45 
27 1 N 0 A OXN 123 ? C25 ? D OXN ?   C25 
# 
loop_
_pdbx_unobs_or_zero_occ_residues.id 
_pdbx_unobs_or_zero_occ_residues.PDB_model_num 
_pdbx_unobs_or_zero_occ_residues.polymer_flag 
_pdbx_unobs_or_zero_occ_residues.occupancy_flag 
_pdbx_unobs_or_zero_occ_residues.auth_asym_id 
_pdbx_unobs_or_zero_occ_residues.auth_comp_id 
_pdbx_unobs_or_zero_occ_residues.auth_seq_id 
_pdbx_unobs_or_zero_occ_residues.PDB_ins_code 
_pdbx_unobs_or_zero_occ_residues.label_asym_id 
_pdbx_unobs_or_zero_occ_residues.label_comp_id 
_pdbx_unobs_or_zero_occ_residues.label_seq_id 
1 1 Y 1 A MET 1 ? A MET 1 
2 1 Y 1 A GLU 2 ? A GLU 2 
3 1 Y 1 A GLY 3 ? A GLY 3 
4 1 Y 1 A GLY 4 ? A GLY 4 
5 1 Y 1 A LYS 5 ? A LYS 5 
# 
loop_
_chem_comp_atom.comp_id 
_chem_comp_atom.atom_id 
_chem_comp_atom.type_symbol 
_chem_comp_atom.pdbx_aromatic_flag 
_chem_comp_atom.pdbx_stereo_config 
_chem_comp_atom.pdbx_ordinal 
ALA N    N N N 1   
ALA CA   C N S 2   
ALA C    C N N 3   
ALA O    O N N 4   
ALA CB   C N N 5   
ALA OXT  O N N 6   
ALA H    H N N 7   
ALA H2   H N N 8   
ALA HA   H N N 9   
ALA HB1  H N N 10  
ALA HB2  H N N 11  
ALA HB3  H N N 12  
ALA HXT  H N N 13  
ARG N    N N N 14  
ARG CA   C N S 15  
ARG C    C N N 16  
ARG O    O N N 17  
ARG CB   C N N 18  
ARG CG   C N N 19  
ARG CD   C N N 20  
ARG NE   N N N 21  
ARG CZ   C N N 22  
ARG NH1  N N N 23  
ARG NH2  N N N 24  
ARG OXT  O N N 25  
ARG H    H N N 26  
ARG H2   H N N 27  
ARG HA   H N N 28  
ARG HB2  H N N 29  
ARG HB3  H N N 30  
ARG HG2  H N N 31  
ARG HG3  H N N 32  
ARG HD2  H N N 33  
ARG HD3  H N N 34  
ARG HE   H N N 35  
ARG HH11 H N N 36  
ARG HH12 H N N 37  
ARG HH21 H N N 38  
ARG HH22 H N N 39  
ARG HXT  H N N 40  
ASN N    N N N 41  
ASN CA   C N S 42  
ASN C    C N N 43  
ASN O    O N N 44  
ASN CB   C N N 45  
ASN CG   C N N 46  
ASN OD1  O N N 47  
ASN ND2  N N N 48  
ASN OXT  O N N 49  
ASN H    H N N 50  
ASN H2   H N N 51  
ASN HA   H N N 52  
ASN HB2  H N N 53  
ASN HB3  H N N 54  
ASN HD21 H N N 55  
ASN HD22 H N N 56  
ASN HXT  H N N 57  
ASP N    N N N 58  
ASP CA   C N S 59  
ASP C    C N N 60  
ASP O    O N N 61  
ASP CB   C N N 62  
ASP CG   C N N 63  
ASP OD1  O N N 64  
ASP OD2  O N N 65  
ASP OXT  O N N 66  
ASP H    H N N 67  
ASP H2   H N N 68  
ASP HA   H N N 69  
ASP HB2  H N N 70  
ASP HB3  H N N 71  
ASP HD2  H N N 72  
ASP HXT  H N N 73  
GLN N    N N N 74  
GLN CA   C N S 75  
GLN C    C N N 76  
GLN O    O N N 77  
GLN CB   C N N 78  
GLN CG   C N N 79  
GLN CD   C N N 80  
GLN OE1  O N N 81  
GLN NE2  N N N 82  
GLN OXT  O N N 83  
GLN H    H N N 84  
GLN H2   H N N 85  
GLN HA   H N N 86  
GLN HB2  H N N 87  
GLN HB3  H N N 88  
GLN HG2  H N N 89  
GLN HG3  H N N 90  
GLN HE21 H N N 91  
GLN HE22 H N N 92  
GLN HXT  H N N 93  
GLU N    N N N 94  
GLU CA   C N S 95  
GLU C    C N N 96  
GLU O    O N N 97  
GLU CB   C N N 98  
GLU CG   C N N 99  
GLU CD   C N N 100 
GLU OE1  O N N 101 
GLU OE2  O N N 102 
GLU OXT  O N N 103 
GLU H    H N N 104 
GLU H2   H N N 105 
GLU HA   H N N 106 
GLU HB2  H N N 107 
GLU HB3  H N N 108 
GLU HG2  H N N 109 
GLU HG3  H N N 110 
GLU HE2  H N N 111 
GLU HXT  H N N 112 
GLY N    N N N 113 
GLY CA   C N N 114 
GLY C    C N N 115 
GLY O    O N N 116 
GLY OXT  O N N 117 
GLY H    H N N 118 
GLY H2   H N N 119 
GLY HA2  H N N 120 
GLY HA3  H N N 121 
GLY HXT  H N N 122 
HIS N    N N N 123 
HIS CA   C N S 124 
HIS C    C N N 125 
HIS O    O N N 126 
HIS CB   C N N 127 
HIS CG   C Y N 128 
HIS ND1  N Y N 129 
HIS CD2  C Y N 130 
HIS CE1  C Y N 131 
HIS NE2  N Y N 132 
HIS OXT  O N N 133 
HIS H    H N N 134 
HIS H2   H N N 135 
HIS HA   H N N 136 
HIS HB2  H N N 137 
HIS HB3  H N N 138 
HIS HD1  H N N 139 
HIS HD2  H N N 140 
HIS HE1  H N N 141 
HIS HE2  H N N 142 
HIS HXT  H N N 143 
HOH O    O N N 144 
HOH H1   H N N 145 
HOH H2   H N N 146 
ILE N    N N N 147 
ILE CA   C N S 148 
ILE C    C N N 149 
ILE O    O N N 150 
ILE CB   C N S 151 
ILE CG1  C N N 152 
ILE CG2  C N N 153 
ILE CD1  C N N 154 
ILE OXT  O N N 155 
ILE H    H N N 156 
ILE H2   H N N 157 
ILE HA   H N N 158 
ILE HB   H N N 159 
ILE HG12 H N N 160 
ILE HG13 H N N 161 
ILE HG21 H N N 162 
ILE HG22 H N N 163 
ILE HG23 H N N 164 
ILE HD11 H N N 165 
ILE HD12 H N N 166 
ILE HD13 H N N 167 
ILE HXT  H N N 168 
LEU N    N N N 169 
LEU CA   C N S 170 
LEU C    C N N 171 
LEU O    O N N 172 
LEU CB   C N N 173 
LEU CG   C N N 174 
LEU CD1  C N N 175 
LEU CD2  C N N 176 
LEU OXT  O N N 177 
LEU H    H N N 178 
LEU H2   H N N 179 
LEU HA   H N N 180 
LEU HB2  H N N 181 
LEU HB3  H N N 182 
LEU HG   H N N 183 
LEU HD11 H N N 184 
LEU HD12 H N N 185 
LEU HD13 H N N 186 
LEU HD21 H N N 187 
LEU HD22 H N N 188 
LEU HD23 H N N 189 
LEU HXT  H N N 190 
LYS N    N N N 191 
LYS CA   C N S 192 
LYS C    C N N 193 
LYS O    O N N 194 
LYS CB   C N N 195 
LYS CG   C N N 196 
LYS CD   C N N 197 
LYS CE   C N N 198 
LYS NZ   N N N 199 
LYS OXT  O N N 200 
LYS H    H N N 201 
LYS H2   H N N 202 
LYS HA   H N N 203 
LYS HB2  H N N 204 
LYS HB3  H N N 205 
LYS HG2  H N N 206 
LYS HG3  H N N 207 
LYS HD2  H N N 208 
LYS HD3  H N N 209 
LYS HE2  H N N 210 
LYS HE3  H N N 211 
LYS HZ1  H N N 212 
LYS HZ2  H N N 213 
LYS HZ3  H N N 214 
LYS HXT  H N N 215 
MET N    N N N 216 
MET CA   C N S 217 
MET C    C N N 218 
MET O    O N N 219 
MET CB   C N N 220 
MET CG   C N N 221 
MET SD   S N N 222 
MET CE   C N N 223 
MET OXT  O N N 224 
MET H    H N N 225 
MET H2   H N N 226 
MET HA   H N N 227 
MET HB2  H N N 228 
MET HB3  H N N 229 
MET HG2  H N N 230 
MET HG3  H N N 231 
MET HE1  H N N 232 
MET HE2  H N N 233 
MET HE3  H N N 234 
MET HXT  H N N 235 
OXN C5   C N N 236 
OXN C1   C N N 237 
OXN C3   C N N 238 
OXN C4   C N N 239 
OXN C2   C N N 240 
OXN C6   C N N 241 
OXN C9   C Y N 242 
OXN C8   C N N 243 
OXN C7   C N N 244 
OXN C10  C Y N 245 
OXN C11  C Y N 246 
OXN C12  C Y N 247 
OXN C13  C Y N 248 
OXN C14  C Y N 249 
OXN O15  O N N 250 
OXN C16  C N N 251 
OXN C17  C N N 252 
OXN O18  O N N 253 
OXN C19  C N N 254 
OXN C20  C N N 255 
OXN O21  O N N 256 
OXN C22  C N N 257 
OXN C23  C N N 258 
OXN O24  O N N 259 
OXN C25  C N N 260 
OXN C26  C N N 261 
OXN O27  O N N 262 
OXN C28  C N N 263 
OXN C29  C N N 264 
OXN O30  O N N 265 
OXN C31  C N N 266 
OXN C32  C N N 267 
OXN O33  O N N 268 
OXN C34  C N N 269 
OXN C35  C N N 270 
OXN O36  O N N 271 
OXN C37  C N N 272 
OXN C38  C N N 273 
OXN O39  O N N 274 
OXN C40  C N N 275 
OXN C41  C N N 276 
OXN O42  O N N 277 
OXN C43  C N N 278 
OXN C44  C N N 279 
OXN O45  O N N 280 
OXN H51  H N N 281 
OXN H52  H N N 282 
OXN H31  H N N 283 
OXN H32  H N N 284 
OXN H33  H N N 285 
OXN H41  H N N 286 
OXN H42  H N N 287 
OXN H43  H N N 288 
OXN H21  H N N 289 
OXN H22  H N N 290 
OXN H23  H N N 291 
OXN H81  H N N 292 
OXN H82  H N N 293 
OXN H83  H N N 294 
OXN H71  H N N 295 
OXN H72  H N N 296 
OXN H73  H N N 297 
OXN H10  H N N 298 
OXN H11  H N N 299 
OXN H13  H N N 300 
OXN H14  H N N 301 
OXN H161 H N N 302 
OXN H162 H N N 303 
OXN H171 H N N 304 
OXN H172 H N N 305 
OXN H191 H N N 306 
OXN H192 H N N 307 
OXN H201 H N N 308 
OXN H202 H N N 309 
OXN H221 H N N 310 
OXN H222 H N N 311 
OXN H231 H N N 312 
OXN H232 H N N 313 
OXN H251 H N N 314 
OXN H252 H N N 315 
OXN H261 H N N 316 
OXN H262 H N N 317 
OXN H281 H N N 318 
OXN H282 H N N 319 
OXN H291 H N N 320 
OXN H292 H N N 321 
OXN H311 H N N 322 
OXN H312 H N N 323 
OXN H321 H N N 324 
OXN H322 H N N 325 
OXN H341 H N N 326 
OXN H342 H N N 327 
OXN H351 H N N 328 
OXN H352 H N N 329 
OXN H371 H N N 330 
OXN H372 H N N 331 
OXN H381 H N N 332 
OXN H382 H N N 333 
OXN H401 H N N 334 
OXN H402 H N N 335 
OXN H411 H N N 336 
OXN H412 H N N 337 
OXN H431 H N N 338 
OXN H432 H N N 339 
OXN H441 H N N 340 
OXN H442 H N N 341 
OXN H45  H N N 342 
PHE N    N N N 343 
PHE CA   C N S 344 
PHE C    C N N 345 
PHE O    O N N 346 
PHE CB   C N N 347 
PHE CG   C Y N 348 
PHE CD1  C Y N 349 
PHE CD2  C Y N 350 
PHE CE1  C Y N 351 
PHE CE2  C Y N 352 
PHE CZ   C Y N 353 
PHE OXT  O N N 354 
PHE H    H N N 355 
PHE H2   H N N 356 
PHE HA   H N N 357 
PHE HB2  H N N 358 
PHE HB3  H N N 359 
PHE HD1  H N N 360 
PHE HD2  H N N 361 
PHE HE1  H N N 362 
PHE HE2  H N N 363 
PHE HZ   H N N 364 
PHE HXT  H N N 365 
PRO N    N N N 366 
PRO CA   C N S 367 
PRO C    C N N 368 
PRO O    O N N 369 
PRO CB   C N N 370 
PRO CG   C N N 371 
PRO CD   C N N 372 
PRO OXT  O N N 373 
PRO H    H N N 374 
PRO HA   H N N 375 
PRO HB2  H N N 376 
PRO HB3  H N N 377 
PRO HG2  H N N 378 
PRO HG3  H N N 379 
PRO HD2  H N N 380 
PRO HD3  H N N 381 
PRO HXT  H N N 382 
SER N    N N N 383 
SER CA   C N S 384 
SER C    C N N 385 
SER O    O N N 386 
SER CB   C N N 387 
SER OG   O N N 388 
SER OXT  O N N 389 
SER H    H N N 390 
SER H2   H N N 391 
SER HA   H N N 392 
SER HB2  H N N 393 
SER HB3  H N N 394 
SER HG   H N N 395 
SER HXT  H N N 396 
SO4 S    S N N 397 
SO4 O1   O N N 398 
SO4 O2   O N N 399 
SO4 O3   O N N 400 
SO4 O4   O N N 401 
THR N    N N N 402 
THR CA   C N S 403 
THR C    C N N 404 
THR O    O N N 405 
THR CB   C N R 406 
THR OG1  O N N 407 
THR CG2  C N N 408 
THR OXT  O N N 409 
THR H    H N N 410 
THR H2   H N N 411 
THR HA   H N N 412 
THR HB   H N N 413 
THR HG1  H N N 414 
THR HG21 H N N 415 
THR HG22 H N N 416 
THR HG23 H N N 417 
THR HXT  H N N 418 
TRP N    N N N 419 
TRP CA   C N S 420 
TRP C    C N N 421 
TRP O    O N N 422 
TRP CB   C N N 423 
TRP CG   C Y N 424 
TRP CD1  C Y N 425 
TRP CD2  C Y N 426 
TRP NE1  N Y N 427 
TRP CE2  C Y N 428 
TRP CE3  C Y N 429 
TRP CZ2  C Y N 430 
TRP CZ3  C Y N 431 
TRP CH2  C Y N 432 
TRP OXT  O N N 433 
TRP H    H N N 434 
TRP H2   H N N 435 
TRP HA   H N N 436 
TRP HB2  H N N 437 
TRP HB3  H N N 438 
TRP HD1  H N N 439 
TRP HE1  H N N 440 
TRP HE3  H N N 441 
TRP HZ2  H N N 442 
TRP HZ3  H N N 443 
TRP HH2  H N N 444 
TRP HXT  H N N 445 
TYR N    N N N 446 
TYR CA   C N S 447 
TYR C    C N N 448 
TYR O    O N N 449 
TYR CB   C N N 450 
TYR CG   C Y N 451 
TYR CD1  C Y N 452 
TYR CD2  C Y N 453 
TYR CE1  C Y N 454 
TYR CE2  C Y N 455 
TYR CZ   C Y N 456 
TYR OH   O N N 457 
TYR OXT  O N N 458 
TYR H    H N N 459 
TYR H2   H N N 460 
TYR HA   H N N 461 
TYR HB2  H N N 462 
TYR HB3  H N N 463 
TYR HD1  H N N 464 
TYR HD2  H N N 465 
TYR HE1  H N N 466 
TYR HE2  H N N 467 
TYR HH   H N N 468 
TYR HXT  H N N 469 
VAL N    N N N 470 
VAL CA   C N S 471 
VAL C    C N N 472 
VAL O    O N N 473 
VAL CB   C N N 474 
VAL CG1  C N N 475 
VAL CG2  C N N 476 
VAL OXT  O N N 477 
VAL H    H N N 478 
VAL H2   H N N 479 
VAL HA   H N N 480 
VAL HB   H N N 481 
VAL HG11 H N N 482 
VAL HG12 H N N 483 
VAL HG13 H N N 484 
VAL HG21 H N N 485 
VAL HG22 H N N 486 
VAL HG23 H N N 487 
VAL HXT  H N N 488 
# 
loop_
_chem_comp_bond.comp_id 
_chem_comp_bond.atom_id_1 
_chem_comp_bond.atom_id_2 
_chem_comp_bond.value_order 
_chem_comp_bond.pdbx_aromatic_flag 
_chem_comp_bond.pdbx_stereo_config 
_chem_comp_bond.pdbx_ordinal 
ALA N   CA   sing N N 1   
ALA N   H    sing N N 2   
ALA N   H2   sing N N 3   
ALA CA  C    sing N N 4   
ALA CA  CB   sing N N 5   
ALA CA  HA   sing N N 6   
ALA C   O    doub N N 7   
ALA C   OXT  sing N N 8   
ALA CB  HB1  sing N N 9   
ALA CB  HB2  sing N N 10  
ALA CB  HB3  sing N N 11  
ALA OXT HXT  sing N N 12  
ARG N   CA   sing N N 13  
ARG N   H    sing N N 14  
ARG N   H2   sing N N 15  
ARG CA  C    sing N N 16  
ARG CA  CB   sing N N 17  
ARG CA  HA   sing N N 18  
ARG C   O    doub N N 19  
ARG C   OXT  sing N N 20  
ARG CB  CG   sing N N 21  
ARG CB  HB2  sing N N 22  
ARG CB  HB3  sing N N 23  
ARG CG  CD   sing N N 24  
ARG CG  HG2  sing N N 25  
ARG CG  HG3  sing N N 26  
ARG CD  NE   sing N N 27  
ARG CD  HD2  sing N N 28  
ARG CD  HD3  sing N N 29  
ARG NE  CZ   sing N N 30  
ARG NE  HE   sing N N 31  
ARG CZ  NH1  sing N N 32  
ARG CZ  NH2  doub N N 33  
ARG NH1 HH11 sing N N 34  
ARG NH1 HH12 sing N N 35  
ARG NH2 HH21 sing N N 36  
ARG NH2 HH22 sing N N 37  
ARG OXT HXT  sing N N 38  
ASN N   CA   sing N N 39  
ASN N   H    sing N N 40  
ASN N   H2   sing N N 41  
ASN CA  C    sing N N 42  
ASN CA  CB   sing N N 43  
ASN CA  HA   sing N N 44  
ASN C   O    doub N N 45  
ASN C   OXT  sing N N 46  
ASN CB  CG   sing N N 47  
ASN CB  HB2  sing N N 48  
ASN CB  HB3  sing N N 49  
ASN CG  OD1  doub N N 50  
ASN CG  ND2  sing N N 51  
ASN ND2 HD21 sing N N 52  
ASN ND2 HD22 sing N N 53  
ASN OXT HXT  sing N N 54  
ASP N   CA   sing N N 55  
ASP N   H    sing N N 56  
ASP N   H2   sing N N 57  
ASP CA  C    sing N N 58  
ASP CA  CB   sing N N 59  
ASP CA  HA   sing N N 60  
ASP C   O    doub N N 61  
ASP C   OXT  sing N N 62  
ASP CB  CG   sing N N 63  
ASP CB  HB2  sing N N 64  
ASP CB  HB3  sing N N 65  
ASP CG  OD1  doub N N 66  
ASP CG  OD2  sing N N 67  
ASP OD2 HD2  sing N N 68  
ASP OXT HXT  sing N N 69  
GLN N   CA   sing N N 70  
GLN N   H    sing N N 71  
GLN N   H2   sing N N 72  
GLN CA  C    sing N N 73  
GLN CA  CB   sing N N 74  
GLN CA  HA   sing N N 75  
GLN C   O    doub N N 76  
GLN C   OXT  sing N N 77  
GLN CB  CG   sing N N 78  
GLN CB  HB2  sing N N 79  
GLN CB  HB3  sing N N 80  
GLN CG  CD   sing N N 81  
GLN CG  HG2  sing N N 82  
GLN CG  HG3  sing N N 83  
GLN CD  OE1  doub N N 84  
GLN CD  NE2  sing N N 85  
GLN NE2 HE21 sing N N 86  
GLN NE2 HE22 sing N N 87  
GLN OXT HXT  sing N N 88  
GLU N   CA   sing N N 89  
GLU N   H    sing N N 90  
GLU N   H2   sing N N 91  
GLU CA  C    sing N N 92  
GLU CA  CB   sing N N 93  
GLU CA  HA   sing N N 94  
GLU C   O    doub N N 95  
GLU C   OXT  sing N N 96  
GLU CB  CG   sing N N 97  
GLU CB  HB2  sing N N 98  
GLU CB  HB3  sing N N 99  
GLU CG  CD   sing N N 100 
GLU CG  HG2  sing N N 101 
GLU CG  HG3  sing N N 102 
GLU CD  OE1  doub N N 103 
GLU CD  OE2  sing N N 104 
GLU OE2 HE2  sing N N 105 
GLU OXT HXT  sing N N 106 
GLY N   CA   sing N N 107 
GLY N   H    sing N N 108 
GLY N   H2   sing N N 109 
GLY CA  C    sing N N 110 
GLY CA  HA2  sing N N 111 
GLY CA  HA3  sing N N 112 
GLY C   O    doub N N 113 
GLY C   OXT  sing N N 114 
GLY OXT HXT  sing N N 115 
HIS N   CA   sing N N 116 
HIS N   H    sing N N 117 
HIS N   H2   sing N N 118 
HIS CA  C    sing N N 119 
HIS CA  CB   sing N N 120 
HIS CA  HA   sing N N 121 
HIS C   O    doub N N 122 
HIS C   OXT  sing N N 123 
HIS CB  CG   sing N N 124 
HIS CB  HB2  sing N N 125 
HIS CB  HB3  sing N N 126 
HIS CG  ND1  sing Y N 127 
HIS CG  CD2  doub Y N 128 
HIS ND1 CE1  doub Y N 129 
HIS ND1 HD1  sing N N 130 
HIS CD2 NE2  sing Y N 131 
HIS CD2 HD2  sing N N 132 
HIS CE1 NE2  sing Y N 133 
HIS CE1 HE1  sing N N 134 
HIS NE2 HE2  sing N N 135 
HIS OXT HXT  sing N N 136 
HOH O   H1   sing N N 137 
HOH O   H2   sing N N 138 
ILE N   CA   sing N N 139 
ILE N   H    sing N N 140 
ILE N   H2   sing N N 141 
ILE CA  C    sing N N 142 
ILE CA  CB   sing N N 143 
ILE CA  HA   sing N N 144 
ILE C   O    doub N N 145 
ILE C   OXT  sing N N 146 
ILE CB  CG1  sing N N 147 
ILE CB  CG2  sing N N 148 
ILE CB  HB   sing N N 149 
ILE CG1 CD1  sing N N 150 
ILE CG1 HG12 sing N N 151 
ILE CG1 HG13 sing N N 152 
ILE CG2 HG21 sing N N 153 
ILE CG2 HG22 sing N N 154 
ILE CG2 HG23 sing N N 155 
ILE CD1 HD11 sing N N 156 
ILE CD1 HD12 sing N N 157 
ILE CD1 HD13 sing N N 158 
ILE OXT HXT  sing N N 159 
LEU N   CA   sing N N 160 
LEU N   H    sing N N 161 
LEU N   H2   sing N N 162 
LEU CA  C    sing N N 163 
LEU CA  CB   sing N N 164 
LEU CA  HA   sing N N 165 
LEU C   O    doub N N 166 
LEU C   OXT  sing N N 167 
LEU CB  CG   sing N N 168 
LEU CB  HB2  sing N N 169 
LEU CB  HB3  sing N N 170 
LEU CG  CD1  sing N N 171 
LEU CG  CD2  sing N N 172 
LEU CG  HG   sing N N 173 
LEU CD1 HD11 sing N N 174 
LEU CD1 HD12 sing N N 175 
LEU CD1 HD13 sing N N 176 
LEU CD2 HD21 sing N N 177 
LEU CD2 HD22 sing N N 178 
LEU CD2 HD23 sing N N 179 
LEU OXT HXT  sing N N 180 
LYS N   CA   sing N N 181 
LYS N   H    sing N N 182 
LYS N   H2   sing N N 183 
LYS CA  C    sing N N 184 
LYS CA  CB   sing N N 185 
LYS CA  HA   sing N N 186 
LYS C   O    doub N N 187 
LYS C   OXT  sing N N 188 
LYS CB  CG   sing N N 189 
LYS CB  HB2  sing N N 190 
LYS CB  HB3  sing N N 191 
LYS CG  CD   sing N N 192 
LYS CG  HG2  sing N N 193 
LYS CG  HG3  sing N N 194 
LYS CD  CE   sing N N 195 
LYS CD  HD2  sing N N 196 
LYS CD  HD3  sing N N 197 
LYS CE  NZ   sing N N 198 
LYS CE  HE2  sing N N 199 
LYS CE  HE3  sing N N 200 
LYS NZ  HZ1  sing N N 201 
LYS NZ  HZ2  sing N N 202 
LYS NZ  HZ3  sing N N 203 
LYS OXT HXT  sing N N 204 
MET N   CA   sing N N 205 
MET N   H    sing N N 206 
MET N   H2   sing N N 207 
MET CA  C    sing N N 208 
MET CA  CB   sing N N 209 
MET CA  HA   sing N N 210 
MET C   O    doub N N 211 
MET C   OXT  sing N N 212 
MET CB  CG   sing N N 213 
MET CB  HB2  sing N N 214 
MET CB  HB3  sing N N 215 
MET CG  SD   sing N N 216 
MET CG  HG2  sing N N 217 
MET CG  HG3  sing N N 218 
MET SD  CE   sing N N 219 
MET CE  HE1  sing N N 220 
MET CE  HE2  sing N N 221 
MET CE  HE3  sing N N 222 
MET OXT HXT  sing N N 223 
OXN C5  C1   sing N N 224 
OXN C5  C6   sing N N 225 
OXN C5  H51  sing N N 226 
OXN C5  H52  sing N N 227 
OXN C1  C3   sing N N 228 
OXN C1  C4   sing N N 229 
OXN C1  C2   sing N N 230 
OXN C3  H31  sing N N 231 
OXN C3  H32  sing N N 232 
OXN C3  H33  sing N N 233 
OXN C4  H41  sing N N 234 
OXN C4  H42  sing N N 235 
OXN C4  H43  sing N N 236 
OXN C2  H21  sing N N 237 
OXN C2  H22  sing N N 238 
OXN C2  H23  sing N N 239 
OXN C6  C9   sing N N 240 
OXN C6  C8   sing N N 241 
OXN C6  C7   sing N N 242 
OXN C9  C10  doub Y N 243 
OXN C9  C14  sing Y N 244 
OXN C8  H81  sing N N 245 
OXN C8  H82  sing N N 246 
OXN C8  H83  sing N N 247 
OXN C7  H71  sing N N 248 
OXN C7  H72  sing N N 249 
OXN C7  H73  sing N N 250 
OXN C10 C11  sing Y N 251 
OXN C10 H10  sing N N 252 
OXN C11 C12  doub Y N 253 
OXN C11 H11  sing N N 254 
OXN C12 C13  sing Y N 255 
OXN C12 O15  sing N N 256 
OXN C13 C14  doub Y N 257 
OXN C13 H13  sing N N 258 
OXN C14 H14  sing N N 259 
OXN O15 C16  sing N N 260 
OXN C16 C17  sing N N 261 
OXN C16 H161 sing N N 262 
OXN C16 H162 sing N N 263 
OXN C17 O18  sing N N 264 
OXN C17 H171 sing N N 265 
OXN C17 H172 sing N N 266 
OXN O18 C19  sing N N 267 
OXN C19 C20  sing N N 268 
OXN C19 H191 sing N N 269 
OXN C19 H192 sing N N 270 
OXN C20 O21  sing N N 271 
OXN C20 H201 sing N N 272 
OXN C20 H202 sing N N 273 
OXN O21 C22  sing N N 274 
OXN C22 C23  sing N N 275 
OXN C22 H221 sing N N 276 
OXN C22 H222 sing N N 277 
OXN C23 O24  sing N N 278 
OXN C23 H231 sing N N 279 
OXN C23 H232 sing N N 280 
OXN O24 C25  sing N N 281 
OXN C25 C26  sing N N 282 
OXN C25 H251 sing N N 283 
OXN C25 H252 sing N N 284 
OXN C26 O27  sing N N 285 
OXN C26 H261 sing N N 286 
OXN C26 H262 sing N N 287 
OXN O27 C28  sing N N 288 
OXN C28 C29  sing N N 289 
OXN C28 H281 sing N N 290 
OXN C28 H282 sing N N 291 
OXN C29 O30  sing N N 292 
OXN C29 H291 sing N N 293 
OXN C29 H292 sing N N 294 
OXN O30 C31  sing N N 295 
OXN C31 C32  sing N N 296 
OXN C31 H311 sing N N 297 
OXN C31 H312 sing N N 298 
OXN C32 O33  sing N N 299 
OXN C32 H321 sing N N 300 
OXN C32 H322 sing N N 301 
OXN O33 C34  sing N N 302 
OXN C34 C35  sing N N 303 
OXN C34 H341 sing N N 304 
OXN C34 H342 sing N N 305 
OXN C35 O36  sing N N 306 
OXN C35 H351 sing N N 307 
OXN C35 H352 sing N N 308 
OXN O36 C37  sing N N 309 
OXN C37 C38  sing N N 310 
OXN C37 H371 sing N N 311 
OXN C37 H372 sing N N 312 
OXN C38 O39  sing N N 313 
OXN C38 H381 sing N N 314 
OXN C38 H382 sing N N 315 
OXN O39 C40  sing N N 316 
OXN C40 C41  sing N N 317 
OXN C40 H401 sing N N 318 
OXN C40 H402 sing N N 319 
OXN C41 O42  sing N N 320 
OXN C41 H411 sing N N 321 
OXN C41 H412 sing N N 322 
OXN O42 C43  sing N N 323 
OXN C43 C44  sing N N 324 
OXN C43 H431 sing N N 325 
OXN C43 H432 sing N N 326 
OXN C44 O45  sing N N 327 
OXN C44 H441 sing N N 328 
OXN C44 H442 sing N N 329 
OXN O45 H45  sing N N 330 
PHE N   CA   sing N N 331 
PHE N   H    sing N N 332 
PHE N   H2   sing N N 333 
PHE CA  C    sing N N 334 
PHE CA  CB   sing N N 335 
PHE CA  HA   sing N N 336 
PHE C   O    doub N N 337 
PHE C   OXT  sing N N 338 
PHE CB  CG   sing N N 339 
PHE CB  HB2  sing N N 340 
PHE CB  HB3  sing N N 341 
PHE CG  CD1  doub Y N 342 
PHE CG  CD2  sing Y N 343 
PHE CD1 CE1  sing Y N 344 
PHE CD1 HD1  sing N N 345 
PHE CD2 CE2  doub Y N 346 
PHE CD2 HD2  sing N N 347 
PHE CE1 CZ   doub Y N 348 
PHE CE1 HE1  sing N N 349 
PHE CE2 CZ   sing Y N 350 
PHE CE2 HE2  sing N N 351 
PHE CZ  HZ   sing N N 352 
PHE OXT HXT  sing N N 353 
PRO N   CA   sing N N 354 
PRO N   CD   sing N N 355 
PRO N   H    sing N N 356 
PRO CA  C    sing N N 357 
PRO CA  CB   sing N N 358 
PRO CA  HA   sing N N 359 
PRO C   O    doub N N 360 
PRO C   OXT  sing N N 361 
PRO CB  CG   sing N N 362 
PRO CB  HB2  sing N N 363 
PRO CB  HB3  sing N N 364 
PRO CG  CD   sing N N 365 
PRO CG  HG2  sing N N 366 
PRO CG  HG3  sing N N 367 
PRO CD  HD2  sing N N 368 
PRO CD  HD3  sing N N 369 
PRO OXT HXT  sing N N 370 
SER N   CA   sing N N 371 
SER N   H    sing N N 372 
SER N   H2   sing N N 373 
SER CA  C    sing N N 374 
SER CA  CB   sing N N 375 
SER CA  HA   sing N N 376 
SER C   O    doub N N 377 
SER C   OXT  sing N N 378 
SER CB  OG   sing N N 379 
SER CB  HB2  sing N N 380 
SER CB  HB3  sing N N 381 
SER OG  HG   sing N N 382 
SER OXT HXT  sing N N 383 
SO4 S   O1   doub N N 384 
SO4 S   O2   doub N N 385 
SO4 S   O3   sing N N 386 
SO4 S   O4   sing N N 387 
THR N   CA   sing N N 388 
THR N   H    sing N N 389 
THR N   H2   sing N N 390 
THR CA  C    sing N N 391 
THR CA  CB   sing N N 392 
THR CA  HA   sing N N 393 
THR C   O    doub N N 394 
THR C   OXT  sing N N 395 
THR CB  OG1  sing N N 396 
THR CB  CG2  sing N N 397 
THR CB  HB   sing N N 398 
THR OG1 HG1  sing N N 399 
THR CG2 HG21 sing N N 400 
THR CG2 HG22 sing N N 401 
THR CG2 HG23 sing N N 402 
THR OXT HXT  sing N N 403 
TRP N   CA   sing N N 404 
TRP N   H    sing N N 405 
TRP N   H2   sing N N 406 
TRP CA  C    sing N N 407 
TRP CA  CB   sing N N 408 
TRP CA  HA   sing N N 409 
TRP C   O    doub N N 410 
TRP C   OXT  sing N N 411 
TRP CB  CG   sing N N 412 
TRP CB  HB2  sing N N 413 
TRP CB  HB3  sing N N 414 
TRP CG  CD1  doub Y N 415 
TRP CG  CD2  sing Y N 416 
TRP CD1 NE1  sing Y N 417 
TRP CD1 HD1  sing N N 418 
TRP CD2 CE2  doub Y N 419 
TRP CD2 CE3  sing Y N 420 
TRP NE1 CE2  sing Y N 421 
TRP NE1 HE1  sing N N 422 
TRP CE2 CZ2  sing Y N 423 
TRP CE3 CZ3  doub Y N 424 
TRP CE3 HE3  sing N N 425 
TRP CZ2 CH2  doub Y N 426 
TRP CZ2 HZ2  sing N N 427 
TRP CZ3 CH2  sing Y N 428 
TRP CZ3 HZ3  sing N N 429 
TRP CH2 HH2  sing N N 430 
TRP OXT HXT  sing N N 431 
TYR N   CA   sing N N 432 
TYR N   H    sing N N 433 
TYR N   H2   sing N N 434 
TYR CA  C    sing N N 435 
TYR CA  CB   sing N N 436 
TYR CA  HA   sing N N 437 
TYR C   O    doub N N 438 
TYR C   OXT  sing N N 439 
TYR CB  CG   sing N N 440 
TYR CB  HB2  sing N N 441 
TYR CB  HB3  sing N N 442 
TYR CG  CD1  doub Y N 443 
TYR CG  CD2  sing Y N 444 
TYR CD1 CE1  sing Y N 445 
TYR CD1 HD1  sing N N 446 
TYR CD2 CE2  doub Y N 447 
TYR CD2 HD2  sing N N 448 
TYR CE1 CZ   doub Y N 449 
TYR CE1 HE1  sing N N 450 
TYR CE2 CZ   sing Y N 451 
TYR CE2 HE2  sing N N 452 
TYR CZ  OH   sing N N 453 
TYR OH  HH   sing N N 454 
TYR OXT HXT  sing N N 455 
VAL N   CA   sing N N 456 
VAL N   H    sing N N 457 
VAL N   H2   sing N N 458 
VAL CA  C    sing N N 459 
VAL CA  CB   sing N N 460 
VAL CA  HA   sing N N 461 
VAL C   O    doub N N 462 
VAL C   OXT  sing N N 463 
VAL CB  CG1  sing N N 464 
VAL CB  CG2  sing N N 465 
VAL CB  HB   sing N N 466 
VAL CG1 HG11 sing N N 467 
VAL CG1 HG12 sing N N 468 
VAL CG1 HG13 sing N N 469 
VAL CG2 HG21 sing N N 470 
VAL CG2 HG22 sing N N 471 
VAL CG2 HG23 sing N N 472 
VAL OXT HXT  sing N N 473 
# 
loop_
_pdbx_entity_nonpoly.entity_id 
_pdbx_entity_nonpoly.name 
_pdbx_entity_nonpoly.comp_id 
2 'SULFATE ION' SO4 
3 OXTOXYNOL-10  OXN 
4 water         HOH 
# 
_pdbx_initial_refinement_model.id               1 
_pdbx_initial_refinement_model.entity_id_list   ? 
_pdbx_initial_refinement_model.type             'experimental model' 
_pdbx_initial_refinement_model.source_name      PDB 
_pdbx_initial_refinement_model.accession_code   1C44 
_pdbx_initial_refinement_model.details          'PDB entry 1C44' 
# 
